data_1QRQ
#
_entry.id   1QRQ
#
_cell.length_a   156.746
_cell.length_b   114.346
_cell.length_c   93.050
_cell.angle_alpha   90.00
_cell.angle_beta   90.00
_cell.angle_gamma   90.00
#
_symmetry.space_group_name_H-M   'P 21 21 2'
#
loop_
_entity.id
_entity.type
_entity.pdbx_description
1 polymer 'PROTEIN (KV BETA2 PROTEIN)'
2 non-polymer 'NADPH DIHYDRO-NICOTINAMIDE-ADENINE-DINUCLEOTIDE PHOSPHATE'
3 water water
#
_entity_poly.entity_id   1
_entity_poly.type   'polypeptide(L)'
_entity_poly.pdbx_seq_one_letter_code
;LQFYRNLGKSGLRVSCLGLGTWVTFGGQITDEMAEHLMTLAYDNGINLFDTAEVYAAGKAEVVLGNIIKKKGWRRSSLVI
TTKIFWGGKAETERGLSRKHIIEGLKASLERLQLEYVDVVFANRPDPNTPMEETVRAMTHVINQGMAMYWGTSRWSSMEI
MEAYSVARQFNLIPPICEQAEYHMFQREKVEVQLPELFHKIGVGAMTWSPLACGIVSGKYDSGIPPYSRASLKGYQWLKD
KILSEEGRRQQAKLKELQAIAERLGCTLPQLAIAWCLRNEGVSSVLLGASNAEQLMENIGAIQVLPKLSSSIVHEIDSIL
GNKPY
;
_entity_poly.pdbx_strand_id   A,B,C,D
#
loop_
_chem_comp.id
_chem_comp.type
_chem_comp.name
_chem_comp.formula
NDP non-polymer 'NADPH DIHYDRO-NICOTINAMIDE-ADENINE-DINUCLEOTIDE PHOSPHATE' 'C21 H30 N7 O17 P3'
#
# COMPACT_ATOMS: atom_id res chain seq x y z
N LEU A 1 15.80 -10.16 37.53
CA LEU A 1 15.85 -10.57 36.09
C LEU A 1 14.49 -10.76 35.43
N GLN A 2 14.42 -10.32 34.18
CA GLN A 2 13.22 -10.44 33.36
C GLN A 2 13.63 -11.31 32.17
N PHE A 3 13.09 -12.51 32.09
CA PHE A 3 13.45 -13.41 30.98
C PHE A 3 13.07 -12.80 29.63
N TYR A 4 11.87 -12.25 29.55
CA TYR A 4 11.42 -11.61 28.32
C TYR A 4 11.44 -10.11 28.52
N ARG A 5 11.93 -9.40 27.51
CA ARG A 5 11.98 -7.95 27.58
C ARG A 5 11.72 -7.36 26.22
N ASN A 6 11.47 -6.05 26.18
CA ASN A 6 11.22 -5.40 24.91
C ASN A 6 12.51 -5.16 24.17
N LEU A 7 12.44 -5.32 22.85
CA LEU A 7 13.59 -5.09 22.01
C LEU A 7 13.56 -3.58 21.82
N GLY A 8 14.45 -2.89 22.53
CA GLY A 8 14.44 -1.44 22.44
C GLY A 8 13.13 -0.99 23.03
N LYS A 9 12.55 0.08 22.50
CA LYS A 9 11.26 0.52 23.04
C LYS A 9 10.11 0.06 22.18
N SER A 10 10.35 -0.96 21.35
CA SER A 10 9.26 -1.46 20.49
C SER A 10 8.35 -2.37 21.29
N GLY A 11 7.31 -2.89 20.64
CA GLY A 11 6.38 -3.77 21.32
C GLY A 11 6.76 -5.23 21.19
N LEU A 12 7.85 -5.49 20.46
CA LEU A 12 8.32 -6.86 20.25
C LEU A 12 9.06 -7.43 21.47
N ARG A 13 8.44 -8.41 22.11
CA ARG A 13 9.04 -9.05 23.28
C ARG A 13 9.94 -10.23 22.90
N VAL A 14 11.20 -10.18 23.33
CA VAL A 14 12.16 -11.24 23.05
C VAL A 14 12.74 -11.84 24.32
N SER A 15 13.24 -13.07 24.21
CA SER A 15 13.88 -13.74 25.34
C SER A 15 15.27 -13.12 25.48
N CYS A 16 15.76 -12.99 26.72
CA CYS A 16 17.07 -12.37 26.96
C CYS A 16 18.18 -13.12 26.25
N LEU A 17 17.89 -14.35 25.85
CA LEU A 17 18.85 -15.15 25.11
C LEU A 17 18.21 -15.61 23.82
N GLY A 18 19.00 -15.60 22.76
CA GLY A 18 18.51 -16.04 21.47
C GLY A 18 19.55 -16.99 20.90
N LEU A 19 19.17 -17.76 19.89
CA LEU A 19 20.10 -18.69 19.27
C LEU A 19 20.37 -18.21 17.85
N GLY A 20 21.64 -18.01 17.52
CA GLY A 20 21.99 -17.58 16.19
C GLY A 20 22.25 -18.77 15.29
N THR A 21 22.63 -18.54 14.04
CA THR A 21 22.86 -19.64 13.11
C THR A 21 24.11 -19.46 12.25
N TRP A 22 24.98 -18.53 12.66
CA TRP A 22 26.21 -18.27 11.94
C TRP A 22 27.23 -19.39 12.14
N VAL A 23 27.87 -19.78 11.03
CA VAL A 23 28.90 -20.82 11.07
C VAL A 23 28.34 -22.22 11.37
N THR A 24 27.20 -22.27 12.03
CA THR A 24 26.57 -23.51 12.43
C THR A 24 25.59 -24.18 11.45
N PHE A 25 24.37 -23.67 11.39
CA PHE A 25 23.35 -24.22 10.50
C PHE A 25 23.79 -24.25 9.04
N GLY A 26 23.62 -25.41 8.40
CA GLY A 26 24.00 -25.58 7.01
C GLY A 26 25.50 -25.54 6.79
N GLY A 27 26.25 -25.68 7.87
CA GLY A 27 27.70 -25.66 7.76
C GLY A 27 28.40 -26.59 8.73
N GLN A 28 28.99 -26.03 9.78
CA GLN A 28 29.70 -26.79 10.78
C GLN A 28 28.96 -27.97 11.40
N ILE A 29 27.71 -27.80 11.81
CA ILE A 29 26.96 -28.90 12.41
C ILE A 29 25.98 -29.53 11.44
N THR A 30 25.44 -30.69 11.81
CA THR A 30 24.50 -31.38 10.92
C THR A 30 23.10 -30.87 11.17
N ASP A 31 22.23 -31.08 10.19
CA ASP A 31 20.84 -30.68 10.27
C ASP A 31 20.17 -31.32 11.48
N GLU A 32 20.62 -32.53 11.83
CA GLU A 32 20.04 -33.23 12.98
C GLU A 32 20.41 -32.48 14.24
N MET A 33 21.67 -32.04 14.30
CA MET A 33 22.16 -31.29 15.44
C MET A 33 21.37 -29.99 15.57
N ALA A 34 21.26 -29.28 14.43
CA ALA A 34 20.53 -28.03 14.39
C ALA A 34 19.11 -28.18 14.93
N GLU A 35 18.39 -29.17 14.43
CA GLU A 35 17.02 -29.38 14.89
C GLU A 35 16.98 -29.63 16.39
N HIS A 36 18.04 -30.26 16.90
CA HIS A 36 18.12 -30.57 18.32
C HIS A 36 18.41 -29.30 19.12
N LEU A 37 19.32 -28.48 18.60
CA LEU A 37 19.66 -27.24 19.27
C LEU A 37 18.49 -26.25 19.33
N MET A 38 17.72 -26.14 18.24
CA MET A 38 16.61 -25.21 18.26
C MET A 38 15.48 -25.70 19.13
N THR A 39 15.24 -27.00 19.11
CA THR A 39 14.18 -27.56 19.96
C THR A 39 14.51 -27.30 21.41
N LEU A 40 15.77 -27.50 21.78
CA LEU A 40 16.16 -27.26 23.16
C LEU A 40 15.91 -25.81 23.50
N ALA A 41 16.41 -24.92 22.64
CA ALA A 41 16.25 -23.49 22.84
C ALA A 41 14.77 -23.12 22.97
N TYR A 42 13.97 -23.58 22.01
CA TYR A 42 12.55 -23.27 22.02
C TYR A 42 11.88 -23.78 23.28
N ASP A 43 12.09 -25.06 23.60
CA ASP A 43 11.49 -25.64 24.79
C ASP A 43 11.95 -24.98 26.08
N ASN A 44 13.05 -24.25 26.01
CA ASN A 44 13.56 -23.56 27.19
C ASN A 44 13.15 -22.09 27.26
N GLY A 45 12.22 -21.68 26.40
CA GLY A 45 11.75 -20.32 26.41
C GLY A 45 12.34 -19.34 25.41
N ILE A 46 13.39 -19.76 24.70
CA ILE A 46 13.99 -18.87 23.73
C ILE A 46 13.10 -18.77 22.50
N ASN A 47 12.78 -17.55 22.10
CA ASN A 47 11.91 -17.32 20.95
C ASN A 47 12.63 -16.51 19.86
N LEU A 48 13.87 -16.14 20.13
CA LEU A 48 14.65 -15.34 19.18
C LEU A 48 15.68 -16.16 18.42
N PHE A 49 15.55 -16.19 17.10
CA PHE A 49 16.49 -16.93 16.26
C PHE A 49 16.96 -16.05 15.10
N ASP A 50 18.27 -15.80 15.08
CA ASP A 50 18.90 -14.94 14.08
C ASP A 50 19.64 -15.69 12.97
N THR A 51 19.55 -15.18 11.75
CA THR A 51 20.23 -15.78 10.62
C THR A 51 20.59 -14.66 9.63
N ALA A 52 21.09 -15.03 8.45
CA ALA A 52 21.48 -14.04 7.46
C ALA A 52 21.52 -14.68 6.09
N GLU A 53 21.29 -13.90 5.04
CA GLU A 53 21.30 -14.43 3.68
C GLU A 53 22.70 -14.91 3.30
N VAL A 54 23.71 -14.38 3.97
CA VAL A 54 25.09 -14.74 3.66
C VAL A 54 25.55 -16.04 4.36
N TYR A 55 24.98 -16.36 5.51
CA TYR A 55 25.37 -17.57 6.24
C TYR A 55 25.25 -18.84 5.39
N ALA A 56 26.38 -19.51 5.21
CA ALA A 56 26.46 -20.75 4.43
C ALA A 56 25.73 -20.62 3.11
N ALA A 57 25.87 -19.47 2.48
CA ALA A 57 25.23 -19.21 1.19
C ALA A 57 23.75 -19.58 1.18
N GLY A 58 23.01 -19.14 2.18
CA GLY A 58 21.59 -19.40 2.23
C GLY A 58 21.17 -20.71 2.88
N LYS A 59 22.12 -21.63 3.02
CA LYS A 59 21.81 -22.92 3.63
C LYS A 59 21.33 -22.79 5.07
N ALA A 60 21.95 -21.88 5.83
CA ALA A 60 21.54 -21.66 7.21
C ALA A 60 20.04 -21.35 7.25
N GLU A 61 19.61 -20.47 6.37
CA GLU A 61 18.20 -20.10 6.30
C GLU A 61 17.32 -21.30 5.95
N VAL A 62 17.77 -22.10 4.99
CA VAL A 62 17.00 -23.28 4.60
C VAL A 62 16.83 -24.25 5.77
N VAL A 63 17.93 -24.53 6.46
CA VAL A 63 17.86 -25.44 7.59
C VAL A 63 16.89 -24.91 8.63
N LEU A 64 17.10 -23.65 9.01
CA LEU A 64 16.26 -22.97 9.99
C LEU A 64 14.78 -23.13 9.57
N GLY A 65 14.51 -22.85 8.30
CA GLY A 65 13.16 -22.96 7.79
C GLY A 65 12.61 -24.37 7.88
N ASN A 66 13.45 -25.36 7.58
CA ASN A 66 13.03 -26.75 7.63
C ASN A 66 12.69 -27.18 9.04
N ILE A 67 13.52 -26.76 10.00
CA ILE A 67 13.26 -27.13 11.38
C ILE A 67 11.90 -26.56 11.78
N ILE A 68 11.64 -25.31 11.41
CA ILE A 68 10.38 -24.66 11.75
C ILE A 68 9.16 -25.38 11.20
N LYS A 69 9.19 -25.78 9.93
CA LYS A 69 8.05 -26.49 9.36
C LYS A 69 7.93 -27.89 9.97
N LYS A 70 9.06 -28.55 10.14
CA LYS A 70 9.06 -29.90 10.71
C LYS A 70 8.49 -29.94 12.12
N LYS A 71 8.95 -29.04 12.98
CA LYS A 71 8.48 -29.00 14.36
C LYS A 71 7.04 -28.53 14.48
N GLY A 72 6.60 -27.68 13.54
CA GLY A 72 5.24 -27.17 13.56
C GLY A 72 4.91 -26.10 14.58
N TRP A 73 5.93 -25.47 15.17
CA TRP A 73 5.70 -24.41 16.15
C TRP A 73 4.90 -23.28 15.51
N ARG A 74 3.99 -22.67 16.26
CA ARG A 74 3.20 -21.54 15.74
C ARG A 74 4.08 -20.33 15.40
N ARG A 75 3.89 -19.78 14.20
CA ARG A 75 4.67 -18.63 13.74
C ARG A 75 4.60 -17.48 14.74
N SER A 76 3.45 -17.35 15.39
CA SER A 76 3.24 -16.29 16.37
C SER A 76 3.99 -16.51 17.69
N SER A 77 4.71 -17.61 17.82
CA SER A 77 5.45 -17.87 19.06
C SER A 77 6.93 -17.72 18.80
N LEU A 78 7.28 -17.42 17.55
CA LEU A 78 8.67 -17.27 17.17
C LEU A 78 9.00 -15.84 16.75
N VAL A 79 10.26 -15.48 16.93
CA VAL A 79 10.76 -14.17 16.55
C VAL A 79 11.96 -14.47 15.66
N ILE A 80 11.73 -14.48 14.35
CA ILE A 80 12.78 -14.78 13.39
C ILE A 80 13.39 -13.49 12.84
N THR A 81 14.71 -13.47 12.75
CA THR A 81 15.38 -12.28 12.23
C THR A 81 16.48 -12.70 11.26
N THR A 82 16.66 -11.93 10.20
CA THR A 82 17.71 -12.23 9.23
C THR A 82 18.36 -10.93 8.77
N LYS A 83 19.63 -11.01 8.37
CA LYS A 83 20.32 -9.83 7.89
C LYS A 83 20.53 -9.83 6.39
N ILE A 84 20.53 -8.64 5.80
CA ILE A 84 20.69 -8.49 4.38
C ILE A 84 21.85 -7.58 4.02
N PHE A 85 22.60 -7.96 2.99
CA PHE A 85 23.72 -7.18 2.47
C PHE A 85 24.48 -7.93 1.38
N TRP A 86 24.97 -9.12 1.71
CA TRP A 86 25.73 -9.96 0.78
C TRP A 86 24.81 -11.08 0.31
N GLY A 87 24.31 -10.97 -0.92
CA GLY A 87 23.42 -12.00 -1.42
C GLY A 87 23.78 -12.57 -2.77
N GLY A 88 25.04 -12.50 -3.16
CA GLY A 88 25.43 -13.04 -4.45
C GLY A 88 26.65 -12.36 -5.02
N LYS A 89 27.24 -12.99 -6.03
CA LYS A 89 28.45 -12.47 -6.66
C LYS A 89 28.19 -11.38 -7.69
N ALA A 90 26.94 -11.24 -8.15
CA ALA A 90 26.61 -10.20 -9.12
C ALA A 90 26.71 -8.82 -8.46
N GLU A 91 27.08 -7.81 -9.23
CA GLU A 91 27.22 -6.45 -8.71
C GLU A 91 26.01 -5.97 -7.92
N THR A 92 24.83 -6.17 -8.48
CA THR A 92 23.61 -5.72 -7.83
C THR A 92 23.06 -6.69 -6.79
N GLU A 93 23.85 -7.69 -6.43
CA GLU A 93 23.40 -8.66 -5.44
C GLU A 93 23.94 -8.40 -4.03
N ARG A 94 24.43 -7.19 -3.81
CA ARG A 94 24.94 -6.81 -2.50
C ARG A 94 24.63 -5.34 -2.22
N GLY A 95 24.57 -4.97 -0.94
CA GLY A 95 24.30 -3.59 -0.60
C GLY A 95 22.95 -3.34 0.07
N LEU A 96 22.58 -2.07 0.19
CA LEU A 96 21.32 -1.70 0.82
C LEU A 96 20.43 -0.88 -0.10
N SER A 97 20.57 -1.13 -1.40
CA SER A 97 19.76 -0.44 -2.39
C SER A 97 18.37 -1.04 -2.31
N ARG A 98 17.37 -0.29 -2.75
CA ARG A 98 16.01 -0.79 -2.72
C ARG A 98 15.98 -2.14 -3.43
N LYS A 99 16.66 -2.20 -4.58
CA LYS A 99 16.71 -3.43 -5.36
C LYS A 99 17.17 -4.63 -4.56
N HIS A 100 18.31 -4.53 -3.88
CA HIS A 100 18.75 -5.69 -3.14
C HIS A 100 17.98 -5.97 -1.87
N ILE A 101 17.48 -4.94 -1.20
CA ILE A 101 16.72 -5.19 0.01
C ILE A 101 15.46 -5.97 -0.36
N ILE A 102 14.78 -5.56 -1.43
CA ILE A 102 13.58 -6.28 -1.85
C ILE A 102 13.95 -7.70 -2.27
N GLU A 103 14.81 -7.81 -3.28
CA GLU A 103 15.22 -9.12 -3.80
C GLU A 103 15.88 -10.01 -2.76
N GLY A 104 16.72 -9.41 -1.92
CA GLY A 104 17.41 -10.17 -0.89
C GLY A 104 16.49 -10.77 0.15
N LEU A 105 15.61 -9.95 0.72
CA LEU A 105 14.69 -10.42 1.74
C LEU A 105 13.71 -11.40 1.14
N LYS A 106 13.33 -11.15 -0.11
CA LYS A 106 12.38 -12.03 -0.76
C LYS A 106 13.01 -13.43 -0.89
N ALA A 107 14.29 -13.45 -1.24
CA ALA A 107 15.02 -14.70 -1.39
C ALA A 107 15.15 -15.41 -0.04
N SER A 108 15.57 -14.68 0.99
CA SER A 108 15.70 -15.28 2.31
C SER A 108 14.37 -15.88 2.73
N LEU A 109 13.28 -15.16 2.46
CA LEU A 109 11.97 -15.64 2.85
C LEU A 109 11.63 -16.95 2.14
N GLU A 110 12.01 -17.04 0.86
CA GLU A 110 11.75 -18.26 0.12
C GLU A 110 12.54 -19.39 0.75
N ARG A 111 13.83 -19.17 1.00
CA ARG A 111 14.66 -20.20 1.62
C ARG A 111 14.13 -20.56 3.01
N LEU A 112 13.71 -19.56 3.78
CA LEU A 112 13.18 -19.78 5.13
C LEU A 112 11.79 -20.39 5.10
N GLN A 113 11.14 -20.31 3.94
CA GLN A 113 9.78 -20.81 3.76
C GLN A 113 8.85 -20.04 4.71
N LEU A 114 9.02 -18.72 4.74
CA LEU A 114 8.22 -17.86 5.59
C LEU A 114 7.68 -16.68 4.82
N GLU A 115 6.52 -16.19 5.24
CA GLU A 115 5.93 -15.03 4.60
C GLU A 115 6.67 -13.76 5.01
N TYR A 116 7.22 -13.79 6.23
CA TYR A 116 7.91 -12.62 6.76
C TYR A 116 8.82 -12.94 7.92
N VAL A 117 9.74 -12.04 8.21
CA VAL A 117 10.61 -12.20 9.37
C VAL A 117 10.14 -11.13 10.34
N ASP A 118 10.45 -11.30 11.62
CA ASP A 118 10.03 -10.32 12.60
C ASP A 118 10.89 -9.08 12.47
N VAL A 119 12.18 -9.27 12.28
CA VAL A 119 13.07 -8.14 12.10
C VAL A 119 14.06 -8.41 10.99
N VAL A 120 14.19 -7.46 10.07
CA VAL A 120 15.15 -7.60 8.98
C VAL A 120 16.23 -6.57 9.28
N PHE A 121 17.49 -7.02 9.34
CA PHE A 121 18.56 -6.08 9.62
C PHE A 121 19.40 -5.79 8.42
N ALA A 122 20.09 -4.65 8.45
CA ALA A 122 21.01 -4.27 7.41
C ALA A 122 22.24 -4.89 8.04
N ASN A 123 22.87 -5.85 7.38
CA ASN A 123 24.01 -6.51 7.98
C ASN A 123 25.18 -5.58 8.24
N ARG A 124 25.20 -4.45 7.54
CA ARG A 124 26.26 -3.44 7.68
C ARG A 124 25.91 -2.19 6.88
N PRO A 125 26.68 -1.10 7.08
CA PRO A 125 26.44 0.16 6.37
C PRO A 125 26.75 0.06 4.90
N ASP A 126 26.06 0.88 4.10
CA ASP A 126 26.29 0.90 2.67
C ASP A 126 26.71 2.31 2.26
N PRO A 127 27.96 2.47 1.83
CA PRO A 127 28.49 3.76 1.42
C PRO A 127 27.89 4.21 0.09
N ASN A 128 27.56 3.24 -0.77
CA ASN A 128 27.02 3.54 -2.09
C ASN A 128 25.52 3.75 -2.16
N THR A 129 24.82 3.73 -1.03
CA THR A 129 23.38 3.93 -1.09
C THR A 129 22.89 5.01 -0.16
N PRO A 130 22.11 5.97 -0.68
CA PRO A 130 21.57 7.07 0.11
C PRO A 130 20.69 6.49 1.21
N MET A 131 20.76 7.08 2.40
CA MET A 131 19.98 6.63 3.55
C MET A 131 18.47 6.63 3.22
N GLU A 132 18.02 7.62 2.46
CA GLU A 132 16.61 7.72 2.13
C GLU A 132 16.13 6.48 1.38
N GLU A 133 16.91 6.06 0.38
CA GLU A 133 16.54 4.90 -0.41
C GLU A 133 16.40 3.67 0.47
N THR A 134 17.36 3.52 1.38
CA THR A 134 17.39 2.38 2.29
C THR A 134 16.21 2.41 3.24
N VAL A 135 15.96 3.56 3.87
CA VAL A 135 14.86 3.63 4.81
C VAL A 135 13.51 3.42 4.11
N ARG A 136 13.36 3.92 2.88
CA ARG A 136 12.10 3.71 2.16
C ARG A 136 11.94 2.22 1.89
N ALA A 137 13.02 1.62 1.41
CA ALA A 137 13.02 0.20 1.10
C ALA A 137 12.62 -0.59 2.34
N MET A 138 13.26 -0.33 3.48
CA MET A 138 12.92 -1.04 4.72
C MET A 138 11.45 -0.78 5.06
N THR A 139 11.03 0.47 4.95
CA THR A 139 9.65 0.81 5.23
C THR A 139 8.73 0.04 4.28
N HIS A 140 9.16 -0.07 3.03
CA HIS A 140 8.39 -0.76 2.01
C HIS A 140 8.15 -2.24 2.33
N VAL A 141 9.20 -2.98 2.63
CA VAL A 141 9.04 -4.39 2.92
C VAL A 141 8.17 -4.61 4.16
N ILE A 142 8.20 -3.66 5.09
CA ILE A 142 7.38 -3.78 6.29
C ILE A 142 5.92 -3.59 5.90
N ASN A 143 5.64 -2.59 5.06
CA ASN A 143 4.27 -2.35 4.62
C ASN A 143 3.76 -3.46 3.73
N GLN A 144 4.68 -4.17 3.08
CA GLN A 144 4.31 -5.28 2.22
C GLN A 144 4.17 -6.57 3.04
N GLY A 145 4.30 -6.46 4.36
CA GLY A 145 4.19 -7.63 5.21
C GLY A 145 5.32 -8.66 5.07
N MET A 146 6.46 -8.23 4.56
CA MET A 146 7.60 -9.14 4.41
C MET A 146 8.41 -9.12 5.70
N ALA A 147 8.18 -8.11 6.53
CA ALA A 147 8.88 -7.99 7.80
C ALA A 147 8.03 -7.15 8.74
N MET A 148 8.22 -7.34 10.05
CA MET A 148 7.46 -6.60 11.05
C MET A 148 8.22 -5.35 11.50
N TYR A 149 9.54 -5.44 11.55
CA TYR A 149 10.36 -4.30 11.98
C TYR A 149 11.70 -4.44 11.26
N TRP A 150 12.53 -3.42 11.34
CA TRP A 150 13.85 -3.53 10.75
C TRP A 150 14.89 -2.94 11.71
N GLY A 151 16.13 -3.41 11.56
CA GLY A 151 17.19 -2.94 12.41
C GLY A 151 18.50 -2.76 11.65
N THR A 152 19.51 -2.28 12.35
CA THR A 152 20.80 -2.04 11.76
C THR A 152 21.84 -2.90 12.45
N SER A 153 23.02 -3.01 11.87
CA SER A 153 24.11 -3.80 12.45
C SER A 153 25.45 -3.26 11.96
N ARG A 154 26.36 -3.00 12.89
CA ARG A 154 27.67 -2.45 12.56
C ARG A 154 27.55 -1.03 12.02
N TRP A 155 26.49 -0.33 12.42
CA TRP A 155 26.28 1.06 11.99
C TRP A 155 26.78 1.95 13.12
N SER A 156 27.23 3.16 12.79
CA SER A 156 27.68 4.06 13.83
C SER A 156 26.45 4.77 14.44
N SER A 157 26.59 5.31 15.64
CA SER A 157 25.49 6.05 16.27
C SER A 157 24.94 7.09 15.30
N MET A 158 25.86 7.83 14.68
CA MET A 158 25.45 8.86 13.74
C MET A 158 24.64 8.28 12.59
N GLU A 159 25.10 7.16 12.04
CA GLU A 159 24.38 6.54 10.93
C GLU A 159 22.97 6.13 11.33
N ILE A 160 22.84 5.54 12.52
CA ILE A 160 21.54 5.13 13.01
C ILE A 160 20.66 6.38 13.16
N MET A 161 21.23 7.45 13.71
CA MET A 161 20.50 8.70 13.88
C MET A 161 20.08 9.23 12.51
N GLU A 162 20.95 9.11 11.52
CA GLU A 162 20.62 9.56 10.17
C GLU A 162 19.40 8.80 9.63
N ALA A 163 19.31 7.51 9.95
CA ALA A 163 18.20 6.69 9.51
C ALA A 163 16.94 7.26 10.15
N TYR A 164 17.03 7.52 11.46
CA TYR A 164 15.92 8.07 12.21
C TYR A 164 15.52 9.42 11.60
N SER A 165 16.51 10.25 11.30
CA SER A 165 16.23 11.56 10.71
C SER A 165 15.43 11.39 9.43
N VAL A 166 15.92 10.53 8.55
CA VAL A 166 15.23 10.27 7.30
C VAL A 166 13.79 9.83 7.55
N ALA A 167 13.61 8.88 8.46
CA ALA A 167 12.27 8.38 8.74
C ALA A 167 11.32 9.48 9.20
N ARG A 168 11.76 10.31 10.13
CA ARG A 168 10.89 11.38 10.61
C ARG A 168 10.65 12.47 9.57
N GLN A 169 11.63 12.75 8.72
CA GLN A 169 11.43 13.79 7.71
C GLN A 169 10.47 13.38 6.61
N PHE A 170 10.49 12.11 6.21
CA PHE A 170 9.61 11.64 5.15
C PHE A 170 8.49 10.75 5.67
N ASN A 171 8.42 10.65 7.00
CA ASN A 171 7.38 9.86 7.63
C ASN A 171 7.49 8.39 7.24
N LEU A 172 8.69 7.84 7.42
CA LEU A 172 8.94 6.43 7.14
C LEU A 172 9.11 5.77 8.50
N ILE A 173 9.42 4.49 8.53
CA ILE A 173 9.58 3.80 9.80
C ILE A 173 11.03 3.73 10.28
N PRO A 174 11.29 4.23 11.49
CA PRO A 174 12.63 4.22 12.08
C PRO A 174 13.09 2.80 12.42
N PRO A 175 14.41 2.61 12.61
CA PRO A 175 14.95 1.29 12.94
C PRO A 175 14.64 1.07 14.43
N ILE A 176 14.42 -0.17 14.85
CA ILE A 176 14.13 -0.40 16.27
C ILE A 176 15.31 -1.03 17.00
N CYS A 177 16.31 -1.46 16.26
CA CYS A 177 17.41 -2.15 16.92
C CYS A 177 18.72 -2.20 16.18
N GLU A 178 19.80 -2.36 16.94
CA GLU A 178 21.16 -2.46 16.41
C GLU A 178 21.81 -3.73 16.95
N GLN A 179 22.33 -4.55 16.03
CA GLN A 179 22.97 -5.80 16.39
C GLN A 179 24.46 -5.53 16.50
N ALA A 180 24.92 -5.41 17.75
CA ALA A 180 26.31 -5.12 18.00
C ALA A 180 27.09 -6.23 18.70
N GLU A 181 28.38 -6.28 18.43
CA GLU A 181 29.24 -7.26 19.07
C GLU A 181 29.39 -6.86 20.53
N TYR A 182 29.36 -7.84 21.44
CA TYR A 182 29.49 -7.53 22.85
C TYR A 182 30.00 -8.70 23.71
N HIS A 183 31.15 -8.50 24.31
CA HIS A 183 31.75 -9.49 25.20
C HIS A 183 32.80 -8.76 26.02
N MET A 184 33.33 -9.42 27.04
CA MET A 184 34.32 -8.79 27.91
C MET A 184 35.48 -8.07 27.23
N PHE A 185 35.73 -8.35 25.95
CA PHE A 185 36.81 -7.67 25.26
C PHE A 185 36.36 -6.73 24.15
N GLN A 186 35.06 -6.41 24.14
CA GLN A 186 34.48 -5.51 23.14
C GLN A 186 33.32 -4.88 23.91
N ARG A 187 33.56 -3.69 24.49
CA ARG A 187 32.55 -3.05 25.34
C ARG A 187 32.08 -1.64 25.03
N GLU A 188 32.99 -0.80 24.55
CA GLU A 188 32.70 0.60 24.27
C GLU A 188 31.33 0.92 23.63
N LYS A 189 31.07 0.37 22.45
CA LYS A 189 29.82 0.66 21.76
C LYS A 189 28.54 0.37 22.53
N VAL A 190 28.43 -0.85 23.05
CA VAL A 190 27.23 -1.23 23.78
C VAL A 190 27.07 -0.54 25.13
N GLU A 191 28.18 -0.31 25.81
CA GLU A 191 28.12 0.32 27.13
C GLU A 191 28.04 1.82 27.14
N VAL A 192 28.62 2.48 26.14
CA VAL A 192 28.60 3.92 26.08
C VAL A 192 27.71 4.56 25.03
N GLN A 193 27.77 4.06 23.80
CA GLN A 193 26.97 4.62 22.71
C GLN A 193 25.52 4.17 22.61
N LEU A 194 25.29 2.86 22.63
CA LEU A 194 23.92 2.36 22.51
C LEU A 194 22.91 2.91 23.50
N PRO A 195 23.29 3.06 24.77
CA PRO A 195 22.30 3.59 25.72
C PRO A 195 21.80 4.96 25.28
N GLU A 196 22.71 5.75 24.71
CA GLU A 196 22.42 7.08 24.21
C GLU A 196 21.29 7.01 23.18
N LEU A 197 21.41 6.09 22.22
CA LEU A 197 20.38 5.94 21.19
C LEU A 197 19.08 5.39 21.76
N PHE A 198 19.18 4.58 22.81
CA PHE A 198 17.98 4.03 23.42
C PHE A 198 17.12 5.17 24.01
N HIS A 199 17.74 6.03 24.79
CA HIS A 199 17.03 7.13 25.40
C HIS A 199 16.57 8.17 24.39
N LYS A 200 17.43 8.53 23.45
CA LYS A 200 17.06 9.51 22.44
C LYS A 200 16.03 9.02 21.42
N ILE A 201 16.25 7.84 20.83
CA ILE A 201 15.30 7.36 19.83
C ILE A 201 14.78 5.94 19.99
N GLY A 202 14.82 5.42 21.21
CA GLY A 202 14.28 4.10 21.49
C GLY A 202 14.91 2.88 20.84
N VAL A 203 16.10 3.04 20.27
CA VAL A 203 16.79 1.92 19.63
C VAL A 203 17.32 0.92 20.66
N GLY A 204 16.97 -0.35 20.49
CA GLY A 204 17.43 -1.37 21.40
C GLY A 204 18.71 -2.05 20.94
N ALA A 205 19.35 -2.78 21.85
CA ALA A 205 20.57 -3.48 21.53
C ALA A 205 20.45 -5.00 21.61
N MET A 206 20.81 -5.67 20.51
CA MET A 206 20.80 -7.12 20.45
C MET A 206 22.28 -7.38 20.20
N THR A 207 22.92 -8.07 21.13
CA THR A 207 24.34 -8.34 21.03
C THR A 207 24.66 -9.74 20.50
N TRP A 208 25.88 -9.88 19.96
CA TRP A 208 26.33 -11.15 19.42
C TRP A 208 27.74 -11.46 19.91
N SER A 209 28.19 -12.68 19.65
CA SER A 209 29.52 -13.18 20.04
C SER A 209 29.84 -12.93 21.51
N PRO A 210 28.99 -13.45 22.39
CA PRO A 210 29.14 -13.31 23.84
C PRO A 210 30.47 -13.89 24.31
N LEU A 211 30.97 -14.87 23.58
CA LEU A 211 32.22 -15.55 23.92
C LEU A 211 33.35 -15.22 22.94
N ALA A 212 33.20 -14.16 22.17
CA ALA A 212 34.22 -13.78 21.20
C ALA A 212 34.56 -14.96 20.28
N CYS A 213 33.52 -15.57 19.72
CA CYS A 213 33.67 -16.72 18.82
C CYS A 213 34.17 -17.98 19.51
N GLY A 214 34.22 -17.95 20.85
CA GLY A 214 34.67 -19.13 21.58
C GLY A 214 35.90 -18.83 22.43
N ILE A 215 36.59 -17.74 22.08
CA ILE A 215 37.79 -17.33 22.81
C ILE A 215 37.55 -17.13 24.31
N VAL A 216 36.38 -16.66 24.67
CA VAL A 216 36.09 -16.40 26.08
C VAL A 216 35.72 -17.63 26.90
N SER A 217 35.50 -18.76 26.25
CA SER A 217 35.16 -19.98 26.98
C SER A 217 36.45 -20.57 27.52
N GLY A 218 37.56 -20.02 27.05
CA GLY A 218 38.86 -20.49 27.47
C GLY A 218 39.26 -21.78 26.76
N LYS A 219 38.42 -22.25 25.84
CA LYS A 219 38.69 -23.51 25.13
C LYS A 219 40.04 -23.55 24.43
N TYR A 220 40.79 -22.45 24.50
CA TYR A 220 42.11 -22.39 23.89
C TYR A 220 43.18 -22.30 24.98
N ASP A 221 42.89 -22.96 26.11
CA ASP A 221 43.77 -23.02 27.29
C ASP A 221 43.06 -23.68 28.49
N SER A 222 41.90 -23.14 28.89
CA SER A 222 41.10 -23.65 30.02
C SER A 222 39.61 -23.71 29.65
N GLY A 223 39.32 -24.20 28.45
CA GLY A 223 37.94 -24.27 27.97
C GLY A 223 36.99 -25.40 28.33
N ILE A 224 35.72 -25.17 28.00
CA ILE A 224 34.65 -26.13 28.27
C ILE A 224 34.53 -27.18 27.17
N PRO A 225 33.86 -28.29 27.49
CA PRO A 225 33.67 -29.40 26.56
C PRO A 225 32.95 -29.00 25.26
N PRO A 226 33.65 -29.14 24.12
CA PRO A 226 33.09 -28.79 22.81
C PRO A 226 34.04 -29.09 21.62
N TYR A 227 33.78 -28.45 20.48
CA TYR A 227 34.58 -28.61 19.25
C TYR A 227 35.40 -27.33 19.01
N SER A 228 36.18 -27.25 17.92
CA SER A 228 36.99 -26.05 17.64
C SER A 228 36.68 -25.33 16.31
N ARG A 229 36.44 -24.01 16.40
CA ARG A 229 36.12 -23.17 15.22
C ARG A 229 37.37 -22.51 14.65
N ALA A 230 38.27 -22.11 15.54
CA ALA A 230 39.49 -21.46 15.12
C ALA A 230 40.24 -22.31 14.10
N SER A 231 39.96 -23.61 14.10
CA SER A 231 40.59 -24.54 13.18
C SER A 231 39.65 -24.97 12.07
N LEU A 232 38.64 -24.14 11.79
CA LEU A 232 37.67 -24.45 10.75
C LEU A 232 38.06 -23.81 9.41
N LYS A 233 37.48 -24.32 8.34
CA LYS A 233 37.74 -23.82 6.99
C LYS A 233 37.42 -22.34 6.85
N GLY A 234 38.42 -21.56 6.47
CA GLY A 234 38.21 -20.13 6.28
C GLY A 234 38.28 -19.25 7.51
N TYR A 235 38.60 -19.81 8.66
CA TYR A 235 38.71 -19.01 9.88
C TYR A 235 40.14 -18.84 10.31
N GLN A 236 41.04 -18.72 9.33
CA GLN A 236 42.44 -18.52 9.60
C GLN A 236 42.59 -17.25 10.42
N TRP A 237 41.74 -16.27 10.12
CA TRP A 237 41.77 -14.99 10.83
C TRP A 237 41.52 -15.18 12.33
N LEU A 238 40.56 -16.04 12.67
CA LEU A 238 40.22 -16.30 14.07
C LEU A 238 41.40 -16.93 14.78
N LYS A 239 42.03 -17.92 14.13
CA LYS A 239 43.18 -18.60 14.70
C LYS A 239 44.29 -17.57 14.93
N ASP A 240 44.54 -16.73 13.92
CA ASP A 240 45.55 -15.69 14.01
C ASP A 240 45.31 -14.80 15.22
N LYS A 241 44.08 -14.30 15.36
CA LYS A 241 43.72 -13.43 16.47
C LYS A 241 44.07 -14.08 17.80
N ILE A 242 43.70 -15.36 17.93
CA ILE A 242 43.96 -16.13 19.15
C ILE A 242 45.46 -16.33 19.42
N LEU A 243 46.23 -16.51 18.35
CA LEU A 243 47.68 -16.71 18.47
C LEU A 243 48.45 -15.40 18.47
N SER A 244 47.74 -14.29 18.28
CA SER A 244 48.35 -12.96 18.25
C SER A 244 48.96 -12.62 19.61
N GLU A 245 49.86 -11.64 19.61
CA GLU A 245 50.51 -11.21 20.85
C GLU A 245 49.42 -10.84 21.85
N GLU A 246 48.38 -10.15 21.37
CA GLU A 246 47.27 -9.75 22.24
C GLU A 246 46.36 -10.94 22.51
N GLY A 247 46.30 -11.87 21.57
CA GLY A 247 45.47 -13.04 21.75
C GLY A 247 45.88 -13.73 23.04
N ARG A 248 47.20 -13.71 23.29
CA ARG A 248 47.77 -14.32 24.49
C ARG A 248 47.47 -13.47 25.74
N ARG A 249 47.48 -12.15 25.57
CA ARG A 249 47.22 -11.23 26.68
C ARG A 249 45.82 -11.48 27.26
N GLN A 250 44.82 -11.52 26.38
CA GLN A 250 43.44 -11.74 26.80
C GLN A 250 43.27 -13.17 27.31
N GLN A 251 43.98 -14.11 26.69
CA GLN A 251 43.90 -15.50 27.09
C GLN A 251 44.47 -15.64 28.51
N ALA A 252 45.30 -14.68 28.90
CA ALA A 252 45.91 -14.66 30.22
C ALA A 252 44.88 -14.19 31.25
N LYS A 253 44.18 -13.10 30.92
CA LYS A 253 43.18 -12.55 31.81
C LYS A 253 42.06 -13.55 32.07
N LEU A 254 41.73 -14.34 31.05
CA LEU A 254 40.69 -15.35 31.19
C LEU A 254 41.02 -16.26 32.36
N LYS A 255 42.31 -16.59 32.53
CA LYS A 255 42.76 -17.44 33.62
C LYS A 255 42.32 -16.84 34.96
N GLU A 256 42.48 -15.53 35.10
CA GLU A 256 42.10 -14.83 36.32
C GLU A 256 40.57 -14.82 36.48
N LEU A 257 39.88 -14.67 35.35
CA LEU A 257 38.42 -14.67 35.35
C LEU A 257 37.88 -16.06 35.66
N GLN A 258 38.58 -17.08 35.14
CA GLN A 258 38.22 -18.47 35.37
C GLN A 258 38.09 -18.69 36.89
N ALA A 259 38.95 -18.02 37.64
CA ALA A 259 38.95 -18.11 39.09
C ALA A 259 37.61 -17.64 39.64
N ILE A 260 37.25 -16.41 39.30
CA ILE A 260 36.00 -15.82 39.75
C ILE A 260 34.83 -16.75 39.45
N ALA A 261 34.87 -17.41 38.30
CA ALA A 261 33.83 -18.33 37.89
C ALA A 261 33.65 -19.47 38.88
N GLU A 262 34.74 -20.19 39.15
CA GLU A 262 34.73 -21.30 40.09
C GLU A 262 34.20 -20.79 41.42
N ARG A 263 34.73 -19.64 41.82
CA ARG A 263 34.32 -18.99 43.05
C ARG A 263 32.80 -18.75 43.06
N LEU A 264 32.25 -18.45 41.89
CA LEU A 264 30.80 -18.23 41.79
C LEU A 264 30.07 -19.55 41.60
N GLY A 265 30.81 -20.58 41.21
CA GLY A 265 30.19 -21.88 41.02
C GLY A 265 29.47 -21.97 39.70
N CYS A 266 30.18 -21.65 38.62
CA CYS A 266 29.62 -21.70 37.28
C CYS A 266 30.83 -21.78 36.35
N THR A 267 30.57 -22.07 35.07
CA THR A 267 31.67 -22.15 34.12
C THR A 267 32.04 -20.77 33.62
N LEU A 268 33.20 -20.66 32.99
CA LEU A 268 33.65 -19.37 32.46
C LEU A 268 32.64 -18.86 31.43
N PRO A 269 32.16 -19.74 30.52
CA PRO A 269 31.18 -19.33 29.50
C PRO A 269 29.93 -18.73 30.13
N GLN A 270 29.45 -19.34 31.21
CA GLN A 270 28.27 -18.85 31.91
C GLN A 270 28.53 -17.48 32.52
N LEU A 271 29.72 -17.30 33.08
CA LEU A 271 30.06 -16.02 33.68
C LEU A 271 30.00 -14.96 32.59
N ALA A 272 30.75 -15.19 31.51
CA ALA A 272 30.83 -14.27 30.37
C ALA A 272 29.47 -13.89 29.78
N ILE A 273 28.58 -14.86 29.65
CA ILE A 273 27.26 -14.59 29.09
C ILE A 273 26.39 -13.82 30.08
N ALA A 274 26.29 -14.31 31.32
CA ALA A 274 25.49 -13.60 32.31
C ALA A 274 26.04 -12.19 32.45
N TRP A 275 27.33 -12.03 32.17
CA TRP A 275 27.96 -10.72 32.24
C TRP A 275 27.33 -9.79 31.20
N CYS A 276 27.03 -10.34 30.03
CA CYS A 276 26.42 -9.55 28.96
C CYS A 276 24.99 -9.14 29.30
N LEU A 277 24.31 -9.94 30.12
CA LEU A 277 22.93 -9.64 30.48
C LEU A 277 22.79 -8.77 31.72
N ARG A 278 23.89 -8.44 32.39
CA ARG A 278 23.82 -7.58 33.56
C ARG A 278 23.23 -6.25 33.10
N ASN A 279 23.60 -5.85 31.89
CA ASN A 279 23.11 -4.60 31.28
C ASN A 279 21.61 -4.59 31.12
N GLU A 280 20.97 -3.52 31.54
CA GLU A 280 19.53 -3.42 31.34
C GLU A 280 19.43 -2.98 29.87
N GLY A 281 20.51 -2.35 29.40
CA GLY A 281 20.58 -1.86 28.03
C GLY A 281 20.63 -2.89 26.92
N VAL A 282 20.95 -4.13 27.28
CA VAL A 282 21.00 -5.20 26.30
C VAL A 282 19.68 -5.94 26.31
N SER A 283 18.93 -5.84 25.22
CA SER A 283 17.63 -6.51 25.15
C SER A 283 17.79 -8.02 25.08
N SER A 284 18.75 -8.48 24.29
CA SER A 284 18.97 -9.91 24.17
C SER A 284 20.37 -10.25 23.66
N VAL A 285 20.88 -11.40 24.08
CA VAL A 285 22.19 -11.88 23.69
C VAL A 285 22.06 -13.11 22.77
N LEU A 286 22.65 -13.04 21.59
CA LEU A 286 22.56 -14.15 20.64
C LEU A 286 23.64 -15.17 20.94
N LEU A 287 23.24 -16.39 21.26
CA LEU A 287 24.18 -17.45 21.56
C LEU A 287 24.67 -18.16 20.30
N GLY A 288 25.83 -18.79 20.43
CA GLY A 288 26.42 -19.54 19.35
C GLY A 288 26.71 -20.90 19.95
N ALA A 289 26.24 -21.96 19.30
CA ALA A 289 26.44 -23.30 19.82
C ALA A 289 26.55 -24.36 18.73
N SER A 290 27.54 -25.24 18.86
CA SER A 290 27.72 -26.31 17.90
C SER A 290 27.24 -27.67 18.44
N ASN A 291 26.89 -27.73 19.72
CA ASN A 291 26.36 -28.97 20.30
C ASN A 291 25.43 -28.68 21.49
N ALA A 292 24.60 -29.66 21.83
CA ALA A 292 23.63 -29.51 22.91
C ALA A 292 24.28 -29.20 24.26
N GLU A 293 25.48 -29.72 24.50
CA GLU A 293 26.13 -29.47 25.77
C GLU A 293 26.47 -28.00 25.91
N GLN A 294 27.05 -27.41 24.88
CA GLN A 294 27.40 -25.99 24.94
C GLN A 294 26.12 -25.18 25.16
N LEU A 295 25.08 -25.50 24.39
CA LEU A 295 23.84 -24.75 24.48
C LEU A 295 23.27 -24.75 25.89
N MET A 296 23.10 -25.92 26.49
CA MET A 296 22.54 -25.96 27.84
C MET A 296 23.47 -25.31 28.86
N GLU A 297 24.78 -25.41 28.66
CA GLU A 297 25.69 -24.79 29.60
C GLU A 297 25.44 -23.29 29.52
N ASN A 298 25.39 -22.77 28.29
CA ASN A 298 25.16 -21.34 28.07
C ASN A 298 23.82 -20.90 28.66
N ILE A 299 22.76 -21.61 28.33
CA ILE A 299 21.45 -21.27 28.83
C ILE A 299 21.47 -21.23 30.35
N GLY A 300 22.51 -21.81 30.93
CA GLY A 300 22.64 -21.83 32.37
C GLY A 300 23.10 -20.50 32.93
N ALA A 301 23.69 -19.67 32.08
CA ALA A 301 24.18 -18.37 32.52
C ALA A 301 23.08 -17.60 33.26
N ILE A 302 21.83 -17.88 32.93
CA ILE A 302 20.70 -17.21 33.56
C ILE A 302 20.77 -17.30 35.09
N GLN A 303 21.22 -18.45 35.57
CA GLN A 303 21.33 -18.70 37.00
C GLN A 303 22.47 -17.92 37.62
N VAL A 304 23.54 -17.74 36.84
CA VAL A 304 24.72 -17.00 37.31
C VAL A 304 24.44 -15.52 37.47
N LEU A 305 23.31 -15.08 36.92
CA LEU A 305 22.94 -13.68 36.93
C LEU A 305 22.76 -13.01 38.30
N PRO A 306 21.92 -13.60 39.17
CA PRO A 306 21.70 -13.04 40.51
C PRO A 306 22.96 -12.94 41.36
N LYS A 307 23.85 -13.93 41.21
CA LYS A 307 25.08 -13.98 41.99
C LYS A 307 26.18 -13.06 41.45
N LEU A 308 25.79 -12.11 40.61
CA LEU A 308 26.73 -11.16 40.02
C LEU A 308 26.58 -9.81 40.72
N SER A 309 27.34 -9.62 41.79
CA SER A 309 27.27 -8.38 42.57
C SER A 309 28.10 -7.28 41.92
N SER A 310 27.89 -6.06 42.40
CA SER A 310 28.62 -4.92 41.88
C SER A 310 30.12 -5.09 42.10
N SER A 311 30.49 -5.63 43.26
CA SER A 311 31.90 -5.85 43.56
C SER A 311 32.48 -6.91 42.64
N ILE A 312 31.66 -7.91 42.29
CA ILE A 312 32.11 -8.96 41.38
C ILE A 312 32.35 -8.34 40.01
N VAL A 313 31.46 -7.41 39.64
CA VAL A 313 31.58 -6.72 38.36
C VAL A 313 32.84 -5.87 38.36
N HIS A 314 33.00 -5.07 39.41
CA HIS A 314 34.17 -4.22 39.55
C HIS A 314 35.46 -5.04 39.51
N GLU A 315 35.39 -6.23 40.11
CA GLU A 315 36.54 -7.12 40.14
C GLU A 315 36.85 -7.58 38.70
N ILE A 316 35.79 -7.76 37.91
CA ILE A 316 35.95 -8.17 36.52
C ILE A 316 36.62 -7.02 35.76
N ASP A 317 36.14 -5.80 35.99
CA ASP A 317 36.71 -4.62 35.33
C ASP A 317 38.20 -4.49 35.58
N SER A 318 38.61 -4.71 36.82
CA SER A 318 40.03 -4.63 37.17
C SER A 318 40.86 -5.67 36.40
N ILE A 319 40.34 -6.90 36.28
CA ILE A 319 41.06 -7.94 35.55
C ILE A 319 41.15 -7.59 34.07
N LEU A 320 40.04 -7.10 33.52
CA LEU A 320 39.97 -6.72 32.11
C LEU A 320 40.62 -5.35 31.89
N GLY A 321 40.44 -4.47 32.89
CA GLY A 321 41.00 -3.13 32.81
C GLY A 321 40.74 -2.48 31.47
N ASN A 322 39.48 -2.50 31.05
CA ASN A 322 39.11 -1.93 29.77
C ASN A 322 37.73 -1.29 29.88
N LYS A 323 37.24 -1.12 31.11
CA LYS A 323 35.93 -0.52 31.28
C LYS A 323 35.85 0.76 30.44
N PRO A 324 34.77 0.91 29.67
CA PRO A 324 34.54 2.06 28.80
C PRO A 324 34.38 3.45 29.44
N TYR A 325 35.05 4.44 28.84
CA TYR A 325 34.97 5.84 29.26
C TYR A 325 35.37 6.74 28.11
N LEU B 1 -13.54 22.52 -32.94
CA LEU B 1 -13.91 21.35 -32.09
C LEU B 1 -12.80 20.32 -31.90
N GLN B 2 -12.73 19.79 -30.68
CA GLN B 2 -11.76 18.77 -30.31
C GLN B 2 -12.59 17.57 -29.89
N PHE B 3 -12.54 16.49 -30.67
CA PHE B 3 -13.32 15.30 -30.36
C PHE B 3 -12.93 14.72 -29.00
N TYR B 4 -11.61 14.62 -28.76
CA TYR B 4 -11.12 14.12 -27.49
C TYR B 4 -10.59 15.28 -26.68
N ARG B 5 -10.90 15.29 -25.39
CA ARG B 5 -10.42 16.35 -24.52
C ARG B 5 -10.14 15.79 -23.14
N ASN B 6 -9.44 16.58 -22.33
CA ASN B 6 -9.13 16.13 -20.99
C ASN B 6 -10.33 16.27 -20.08
N LEU B 7 -10.48 15.29 -19.19
CA LEU B 7 -11.57 15.32 -18.24
C LEU B 7 -11.03 16.22 -17.15
N GLY B 8 -11.51 17.45 -17.12
CA GLY B 8 -11.01 18.39 -16.13
C GLY B 8 -9.55 18.62 -16.48
N LYS B 9 -8.69 18.81 -15.49
CA LYS B 9 -7.28 19.01 -15.81
C LYS B 9 -6.49 17.74 -15.61
N SER B 10 -7.17 16.59 -15.59
CA SER B 10 -6.45 15.33 -15.40
C SER B 10 -5.84 14.89 -16.73
N GLY B 11 -5.14 13.76 -16.72
CA GLY B 11 -4.51 13.27 -17.93
C GLY B 11 -5.40 12.32 -18.70
N LEU B 12 -6.59 12.05 -18.17
CA LEU B 12 -7.54 11.15 -18.79
C LEU B 12 -8.27 11.78 -19.97
N ARG B 13 -7.97 11.32 -21.18
CA ARG B 13 -8.62 11.83 -22.38
C ARG B 13 -9.93 11.10 -22.71
N VAL B 14 -11.02 11.83 -22.83
CA VAL B 14 -12.32 11.27 -23.14
C VAL B 14 -12.91 11.86 -24.41
N SER B 15 -13.83 11.13 -25.03
CA SER B 15 -14.52 11.61 -26.21
C SER B 15 -15.57 12.63 -25.73
N CYS B 16 -15.82 13.67 -26.52
CA CYS B 16 -16.79 14.70 -26.12
C CYS B 16 -18.17 14.12 -25.90
N LEU B 17 -18.39 12.92 -26.41
CA LEU B 17 -19.66 12.24 -26.22
C LEU B 17 -19.38 10.88 -25.61
N GLY B 18 -20.23 10.48 -24.69
CA GLY B 18 -20.10 9.17 -24.06
C GLY B 18 -21.48 8.53 -24.08
N LEU B 19 -21.53 7.22 -23.87
CA LEU B 19 -22.79 6.51 -23.84
C LEU B 19 -23.04 6.03 -22.42
N GLY B 20 -24.20 6.39 -21.87
CA GLY B 20 -24.51 5.97 -20.52
C GLY B 20 -25.29 4.66 -20.56
N THR B 21 -25.72 4.15 -19.41
CA THR B 21 -26.44 2.89 -19.37
C THR B 21 -27.64 2.90 -18.42
N TRP B 22 -28.05 4.09 -18.02
CA TRP B 22 -29.19 4.25 -17.13
C TRP B 22 -30.50 3.95 -17.84
N VAL B 23 -31.38 3.21 -17.16
CA VAL B 23 -32.70 2.87 -17.70
C VAL B 23 -32.64 1.91 -18.89
N THR B 24 -31.52 1.91 -19.59
CA THR B 24 -31.34 1.09 -20.78
C THR B 24 -30.80 -0.33 -20.59
N PHE B 25 -29.48 -0.46 -20.40
CA PHE B 25 -28.84 -1.76 -20.22
C PHE B 25 -29.44 -2.56 -19.07
N GLY B 26 -29.78 -3.82 -19.35
CA GLY B 26 -30.35 -4.68 -18.34
C GLY B 26 -31.75 -4.28 -17.93
N GLY B 27 -32.38 -3.42 -18.73
CA GLY B 27 -33.72 -2.97 -18.42
C GLY B 27 -34.59 -2.75 -19.65
N GLN B 28 -34.80 -1.49 -20.00
CA GLN B 28 -35.62 -1.12 -21.15
C GLN B 28 -35.28 -1.80 -22.48
N ILE B 29 -33.99 -1.84 -22.85
CA ILE B 29 -33.63 -2.48 -24.13
C ILE B 29 -33.06 -3.87 -23.93
N THR B 30 -32.94 -4.63 -25.01
CA THR B 30 -32.42 -5.99 -24.91
C THR B 30 -30.91 -5.96 -24.98
N ASP B 31 -30.30 -7.05 -24.50
CA ASP B 31 -28.85 -7.20 -24.51
C ASP B 31 -28.32 -7.11 -25.93
N GLU B 32 -29.12 -7.54 -26.90
CA GLU B 32 -28.70 -7.50 -28.30
C GLU B 32 -28.62 -6.04 -28.73
N MET B 33 -29.62 -5.27 -28.30
CA MET B 33 -29.66 -3.85 -28.63
C MET B 33 -28.46 -3.16 -28.01
N ALA B 34 -28.23 -3.44 -26.72
CA ALA B 34 -27.11 -2.87 -26.00
C ALA B 34 -25.79 -3.11 -26.71
N GLU B 35 -25.53 -4.36 -27.07
CA GLU B 35 -24.29 -4.70 -27.75
C GLU B 35 -24.17 -3.92 -29.05
N HIS B 36 -25.31 -3.65 -29.69
CA HIS B 36 -25.32 -2.93 -30.95
C HIS B 36 -25.04 -1.45 -30.70
N LEU B 37 -25.64 -0.90 -29.66
CA LEU B 37 -25.44 0.50 -29.33
C LEU B 37 -24.00 0.80 -28.93
N MET B 38 -23.38 -0.08 -28.14
CA MET B 38 -22.01 0.18 -27.71
C MET B 38 -21.04 0.01 -28.86
N THR B 39 -21.28 -0.98 -29.71
CA THR B 39 -20.40 -1.20 -30.85
C THR B 39 -20.43 0.03 -31.75
N LEU B 40 -21.63 0.57 -31.98
CA LEU B 40 -21.74 1.75 -32.81
C LEU B 40 -20.94 2.87 -32.17
N ALA B 41 -21.19 3.11 -30.89
CA ALA B 41 -20.50 4.15 -30.16
C ALA B 41 -18.98 3.98 -30.23
N TYR B 42 -18.52 2.78 -29.91
CA TYR B 42 -17.10 2.49 -29.93
C TYR B 42 -16.51 2.72 -31.32
N ASP B 43 -17.13 2.13 -32.34
CA ASP B 43 -16.63 2.27 -33.70
C ASP B 43 -16.66 3.71 -34.19
N ASN B 44 -17.43 4.55 -33.51
CA ASN B 44 -17.51 5.96 -33.90
C ASN B 44 -16.60 6.86 -33.07
N GLY B 45 -15.70 6.27 -32.30
CA GLY B 45 -14.77 7.05 -31.52
C GLY B 45 -15.10 7.29 -30.05
N ILE B 46 -16.29 6.91 -29.62
CA ILE B 46 -16.66 7.11 -28.23
C ILE B 46 -15.95 6.09 -27.36
N ASN B 47 -15.25 6.56 -26.34
CA ASN B 47 -14.52 5.67 -25.43
C ASN B 47 -15.01 5.77 -24.01
N LEU B 48 -16.01 6.63 -23.78
CA LEU B 48 -16.56 6.85 -22.45
C LEU B 48 -17.90 6.17 -22.24
N PHE B 49 -17.95 5.25 -21.27
CA PHE B 49 -19.18 4.53 -20.97
C PHE B 49 -19.45 4.56 -19.46
N ASP B 50 -20.57 5.18 -19.10
CA ASP B 50 -20.97 5.34 -17.71
C ASP B 50 -22.06 4.38 -17.23
N THR B 51 -21.94 3.92 -15.99
CA THR B 51 -22.93 3.03 -15.41
C THR B 51 -22.98 3.29 -13.90
N ALA B 52 -23.71 2.46 -13.17
CA ALA B 52 -23.83 2.63 -11.73
C ALA B 52 -24.28 1.33 -11.09
N GLU B 53 -23.91 1.12 -9.83
CA GLU B 53 -24.28 -0.11 -9.14
C GLU B 53 -25.79 -0.20 -8.94
N VAL B 54 -26.46 0.95 -8.98
CA VAL B 54 -27.90 0.98 -8.78
C VAL B 54 -28.71 0.70 -10.05
N TYR B 55 -28.15 1.02 -11.21
CA TYR B 55 -28.86 0.79 -12.47
C TYR B 55 -29.30 -0.66 -12.66
N ALA B 56 -30.62 -0.85 -12.78
CA ALA B 56 -31.22 -2.17 -12.97
C ALA B 56 -30.66 -3.19 -11.99
N ALA B 57 -30.46 -2.74 -10.75
CA ALA B 57 -29.93 -3.61 -9.70
C ALA B 57 -28.69 -4.39 -10.14
N GLY B 58 -27.72 -3.69 -10.73
CA GLY B 58 -26.50 -4.35 -11.15
C GLY B 58 -26.50 -4.96 -12.53
N LYS B 59 -27.69 -5.18 -13.08
CA LYS B 59 -27.79 -5.79 -14.40
C LYS B 59 -27.12 -4.94 -15.48
N ALA B 60 -27.28 -3.62 -15.39
CA ALA B 60 -26.66 -2.73 -16.37
C ALA B 60 -25.16 -3.02 -16.42
N GLU B 61 -24.53 -3.12 -15.24
CA GLU B 61 -23.12 -3.41 -15.17
C GLU B 61 -22.77 -4.76 -15.79
N VAL B 62 -23.59 -5.77 -15.51
CA VAL B 62 -23.34 -7.10 -16.06
C VAL B 62 -23.39 -7.07 -17.59
N VAL B 63 -24.42 -6.44 -18.14
CA VAL B 63 -24.55 -6.36 -19.59
C VAL B 63 -23.34 -5.67 -20.17
N LEU B 64 -23.04 -4.49 -19.64
CA LEU B 64 -21.89 -3.70 -20.07
C LEU B 64 -20.63 -4.58 -20.06
N GLY B 65 -20.44 -5.30 -18.97
CA GLY B 65 -19.29 -6.18 -18.85
C GLY B 65 -19.27 -7.28 -19.88
N ASN B 66 -20.44 -7.85 -20.16
CA ASN B 66 -20.54 -8.91 -21.14
C ASN B 66 -20.21 -8.43 -22.54
N ILE B 67 -20.71 -7.24 -22.88
CA ILE B 67 -20.43 -6.71 -24.19
C ILE B 67 -18.92 -6.53 -24.34
N ILE B 68 -18.28 -6.00 -23.31
CA ILE B 68 -16.84 -5.77 -23.34
C ILE B 68 -16.03 -7.05 -23.55
N LYS B 69 -16.36 -8.12 -22.83
CA LYS B 69 -15.62 -9.37 -23.01
C LYS B 69 -15.94 -9.98 -24.38
N LYS B 70 -17.21 -9.94 -24.78
CA LYS B 70 -17.62 -10.50 -26.05
C LYS B 70 -16.93 -9.82 -27.24
N LYS B 71 -16.93 -8.48 -27.26
CA LYS B 71 -16.32 -7.74 -28.35
C LYS B 71 -14.79 -7.85 -28.34
N GLY B 72 -14.21 -8.02 -27.15
CA GLY B 72 -12.76 -8.13 -27.04
C GLY B 72 -11.94 -6.86 -27.18
N TRP B 73 -12.59 -5.69 -27.09
CA TRP B 73 -11.88 -4.42 -27.20
C TRP B 73 -10.81 -4.34 -26.10
N ARG B 74 -9.66 -3.75 -26.42
CA ARG B 74 -8.59 -3.60 -25.43
C ARG B 74 -9.02 -2.68 -24.27
N ARG B 75 -8.79 -3.13 -23.04
CA ARG B 75 -9.15 -2.37 -21.84
C ARG B 75 -8.56 -0.95 -21.88
N SER B 76 -7.36 -0.84 -22.46
CA SER B 76 -6.68 0.42 -22.57
C SER B 76 -7.29 1.39 -23.59
N SER B 77 -8.33 0.96 -24.30
CA SER B 77 -8.95 1.83 -25.29
C SER B 77 -10.31 2.28 -24.78
N LEU B 78 -10.67 1.82 -23.60
CA LEU B 78 -11.96 2.15 -23.00
C LEU B 78 -11.80 2.98 -21.73
N VAL B 79 -12.82 3.78 -21.46
CA VAL B 79 -12.86 4.62 -20.27
C VAL B 79 -14.18 4.27 -19.61
N ILE B 80 -14.14 3.34 -18.66
CA ILE B 80 -15.33 2.88 -17.96
C ILE B 80 -15.51 3.62 -16.64
N THR B 81 -16.72 4.05 -16.36
CA THR B 81 -16.99 4.75 -15.12
C THR B 81 -18.27 4.24 -14.49
N THR B 82 -18.29 4.15 -13.17
CA THR B 82 -19.49 3.70 -12.47
C THR B 82 -19.69 4.51 -11.20
N LYS B 83 -20.94 4.64 -10.77
CA LYS B 83 -21.22 5.39 -9.56
C LYS B 83 -21.59 4.50 -8.39
N ILE B 84 -21.24 4.94 -7.18
CA ILE B 84 -21.52 4.19 -5.98
C ILE B 84 -22.30 5.00 -4.96
N PHE B 85 -23.26 4.33 -4.32
CA PHE B 85 -24.08 4.92 -3.26
C PHE B 85 -25.18 3.98 -2.80
N TRP B 86 -26.02 3.55 -3.74
CA TRP B 86 -27.14 2.64 -3.46
C TRP B 86 -26.75 1.25 -3.94
N GLY B 87 -26.39 0.36 -3.02
CA GLY B 87 -25.99 -0.97 -3.41
C GLY B 87 -26.69 -2.10 -2.69
N GLY B 88 -27.88 -1.85 -2.18
CA GLY B 88 -28.59 -2.92 -1.47
C GLY B 88 -29.55 -2.39 -0.43
N LYS B 89 -30.45 -3.26 0.01
CA LYS B 89 -31.46 -2.89 1.00
C LYS B 89 -30.95 -2.89 2.45
N ALA B 90 -29.80 -3.52 2.69
CA ALA B 90 -29.24 -3.55 4.04
C ALA B 90 -28.76 -2.14 4.43
N GLU B 91 -28.83 -1.81 5.72
CA GLU B 91 -28.43 -0.49 6.20
C GLU B 91 -27.03 -0.09 5.73
N THR B 92 -26.07 -1.00 5.86
CA THR B 92 -24.70 -0.70 5.47
C THR B 92 -24.42 -0.89 3.99
N GLU B 93 -25.46 -1.07 3.19
CA GLU B 93 -25.27 -1.25 1.76
C GLU B 93 -25.51 0.00 0.93
N ARG B 94 -25.49 1.16 1.60
CA ARG B 94 -25.68 2.43 0.92
C ARG B 94 -24.83 3.51 1.59
N GLY B 95 -24.49 4.55 0.85
CA GLY B 95 -23.70 5.63 1.43
C GLY B 95 -22.29 5.75 0.89
N LEU B 96 -21.47 6.58 1.55
CA LEU B 96 -20.10 6.80 1.12
C LEU B 96 -19.09 6.45 2.20
N SER B 97 -19.47 5.51 3.05
CA SER B 97 -18.59 5.06 4.13
C SER B 97 -17.50 4.21 3.48
N ARG B 98 -16.36 4.09 4.15
CA ARG B 98 -15.29 3.30 3.61
C ARG B 98 -15.83 1.91 3.30
N LYS B 99 -16.62 1.37 4.21
CA LYS B 99 -17.19 0.04 4.04
C LYS B 99 -17.96 -0.11 2.73
N HIS B 100 -18.89 0.80 2.45
CA HIS B 100 -19.62 0.64 1.22
C HIS B 100 -18.85 0.97 -0.03
N ILE B 101 -17.95 1.94 0.04
CA ILE B 101 -17.18 2.28 -1.15
C ILE B 101 -16.34 1.07 -1.55
N ILE B 102 -15.70 0.42 -0.58
CA ILE B 102 -14.89 -0.75 -0.90
C ILE B 102 -15.79 -1.87 -1.41
N GLU B 103 -16.75 -2.29 -0.58
CA GLU B 103 -17.65 -3.38 -0.97
C GLU B 103 -18.47 -3.08 -2.23
N GLY B 104 -18.92 -1.84 -2.36
CA GLY B 104 -19.71 -1.48 -3.52
C GLY B 104 -18.95 -1.54 -4.83
N LEU B 105 -17.77 -0.91 -4.86
CA LEU B 105 -16.96 -0.90 -6.07
C LEU B 105 -16.47 -2.30 -6.37
N LYS B 106 -16.19 -3.07 -5.32
CA LYS B 106 -15.71 -4.42 -5.54
C LYS B 106 -16.80 -5.24 -6.22
N ALA B 107 -18.04 -5.03 -5.79
CA ALA B 107 -19.18 -5.74 -6.37
C ALA B 107 -19.39 -5.31 -7.82
N SER B 108 -19.39 -4.00 -8.08
CA SER B 108 -19.56 -3.53 -9.44
C SER B 108 -18.49 -4.13 -10.34
N LEU B 109 -17.26 -4.19 -9.84
CA LEU B 109 -16.17 -4.73 -10.63
C LEU B 109 -16.41 -6.19 -10.95
N GLU B 110 -16.96 -6.94 -10.00
CA GLU B 110 -17.24 -8.35 -10.24
C GLU B 110 -18.30 -8.44 -11.33
N ARG B 111 -19.38 -7.68 -11.18
CA ARG B 111 -20.44 -7.70 -12.19
C ARG B 111 -19.92 -7.24 -13.55
N LEU B 112 -19.07 -6.22 -13.56
CA LEU B 112 -18.49 -5.69 -14.80
C LEU B 112 -17.43 -6.61 -15.37
N GLN B 113 -16.94 -7.52 -14.53
CA GLN B 113 -15.87 -8.45 -14.91
C GLN B 113 -14.63 -7.64 -15.28
N LEU B 114 -14.31 -6.66 -14.44
CA LEU B 114 -13.15 -5.81 -14.66
C LEU B 114 -12.33 -5.68 -13.39
N GLU B 115 -11.03 -5.47 -13.57
CA GLU B 115 -10.14 -5.29 -12.44
C GLU B 115 -10.33 -3.91 -11.86
N TYR B 116 -10.70 -2.96 -12.70
CA TYR B 116 -10.85 -1.57 -12.26
C TYR B 116 -11.67 -0.74 -13.22
N VAL B 117 -12.16 0.39 -12.74
CA VAL B 117 -12.89 1.32 -13.58
C VAL B 117 -11.95 2.51 -13.72
N ASP B 118 -12.15 3.32 -14.75
CA ASP B 118 -11.30 4.48 -14.93
C ASP B 118 -11.65 5.55 -13.92
N VAL B 119 -12.95 5.74 -13.71
CA VAL B 119 -13.39 6.71 -12.73
C VAL B 119 -14.54 6.15 -11.91
N VAL B 120 -14.43 6.27 -10.60
CA VAL B 120 -15.49 5.82 -9.72
C VAL B 120 -16.10 7.09 -9.14
N PHE B 121 -17.41 7.25 -9.28
CA PHE B 121 -18.03 8.45 -8.75
C PHE B 121 -18.87 8.17 -7.52
N ALA B 122 -19.07 9.22 -6.73
CA ALA B 122 -19.93 9.13 -5.56
C ALA B 122 -21.22 9.56 -6.25
N ASN B 123 -22.21 8.68 -6.27
CA ASN B 123 -23.43 9.00 -6.98
C ASN B 123 -24.15 10.22 -6.41
N ARG B 124 -23.86 10.55 -5.17
CA ARG B 124 -24.46 11.70 -4.48
C ARG B 124 -23.79 11.94 -3.14
N PRO B 125 -24.08 13.07 -2.48
CA PRO B 125 -23.51 13.41 -1.18
C PRO B 125 -24.00 12.51 -0.08
N ASP B 126 -23.17 12.31 0.95
CA ASP B 126 -23.55 11.48 2.09
C ASP B 126 -23.48 12.34 3.35
N PRO B 127 -24.64 12.61 3.96
CA PRO B 127 -24.70 13.42 5.17
C PRO B 127 -24.15 12.66 6.37
N ASN B 128 -24.31 11.34 6.36
CA ASN B 128 -23.85 10.51 7.47
C ASN B 128 -22.41 10.08 7.44
N THR B 129 -21.62 10.55 6.49
CA THR B 129 -20.23 10.14 6.44
C THR B 129 -19.26 11.31 6.34
N PRO B 130 -18.27 11.36 7.23
CA PRO B 130 -17.28 12.44 7.26
C PRO B 130 -16.53 12.44 5.93
N MET B 131 -16.25 13.63 5.41
CA MET B 131 -15.55 13.78 4.15
C MET B 131 -14.19 13.05 4.17
N GLU B 132 -13.51 13.08 5.31
CA GLU B 132 -12.21 12.44 5.41
C GLU B 132 -12.29 10.95 5.13
N GLU B 133 -13.29 10.29 5.73
CA GLU B 133 -13.45 8.86 5.54
C GLU B 133 -13.68 8.54 4.08
N THR B 134 -14.49 9.35 3.42
CA THR B 134 -14.81 9.16 2.02
C THR B 134 -13.60 9.37 1.15
N VAL B 135 -12.89 10.48 1.36
CA VAL B 135 -11.72 10.74 0.53
C VAL B 135 -10.64 9.68 0.74
N ARG B 136 -10.47 9.18 1.97
CA ARG B 136 -9.46 8.15 2.20
C ARG B 136 -9.88 6.90 1.43
N ALA B 137 -11.15 6.55 1.57
CA ALA B 137 -11.70 5.38 0.91
C ALA B 137 -11.46 5.49 -0.61
N MET B 138 -11.81 6.62 -1.20
CA MET B 138 -11.60 6.81 -2.64
C MET B 138 -10.12 6.68 -2.95
N THR B 139 -9.29 7.33 -2.13
CA THR B 139 -7.85 7.27 -2.34
C THR B 139 -7.40 5.81 -2.24
N HIS B 140 -7.98 5.09 -1.29
CA HIS B 140 -7.64 3.68 -1.07
C HIS B 140 -7.91 2.80 -2.28
N VAL B 141 -9.12 2.84 -2.82
CA VAL B 141 -9.44 2.01 -3.98
C VAL B 141 -8.55 2.35 -5.17
N ILE B 142 -8.13 3.61 -5.26
CA ILE B 142 -7.27 4.00 -6.38
C ILE B 142 -5.89 3.38 -6.16
N ASN B 143 -5.38 3.42 -4.94
CA ASN B 143 -4.08 2.83 -4.66
C ASN B 143 -4.11 1.32 -4.75
N GLN B 144 -5.29 0.74 -4.58
CA GLN B 144 -5.45 -0.70 -4.69
C GLN B 144 -5.68 -1.10 -6.14
N GLY B 145 -5.61 -0.14 -7.06
CA GLY B 145 -5.82 -0.44 -8.46
C GLY B 145 -7.24 -0.84 -8.84
N MET B 146 -8.21 -0.47 -8.02
CA MET B 146 -9.61 -0.79 -8.32
C MET B 146 -10.20 0.32 -9.17
N ALA B 147 -9.52 1.47 -9.19
CA ALA B 147 -9.97 2.61 -9.97
C ALA B 147 -8.78 3.49 -10.28
N MET B 148 -8.86 4.25 -11.36
CA MET B 148 -7.76 5.14 -11.76
C MET B 148 -7.97 6.55 -11.21
N TYR B 149 -9.22 6.98 -11.11
CA TYR B 149 -9.52 8.32 -10.59
C TYR B 149 -10.89 8.23 -9.95
N TRP B 150 -11.29 9.27 -9.24
CA TRP B 150 -12.63 9.29 -8.67
C TRP B 150 -13.26 10.65 -8.87
N GLY B 151 -14.59 10.68 -8.87
CA GLY B 151 -15.31 11.92 -9.06
C GLY B 151 -16.54 12.01 -8.19
N THR B 152 -17.23 13.13 -8.27
CA THR B 152 -18.41 13.37 -7.48
C THR B 152 -19.59 13.58 -8.41
N SER B 153 -20.80 13.55 -7.86
CA SER B 153 -22.02 13.75 -8.64
C SER B 153 -23.12 14.27 -7.73
N ARG B 154 -23.75 15.37 -8.13
CA ARG B 154 -24.82 16.00 -7.35
C ARG B 154 -24.26 16.58 -6.05
N TRP B 155 -22.98 16.94 -6.07
CA TRP B 155 -22.34 17.55 -4.90
C TRP B 155 -22.34 19.06 -5.11
N SER B 156 -22.37 19.83 -4.04
CA SER B 156 -22.34 21.28 -4.19
C SER B 156 -20.87 21.72 -4.38
N SER B 157 -20.66 22.91 -4.92
CA SER B 157 -19.30 23.43 -5.10
C SER B 157 -18.55 23.33 -3.78
N MET B 158 -19.21 23.76 -2.70
CA MET B 158 -18.57 23.73 -1.40
C MET B 158 -18.17 22.31 -1.00
N GLU B 159 -19.06 21.35 -1.24
CA GLU B 159 -18.75 19.97 -0.90
C GLU B 159 -17.55 19.45 -1.66
N ILE B 160 -17.49 19.76 -2.95
CA ILE B 160 -16.38 19.34 -3.77
C ILE B 160 -15.09 19.98 -3.22
N MET B 161 -15.18 21.27 -2.88
CA MET B 161 -14.04 21.99 -2.33
C MET B 161 -13.61 21.32 -1.00
N GLU B 162 -14.59 20.91 -0.20
CA GLU B 162 -14.28 20.25 1.06
C GLU B 162 -13.50 18.94 0.81
N ALA B 163 -13.84 18.25 -0.27
CA ALA B 163 -13.15 17.01 -0.62
C ALA B 163 -11.70 17.38 -0.93
N TYR B 164 -11.54 18.41 -1.74
CA TYR B 164 -10.22 18.89 -2.12
C TYR B 164 -9.44 19.28 -0.86
N SER B 165 -10.09 20.00 0.04
CA SER B 165 -9.44 20.43 1.27
C SER B 165 -8.92 19.21 2.03
N VAL B 166 -9.79 18.24 2.22
CA VAL B 166 -9.39 17.02 2.91
C VAL B 166 -8.19 16.38 2.23
N ALA B 167 -8.25 16.24 0.91
CA ALA B 167 -7.15 15.61 0.18
C ALA B 167 -5.82 16.32 0.40
N ARG B 168 -5.82 17.64 0.28
CA ARG B 168 -4.58 18.38 0.47
C ARG B 168 -4.09 18.38 1.92
N GLN B 169 -5.00 18.37 2.89
CA GLN B 169 -4.57 18.36 4.27
C GLN B 169 -3.95 17.04 4.71
N PHE B 170 -4.47 15.94 4.21
CA PHE B 170 -3.95 14.63 4.59
C PHE B 170 -3.18 13.95 3.47
N ASN B 171 -2.99 14.71 2.40
CA ASN B 171 -2.23 14.21 1.26
C ASN B 171 -2.91 12.99 0.64
N LEU B 172 -4.19 13.15 0.33
CA LEU B 172 -4.95 12.09 -0.31
C LEU B 172 -5.18 12.57 -1.75
N ILE B 173 -5.94 11.81 -2.53
CA ILE B 173 -6.17 12.21 -3.92
C ILE B 173 -7.46 12.97 -4.12
N PRO B 174 -7.39 14.18 -4.68
CA PRO B 174 -8.56 15.02 -4.93
C PRO B 174 -9.46 14.43 -6.03
N PRO B 175 -10.72 14.87 -6.10
CA PRO B 175 -11.65 14.36 -7.11
C PRO B 175 -11.27 15.06 -8.43
N ILE B 176 -11.45 14.41 -9.57
CA ILE B 176 -11.10 15.05 -10.84
C ILE B 176 -12.32 15.50 -11.61
N CYS B 177 -13.50 15.07 -11.19
CA CYS B 177 -14.67 15.40 -11.97
C CYS B 177 -16.00 15.35 -11.24
N GLU B 178 -16.96 16.12 -11.76
CA GLU B 178 -18.33 16.19 -11.22
C GLU B 178 -19.31 15.87 -12.35
N GLN B 179 -20.20 14.91 -12.09
CA GLN B 179 -21.20 14.51 -13.07
C GLN B 179 -22.46 15.29 -12.77
N ALA B 180 -22.70 16.32 -13.57
CA ALA B 180 -23.85 17.17 -13.38
C ALA B 180 -24.87 17.12 -14.49
N GLU B 181 -26.13 17.37 -14.13
CA GLU B 181 -27.19 17.40 -15.13
C GLU B 181 -27.01 18.67 -15.95
N TYR B 182 -27.22 18.57 -17.27
CA TYR B 182 -27.07 19.72 -18.13
C TYR B 182 -27.84 19.65 -19.44
N HIS B 183 -28.77 20.57 -19.62
CA HIS B 183 -29.57 20.67 -20.83
C HIS B 183 -30.19 22.06 -20.83
N MET B 184 -30.79 22.45 -21.95
CA MET B 184 -31.36 23.78 -22.07
C MET B 184 -32.27 24.24 -20.93
N PHE B 185 -32.76 23.32 -20.10
CA PHE B 185 -33.60 23.72 -18.99
C PHE B 185 -32.98 23.50 -17.60
N GLN B 186 -31.67 23.26 -17.59
CA GLN B 186 -30.92 23.03 -16.34
C GLN B 186 -29.53 23.56 -16.69
N ARG B 187 -29.26 24.82 -16.35
CA ARG B 187 -28.00 25.46 -16.73
C ARG B 187 -27.09 26.05 -15.66
N GLU B 188 -27.70 26.64 -14.63
CA GLU B 188 -26.95 27.32 -13.58
C GLU B 188 -25.64 26.66 -13.10
N LYS B 189 -25.75 25.44 -12.59
CA LYS B 189 -24.58 24.76 -12.05
C LYS B 189 -23.40 24.60 -13.01
N VAL B 190 -23.66 24.07 -14.19
CA VAL B 190 -22.60 23.85 -15.16
C VAL B 190 -22.05 25.12 -15.77
N GLU B 191 -22.91 26.11 -15.98
CA GLU B 191 -22.48 27.36 -16.60
C GLU B 191 -21.85 28.37 -15.66
N VAL B 192 -22.28 28.38 -14.40
CA VAL B 192 -21.75 29.33 -13.45
C VAL B 192 -20.82 28.78 -12.37
N GLN B 193 -21.21 27.68 -11.75
CA GLN B 193 -20.40 27.09 -10.69
C GLN B 193 -19.25 26.21 -11.10
N LEU B 194 -19.48 25.24 -11.98
CA LEU B 194 -18.41 24.34 -12.39
C LEU B 194 -17.16 25.00 -12.94
N PRO B 195 -17.30 26.05 -13.77
CA PRO B 195 -16.09 26.68 -14.29
C PRO B 195 -15.18 27.15 -13.15
N GLU B 196 -15.81 27.64 -12.10
CA GLU B 196 -15.13 28.14 -10.92
C GLU B 196 -14.24 27.04 -10.34
N LEU B 197 -14.79 25.84 -10.18
CA LEU B 197 -14.02 24.72 -9.65
C LEU B 197 -12.94 24.26 -10.62
N PHE B 198 -13.19 24.41 -11.91
CA PHE B 198 -12.19 24.00 -12.89
C PHE B 198 -10.93 24.85 -12.74
N HIS B 199 -11.11 26.17 -12.70
CA HIS B 199 -9.97 27.06 -12.57
C HIS B 199 -9.29 26.97 -11.21
N LYS B 200 -10.09 26.90 -10.14
CA LYS B 200 -9.51 26.82 -8.80
C LYS B 200 -8.87 25.46 -8.49
N ILE B 201 -9.55 24.36 -8.76
CA ILE B 201 -8.98 23.06 -8.44
C ILE B 201 -8.97 22.01 -9.54
N GLY B 202 -9.05 22.44 -10.80
CA GLY B 202 -8.98 21.53 -11.92
C GLY B 202 -10.08 20.49 -12.11
N VAL B 203 -11.20 20.65 -11.41
CA VAL B 203 -12.31 19.72 -11.53
C VAL B 203 -13.04 19.88 -12.86
N GLY B 204 -13.18 18.77 -13.59
CA GLY B 204 -13.87 18.82 -14.86
C GLY B 204 -15.35 18.50 -14.77
N ALA B 205 -16.09 18.80 -15.83
CA ALA B 205 -17.52 18.55 -15.85
C ALA B 205 -17.95 17.51 -16.89
N MET B 206 -18.63 16.48 -16.43
CA MET B 206 -19.16 15.45 -17.30
C MET B 206 -20.66 15.62 -17.06
N THR B 207 -21.38 15.96 -18.11
CA THR B 207 -22.80 16.21 -18.00
C THR B 207 -23.66 15.03 -18.44
N TRP B 208 -24.91 15.00 -17.94
CA TRP B 208 -25.85 13.95 -18.26
C TRP B 208 -27.20 14.55 -18.63
N SER B 209 -28.09 13.69 -19.16
CA SER B 209 -29.46 14.06 -19.57
C SER B 209 -29.48 15.28 -20.48
N PRO B 210 -28.77 15.20 -21.61
CA PRO B 210 -28.69 16.28 -22.59
C PRO B 210 -30.06 16.65 -23.13
N LEU B 211 -30.97 15.68 -23.12
CA LEU B 211 -32.32 15.86 -23.63
C LEU B 211 -33.37 15.85 -22.52
N ALA B 212 -32.95 16.04 -21.27
CA ALA B 212 -33.88 16.03 -20.14
C ALA B 212 -34.72 14.76 -20.14
N CYS B 213 -34.05 13.61 -20.26
CA CYS B 213 -34.71 12.30 -20.29
C CYS B 213 -35.54 12.06 -21.54
N GLY B 214 -35.42 12.94 -22.53
CA GLY B 214 -36.17 12.77 -23.77
C GLY B 214 -37.09 13.94 -24.04
N ILE B 215 -37.38 14.71 -22.99
CA ILE B 215 -38.25 15.87 -23.11
C ILE B 215 -37.79 16.88 -24.15
N VAL B 216 -36.48 17.03 -24.30
CA VAL B 216 -35.94 18.01 -25.25
C VAL B 216 -35.94 17.57 -26.70
N SER B 217 -36.23 16.29 -26.95
CA SER B 217 -36.26 15.80 -28.33
C SER B 217 -37.60 16.20 -28.94
N GLY B 218 -38.49 16.65 -28.07
CA GLY B 218 -39.82 17.05 -28.50
C GLY B 218 -40.72 15.86 -28.72
N LYS B 219 -40.22 14.65 -28.44
CA LYS B 219 -41.01 13.44 -28.65
C LYS B 219 -42.37 13.43 -27.95
N TYR B 220 -42.66 14.49 -27.20
CA TYR B 220 -43.93 14.60 -26.50
C TYR B 220 -44.76 15.74 -27.13
N ASP B 221 -44.59 15.90 -28.45
CA ASP B 221 -45.27 16.92 -29.26
C ASP B 221 -44.71 16.99 -30.69
N SER B 222 -43.40 17.22 -30.81
CA SER B 222 -42.71 17.31 -32.11
C SER B 222 -41.39 16.50 -32.09
N GLY B 223 -41.45 15.29 -31.53
CA GLY B 223 -40.25 14.46 -31.41
C GLY B 223 -39.73 13.59 -32.54
N ILE B 224 -38.51 13.09 -32.33
CA ILE B 224 -37.82 12.24 -33.29
C ILE B 224 -38.23 10.77 -33.14
N PRO B 225 -37.96 9.98 -34.19
CA PRO B 225 -38.30 8.56 -34.21
C PRO B 225 -37.65 7.74 -33.07
N PRO B 226 -38.48 7.17 -32.20
CA PRO B 226 -38.00 6.38 -31.06
C PRO B 226 -39.12 5.74 -30.21
N TYR B 227 -38.79 5.36 -28.97
CA TYR B 227 -39.75 4.75 -28.02
C TYR B 227 -40.07 5.76 -26.91
N SER B 228 -40.90 5.38 -25.92
CA SER B 228 -41.26 6.32 -24.82
C SER B 228 -40.88 5.86 -23.41
N ARG B 229 -40.17 6.72 -22.66
CA ARG B 229 -39.72 6.43 -21.30
C ARG B 229 -40.71 6.96 -20.26
N ALA B 230 -41.29 8.11 -20.55
CA ALA B 230 -42.25 8.73 -19.64
C ALA B 230 -43.36 7.74 -19.30
N SER B 231 -43.56 6.75 -20.16
CA SER B 231 -44.60 5.75 -19.96
C SER B 231 -44.01 4.42 -19.52
N LEU B 232 -42.81 4.45 -18.94
CA LEU B 232 -42.16 3.24 -18.48
C LEU B 232 -42.46 2.96 -17.01
N LYS B 233 -42.22 1.71 -16.59
CA LYS B 233 -42.46 1.29 -15.22
C LYS B 233 -41.65 2.11 -14.22
N GLY B 234 -42.35 2.75 -13.29
CA GLY B 234 -41.66 3.53 -12.27
C GLY B 234 -41.26 4.94 -12.63
N TYR B 235 -41.62 5.41 -13.83
CA TYR B 235 -41.28 6.77 -14.22
C TYR B 235 -42.50 7.67 -14.23
N GLN B 236 -43.40 7.43 -13.28
CA GLN B 236 -44.60 8.23 -13.16
C GLN B 236 -44.18 9.68 -12.94
N TRP B 237 -43.08 9.87 -12.23
CA TRP B 237 -42.55 11.21 -11.95
C TRP B 237 -42.21 11.95 -13.24
N LEU B 238 -41.59 11.24 -14.18
CA LEU B 238 -41.20 11.83 -15.46
C LEU B 238 -42.44 12.27 -16.23
N LYS B 239 -43.45 11.40 -16.28
CA LYS B 239 -44.70 11.70 -16.97
C LYS B 239 -45.32 12.93 -16.34
N ASP B 240 -45.37 12.95 -15.00
CA ASP B 240 -45.94 14.07 -14.26
C ASP B 240 -45.24 15.38 -14.64
N LYS B 241 -43.90 15.38 -14.61
CA LYS B 241 -43.12 16.56 -14.96
C LYS B 241 -43.51 17.08 -16.33
N ILE B 242 -43.62 16.17 -17.29
CA ILE B 242 -43.99 16.50 -18.67
C ILE B 242 -45.41 17.07 -18.78
N LEU B 243 -46.33 16.54 -17.98
CA LEU B 243 -47.71 16.96 -17.99
C LEU B 243 -47.97 18.13 -17.04
N SER B 244 -46.93 18.53 -16.30
CA SER B 244 -47.04 19.64 -15.35
C SER B 244 -47.30 20.96 -16.07
N GLU B 245 -47.80 21.94 -15.32
CA GLU B 245 -48.09 23.25 -15.89
C GLU B 245 -46.83 23.77 -16.58
N GLU B 246 -45.68 23.57 -15.93
CA GLU B 246 -44.40 24.01 -16.49
C GLU B 246 -43.93 23.05 -17.59
N GLY B 247 -44.33 21.79 -17.47
CA GLY B 247 -43.96 20.82 -18.47
C GLY B 247 -44.44 21.31 -19.82
N ARG B 248 -45.61 21.94 -19.82
CA ARG B 248 -46.21 22.49 -21.03
C ARG B 248 -45.48 23.75 -21.48
N ARG B 249 -45.04 24.56 -20.52
CA ARG B 249 -44.33 25.80 -20.81
C ARG B 249 -43.06 25.52 -21.61
N GLN B 250 -42.26 24.59 -21.11
CA GLN B 250 -41.00 24.22 -21.78
C GLN B 250 -41.30 23.50 -23.09
N GLN B 251 -42.36 22.73 -23.11
CA GLN B 251 -42.74 21.99 -24.31
C GLN B 251 -43.14 23.00 -25.40
N ALA B 252 -43.52 24.20 -24.96
CA ALA B 252 -43.92 25.27 -25.86
C ALA B 252 -42.68 25.90 -26.49
N LYS B 253 -41.68 26.18 -25.66
CA LYS B 253 -40.44 26.79 -26.13
C LYS B 253 -39.74 25.87 -27.12
N LEU B 254 -39.83 24.55 -26.89
CA LEU B 254 -39.22 23.59 -27.80
C LEU B 254 -39.71 23.84 -29.22
N LYS B 255 -40.99 24.16 -29.36
CA LYS B 255 -41.58 24.44 -30.67
C LYS B 255 -40.80 25.55 -31.36
N GLU B 256 -40.46 26.60 -30.61
CA GLU B 256 -39.70 27.72 -31.16
C GLU B 256 -38.28 27.29 -31.49
N LEU B 257 -37.71 26.43 -30.65
CA LEU B 257 -36.35 25.93 -30.85
C LEU B 257 -36.33 24.99 -32.05
N GLN B 258 -37.39 24.20 -32.19
CA GLN B 258 -37.53 23.28 -33.31
C GLN B 258 -37.31 24.04 -34.62
N ALA B 259 -37.77 25.28 -34.64
CA ALA B 259 -37.62 26.16 -35.80
C ALA B 259 -36.15 26.35 -36.11
N ILE B 260 -35.42 26.86 -35.12
CA ILE B 260 -34.00 27.11 -35.27
C ILE B 260 -33.28 25.88 -35.80
N ALA B 261 -33.71 24.70 -35.34
CA ALA B 261 -33.11 23.44 -35.77
C ALA B 261 -33.23 23.24 -37.27
N GLU B 262 -34.47 23.29 -37.77
CA GLU B 262 -34.74 23.13 -39.20
C GLU B 262 -33.90 24.15 -39.95
N ARG B 263 -33.93 25.38 -39.46
CA ARG B 263 -33.17 26.46 -40.03
C ARG B 263 -31.69 26.10 -40.11
N LEU B 264 -31.20 25.37 -39.12
CA LEU B 264 -29.80 24.94 -39.11
C LEU B 264 -29.61 23.67 -39.91
N GLY B 265 -30.72 22.97 -40.16
CA GLY B 265 -30.63 21.74 -40.93
C GLY B 265 -30.14 20.59 -40.08
N CYS B 266 -30.83 20.36 -38.96
CA CYS B 266 -30.50 19.28 -38.05
C CYS B 266 -31.74 19.05 -37.22
N THR B 267 -31.78 17.96 -36.47
CA THR B 267 -32.94 17.66 -35.64
C THR B 267 -32.84 18.43 -34.33
N LEU B 268 -33.96 18.49 -33.61
CA LEU B 268 -33.97 19.20 -32.33
C LEU B 268 -32.98 18.54 -31.37
N PRO B 269 -32.96 17.19 -31.31
CA PRO B 269 -32.04 16.47 -30.42
C PRO B 269 -30.59 16.86 -30.69
N GLN B 270 -30.24 16.95 -31.97
CA GLN B 270 -28.89 17.34 -32.36
C GLN B 270 -28.55 18.75 -31.92
N LEU B 271 -29.52 19.65 -32.06
CA LEU B 271 -29.31 21.02 -31.65
C LEU B 271 -29.01 21.03 -30.16
N ALA B 272 -29.91 20.45 -29.38
CA ALA B 272 -29.79 20.38 -27.93
C ALA B 272 -28.47 19.78 -27.43
N ILE B 273 -28.01 18.72 -28.07
CA ILE B 273 -26.76 18.09 -27.67
C ILE B 273 -25.56 18.95 -28.05
N ALA B 274 -25.49 19.37 -29.31
CA ALA B 274 -24.38 20.21 -29.74
C ALA B 274 -24.37 21.46 -28.87
N TRP B 275 -25.54 21.85 -28.37
CA TRP B 275 -25.65 23.01 -27.50
C TRP B 275 -24.85 22.75 -26.22
N CYS B 276 -24.92 21.53 -25.72
CA CYS B 276 -24.20 21.17 -24.49
C CYS B 276 -22.68 21.17 -24.70
N LEU B 277 -22.24 20.91 -25.92
CA LEU B 277 -20.82 20.87 -26.20
C LEU B 277 -20.22 22.21 -26.62
N ARG B 278 -21.04 23.24 -26.76
CA ARG B 278 -20.52 24.56 -27.12
C ARG B 278 -19.56 24.97 -26.01
N ASN B 279 -19.90 24.60 -24.78
CA ASN B 279 -19.09 24.89 -23.59
C ASN B 279 -17.71 24.28 -23.68
N GLU B 280 -16.68 25.07 -23.42
CA GLU B 280 -15.34 24.50 -23.41
C GLU B 280 -15.26 23.83 -22.03
N GLY B 281 -16.11 24.33 -21.12
CA GLY B 281 -16.16 23.82 -19.75
C GLY B 281 -16.70 22.42 -19.56
N VAL B 282 -17.41 21.91 -20.56
CA VAL B 282 -17.95 20.57 -20.50
C VAL B 282 -16.99 19.60 -21.17
N SER B 283 -16.39 18.71 -20.38
CA SER B 283 -15.44 17.76 -20.94
C SER B 283 -16.13 16.74 -21.82
N SER B 284 -17.28 16.24 -21.37
CA SER B 284 -18.02 15.27 -22.16
C SER B 284 -19.49 15.20 -21.79
N VAL B 285 -20.32 14.85 -22.77
CA VAL B 285 -21.76 14.73 -22.58
C VAL B 285 -22.17 13.26 -22.68
N LEU B 286 -22.85 12.75 -21.64
CA LEU B 286 -23.28 11.36 -21.65
C LEU B 286 -24.61 11.23 -22.36
N LEU B 287 -24.64 10.45 -23.44
CA LEU B 287 -25.85 10.25 -24.20
C LEU B 287 -26.71 9.13 -23.62
N GLY B 288 -27.99 9.18 -23.95
CA GLY B 288 -28.94 8.18 -23.52
C GLY B 288 -29.62 7.73 -24.81
N ALA B 289 -29.64 6.42 -25.05
CA ALA B 289 -30.25 5.91 -26.27
C ALA B 289 -30.85 4.53 -26.11
N SER B 290 -32.06 4.35 -26.62
CA SER B 290 -32.75 3.07 -26.54
C SER B 290 -32.72 2.31 -27.88
N ASN B 291 -32.25 2.97 -28.94
CA ASN B 291 -32.14 2.31 -30.25
C ASN B 291 -31.03 2.94 -31.09
N ALA B 292 -30.57 2.20 -32.09
CA ALA B 292 -29.49 2.65 -32.97
C ALA B 292 -29.80 3.94 -33.71
N GLU B 293 -31.07 4.16 -34.03
CA GLU B 293 -31.43 5.37 -34.75
C GLU B 293 -31.21 6.59 -33.87
N GLN B 294 -31.66 6.54 -32.62
CA GLN B 294 -31.47 7.67 -31.73
C GLN B 294 -29.98 7.92 -31.55
N LEU B 295 -29.22 6.86 -31.33
CA LEU B 295 -27.78 6.99 -31.11
C LEU B 295 -27.08 7.70 -32.25
N MET B 296 -27.27 7.23 -33.48
CA MET B 296 -26.62 7.85 -34.61
C MET B 296 -27.11 9.28 -34.85
N GLU B 297 -28.38 9.53 -34.56
CA GLU B 297 -28.89 10.89 -34.74
C GLU B 297 -28.14 11.78 -33.77
N ASN B 298 -28.04 11.33 -32.52
CA ASN B 298 -27.35 12.08 -31.48
C ASN B 298 -25.89 12.30 -31.83
N ILE B 299 -25.20 11.22 -32.19
CA ILE B 299 -23.80 11.32 -32.55
C ILE B 299 -23.62 12.33 -33.68
N GLY B 300 -24.72 12.67 -34.33
CA GLY B 300 -24.66 13.62 -35.42
C GLY B 300 -24.56 15.05 -34.94
N ALA B 301 -24.91 15.28 -33.68
CA ALA B 301 -24.84 16.62 -33.12
C ALA B 301 -23.46 17.24 -33.34
N ILE B 302 -22.44 16.40 -33.45
CA ILE B 302 -21.08 16.87 -33.67
C ILE B 302 -21.00 17.81 -34.88
N GLN B 303 -21.76 17.48 -35.91
CA GLN B 303 -21.78 18.26 -37.14
C GLN B 303 -22.49 19.59 -36.94
N VAL B 304 -23.50 19.60 -36.08
CA VAL B 304 -24.27 20.80 -35.80
C VAL B 304 -23.46 21.82 -35.02
N LEU B 305 -22.33 21.38 -34.49
CA LEU B 305 -21.48 22.22 -33.66
C LEU B 305 -20.91 23.49 -34.31
N PRO B 306 -20.24 23.35 -35.47
CA PRO B 306 -19.66 24.52 -36.16
C PRO B 306 -20.70 25.57 -36.57
N LYS B 307 -21.89 25.11 -36.95
CA LYS B 307 -22.96 26.00 -37.38
C LYS B 307 -23.71 26.67 -36.24
N LEU B 308 -23.11 26.65 -35.05
CA LEU B 308 -23.72 27.25 -33.87
C LEU B 308 -23.01 28.57 -33.56
N SER B 309 -23.51 29.66 -34.15
CA SER B 309 -22.91 30.97 -33.95
C SER B 309 -23.36 31.60 -32.64
N SER B 310 -22.68 32.67 -32.26
CA SER B 310 -23.00 33.38 -31.05
C SER B 310 -24.42 33.92 -31.10
N SER B 311 -24.83 34.43 -32.27
CA SER B 311 -26.17 34.96 -32.43
C SER B 311 -27.21 33.83 -32.32
N ILE B 312 -26.85 32.65 -32.81
CA ILE B 312 -27.75 31.50 -32.72
C ILE B 312 -27.91 31.14 -31.25
N VAL B 313 -26.81 31.21 -30.51
CA VAL B 313 -26.83 30.91 -29.09
C VAL B 313 -27.69 31.94 -28.36
N HIS B 314 -27.42 33.22 -28.63
CA HIS B 314 -28.19 34.30 -28.02
C HIS B 314 -29.68 34.15 -28.34
N GLU B 315 -29.96 33.70 -29.55
CA GLU B 315 -31.35 33.50 -29.97
C GLU B 315 -31.96 32.39 -29.13
N ILE B 316 -31.15 31.39 -28.79
CA ILE B 316 -31.61 30.27 -27.97
C ILE B 316 -31.92 30.81 -26.57
N ASP B 317 -31.01 31.64 -26.04
CA ASP B 317 -31.18 32.21 -24.71
C ASP B 317 -32.50 32.98 -24.60
N SER B 318 -32.81 33.76 -25.63
CA SER B 318 -34.05 34.53 -25.63
C SER B 318 -35.28 33.62 -25.58
N ILE B 319 -35.26 32.53 -26.35
CA ILE B 319 -36.37 31.59 -26.36
C ILE B 319 -36.51 30.91 -25.00
N LEU B 320 -35.38 30.51 -24.43
CA LEU B 320 -35.36 29.85 -23.13
C LEU B 320 -35.49 30.88 -22.00
N GLY B 321 -34.90 32.04 -22.22
CA GLY B 321 -34.94 33.12 -21.23
C GLY B 321 -34.63 32.61 -19.83
N ASN B 322 -33.52 31.89 -19.71
CA ASN B 322 -33.13 31.33 -18.43
C ASN B 322 -31.61 31.36 -18.32
N LYS B 323 -30.95 32.10 -19.20
CA LYS B 323 -29.49 32.17 -19.15
C LYS B 323 -29.08 32.47 -17.71
N PRO B 324 -28.11 31.71 -17.18
CA PRO B 324 -27.59 31.87 -15.82
C PRO B 324 -26.87 33.16 -15.46
N TYR B 325 -27.20 33.70 -14.27
CA TYR B 325 -26.57 34.90 -13.71
C TYR B 325 -26.77 34.92 -12.21
N LEU C 1 -36.71 7.79 18.49
CA LEU C 1 -35.69 6.71 18.34
C LEU C 1 -35.27 6.42 16.92
N GLN C 2 -33.97 6.17 16.75
CA GLN C 2 -33.37 5.83 15.46
C GLN C 2 -32.79 4.44 15.63
N PHE C 3 -33.36 3.46 14.95
CA PHE C 3 -32.87 2.09 15.08
C PHE C 3 -31.41 1.98 14.63
N TYR C 4 -31.10 2.59 13.49
CA TYR C 4 -29.73 2.58 12.99
C TYR C 4 -29.11 3.94 13.22
N ARG C 5 -27.87 3.96 13.67
CA ARG C 5 -27.18 5.23 13.89
C ARG C 5 -25.72 5.07 13.55
N ASN C 6 -25.02 6.19 13.45
CA ASN C 6 -23.61 6.14 13.14
C ASN C 6 -22.81 5.77 14.37
N LEU C 7 -21.77 4.97 14.13
CA LEU C 7 -20.88 4.56 15.19
C LEU C 7 -19.95 5.75 15.33
N GLY C 8 -20.16 6.56 16.36
CA GLY C 8 -19.34 7.75 16.52
C GLY C 8 -19.65 8.63 15.33
N LYS C 9 -18.67 9.36 14.82
CA LYS C 9 -18.94 10.20 13.68
C LYS C 9 -18.49 9.56 12.39
N SER C 10 -18.29 8.24 12.40
CA SER C 10 -17.85 7.55 11.20
C SER C 10 -19.04 7.32 10.27
N GLY C 11 -18.78 6.72 9.11
CA GLY C 11 -19.85 6.47 8.16
C GLY C 11 -20.49 5.10 8.37
N LEU C 12 -19.98 4.34 9.32
CA LEU C 12 -20.48 3.00 9.60
C LEU C 12 -21.78 3.02 10.39
N ARG C 13 -22.87 2.62 9.74
CA ARG C 13 -24.18 2.57 10.38
C ARG C 13 -24.44 1.23 11.10
N VAL C 14 -24.74 1.30 12.39
CA VAL C 14 -25.01 0.10 13.19
C VAL C 14 -26.39 0.15 13.83
N SER C 15 -26.91 -1.03 14.17
CA SER C 15 -28.20 -1.12 14.84
C SER C 15 -27.96 -0.73 16.30
N CYS C 16 -28.93 -0.08 16.94
CA CYS C 16 -28.78 0.35 18.33
C CYS C 16 -28.51 -0.82 19.26
N LEU C 17 -28.82 -2.01 18.78
CA LEU C 17 -28.57 -3.21 19.56
C LEU C 17 -27.72 -4.15 18.73
N GLY C 18 -26.79 -4.81 19.38
CA GLY C 18 -25.92 -5.76 18.71
C GLY C 18 -25.90 -7.01 19.57
N LEU C 19 -25.45 -8.11 19.00
CA LEU C 19 -25.36 -9.37 19.73
C LEU C 19 -23.89 -9.73 19.91
N GLY C 20 -23.48 -9.93 21.14
CA GLY C 20 -22.09 -10.29 21.39
C GLY C 20 -21.93 -11.80 21.41
N THR C 21 -20.73 -12.30 21.67
CA THR C 21 -20.50 -13.73 21.67
C THR C 21 -19.63 -14.22 22.84
N TRP C 22 -19.46 -13.36 23.84
CA TRP C 22 -18.67 -13.68 25.01
C TRP C 22 -19.39 -14.69 25.90
N VAL C 23 -18.63 -15.69 26.37
CA VAL C 23 -19.16 -16.72 27.26
C VAL C 23 -20.16 -17.66 26.58
N THR C 24 -20.79 -17.18 25.52
CA THR C 24 -21.80 -17.95 24.81
C THR C 24 -21.34 -18.85 23.66
N PHE C 25 -21.07 -18.26 22.49
CA PHE C 25 -20.62 -19.02 21.32
C PHE C 25 -19.38 -19.86 21.60
N GLY C 26 -19.43 -21.13 21.23
CA GLY C 26 -18.32 -22.04 21.43
C GLY C 26 -18.06 -22.34 22.88
N GLY C 27 -19.03 -22.04 23.74
CA GLY C 27 -18.87 -22.30 25.16
C GLY C 27 -20.16 -22.72 25.84
N GLN C 28 -20.74 -21.79 26.60
CA GLN C 28 -21.98 -22.04 27.34
C GLN C 28 -23.14 -22.62 26.53
N ILE C 29 -23.45 -22.06 25.36
CA ILE C 29 -24.56 -22.58 24.55
C ILE C 29 -24.09 -23.45 23.41
N THR C 30 -25.01 -24.17 22.78
CA THR C 30 -24.64 -25.04 21.68
C THR C 30 -24.64 -24.27 20.38
N ASP C 31 -23.94 -24.81 19.38
CA ASP C 31 -23.85 -24.21 18.07
C ASP C 31 -25.24 -24.04 17.47
N GLU C 32 -26.16 -24.96 17.80
CA GLU C 32 -27.52 -24.87 17.28
C GLU C 32 -28.20 -23.66 17.88
N MET C 33 -27.97 -23.45 19.17
CA MET C 33 -28.55 -22.31 19.88
C MET C 33 -28.00 -21.03 19.26
N ALA C 34 -26.68 -20.98 19.10
CA ALA C 34 -26.01 -19.83 18.52
C ALA C 34 -26.61 -19.46 17.16
N GLU C 35 -26.72 -20.44 16.28
CA GLU C 35 -27.26 -20.18 14.96
C GLU C 35 -28.68 -19.62 15.06
N HIS C 36 -29.40 -20.05 16.08
CA HIS C 36 -30.77 -19.62 16.28
C HIS C 36 -30.78 -18.18 16.81
N LEU C 37 -29.88 -17.88 17.74
CA LEU C 37 -29.81 -16.55 18.31
C LEU C 37 -29.39 -15.50 17.26
N MET C 38 -28.43 -15.84 16.41
CA MET C 38 -27.99 -14.87 15.42
C MET C 38 -29.04 -14.66 14.34
N THR C 39 -29.70 -15.73 13.95
CA THR C 39 -30.74 -15.61 12.94
C THR C 39 -31.85 -14.70 13.44
N LEU C 40 -32.23 -14.89 14.71
CA LEU C 40 -33.27 -14.05 15.28
C LEU C 40 -32.80 -12.60 15.23
N ALA C 41 -31.59 -12.37 15.73
CA ALA C 41 -31.03 -11.03 15.76
C ALA C 41 -31.00 -10.41 14.36
N TYR C 42 -30.45 -11.16 13.41
CA TYR C 42 -30.34 -10.67 12.04
C TYR C 42 -31.72 -10.36 11.46
N ASP C 43 -32.63 -11.32 11.57
CA ASP C 43 -33.98 -11.12 11.03
C ASP C 43 -34.71 -9.98 11.70
N ASN C 44 -34.25 -9.56 12.87
CA ASN C 44 -34.88 -8.46 13.58
C ASN C 44 -34.19 -7.11 13.36
N GLY C 45 -33.28 -7.06 12.40
CA GLY C 45 -32.60 -5.82 12.09
C GLY C 45 -31.22 -5.59 12.68
N ILE C 46 -30.78 -6.46 13.58
CA ILE C 46 -29.47 -6.30 14.18
C ILE C 46 -28.40 -6.71 13.17
N ASN C 47 -27.44 -5.81 12.95
CA ASN C 47 -26.37 -6.07 12.00
C ASN C 47 -25.00 -6.06 12.67
N LEU C 48 -24.99 -5.80 13.98
CA LEU C 48 -23.75 -5.72 14.74
C LEU C 48 -23.48 -6.96 15.58
N PHE C 49 -22.37 -7.65 15.30
CA PHE C 49 -22.00 -8.84 16.04
C PHE C 49 -20.54 -8.76 16.49
N ASP C 50 -20.35 -8.76 17.81
CA ASP C 50 -19.03 -8.64 18.41
C ASP C 50 -18.45 -9.95 18.94
N THR C 51 -17.14 -10.13 18.77
CA THR C 51 -16.46 -11.31 19.26
C THR C 51 -15.03 -10.92 19.64
N ALA C 52 -14.19 -11.91 19.94
CA ALA C 52 -12.82 -11.63 20.33
C ALA C 52 -11.97 -12.88 20.15
N GLU C 53 -10.69 -12.71 19.90
CA GLU C 53 -9.80 -13.86 19.71
C GLU C 53 -9.67 -14.67 20.99
N VAL C 54 -9.94 -14.04 22.12
CA VAL C 54 -9.81 -14.72 23.41
C VAL C 54 -11.05 -15.53 23.79
N TYR C 55 -12.23 -15.14 23.31
CA TYR C 55 -13.45 -15.86 23.64
C TYR C 55 -13.41 -17.35 23.27
N ALA C 56 -13.55 -18.19 24.30
CA ALA C 56 -13.54 -19.64 24.15
C ALA C 56 -12.36 -20.09 23.29
N ALA C 57 -11.21 -19.45 23.49
CA ALA C 57 -10.01 -19.77 22.75
C ALA C 57 -10.23 -19.87 21.25
N GLY C 58 -10.89 -18.87 20.68
CA GLY C 58 -11.12 -18.85 19.25
C GLY C 58 -12.37 -19.55 18.75
N LYS C 59 -12.92 -20.42 19.60
CA LYS C 59 -14.13 -21.16 19.21
C LYS C 59 -15.30 -20.23 18.91
N ALA C 60 -15.46 -19.18 19.71
CA ALA C 60 -16.55 -18.22 19.48
C ALA C 60 -16.47 -17.72 18.05
N GLU C 61 -15.27 -17.33 17.62
CA GLU C 61 -15.08 -16.85 16.27
C GLU C 61 -15.42 -17.90 15.23
N VAL C 62 -15.00 -19.14 15.46
CA VAL C 62 -15.30 -20.22 14.52
C VAL C 62 -16.81 -20.41 14.37
N VAL C 63 -17.51 -20.47 15.49
CA VAL C 63 -18.96 -20.67 15.46
C VAL C 63 -19.61 -19.53 14.67
N LEU C 64 -19.27 -18.31 15.07
CA LEU C 64 -19.78 -17.10 14.42
C LEU C 64 -19.55 -17.21 12.90
N GLY C 65 -18.33 -17.58 12.52
CA GLY C 65 -18.00 -17.72 11.12
C GLY C 65 -18.82 -18.80 10.42
N ASN C 66 -19.05 -19.91 11.11
CA ASN C 66 -19.82 -20.99 10.53
C ASN C 66 -21.27 -20.59 10.31
N ILE C 67 -21.85 -19.88 11.27
CA ILE C 67 -23.22 -19.45 11.12
C ILE C 67 -23.32 -18.55 9.89
N ILE C 68 -22.36 -17.64 9.74
CA ILE C 68 -22.37 -16.72 8.61
C ILE C 68 -22.30 -17.42 7.26
N LYS C 69 -21.41 -18.41 7.11
CA LYS C 69 -21.34 -19.11 5.83
C LYS C 69 -22.59 -19.97 5.62
N LYS C 70 -23.04 -20.63 6.68
CA LYS C 70 -24.22 -21.48 6.58
C LYS C 70 -25.47 -20.71 6.17
N LYS C 71 -25.73 -19.58 6.83
CA LYS C 71 -26.91 -18.78 6.52
C LYS C 71 -26.80 -18.09 5.16
N GLY C 72 -25.58 -17.78 4.74
CA GLY C 72 -25.38 -17.13 3.45
C GLY C 72 -25.71 -15.64 3.35
N TRP C 73 -25.85 -14.97 4.50
CA TRP C 73 -26.15 -13.54 4.51
C TRP C 73 -25.04 -12.78 3.78
N ARG C 74 -25.40 -11.74 3.04
CA ARG C 74 -24.41 -10.93 2.33
C ARG C 74 -23.45 -10.22 3.30
N ARG C 75 -22.14 -10.33 3.05
CA ARG C 75 -21.13 -9.71 3.90
C ARG C 75 -21.39 -8.20 4.08
N SER C 76 -21.92 -7.58 3.03
CA SER C 76 -22.22 -6.16 3.06
C SER C 76 -23.44 -5.79 3.92
N SER C 77 -24.09 -6.78 4.51
CA SER C 77 -25.25 -6.49 5.34
C SER C 77 -24.91 -6.73 6.80
N LEU C 78 -23.68 -7.16 7.04
CA LEU C 78 -23.21 -7.45 8.39
C LEU C 78 -22.11 -6.49 8.83
N VAL C 79 -22.04 -6.30 10.14
CA VAL C 79 -21.02 -5.45 10.75
C VAL C 79 -20.38 -6.35 11.80
N ILE C 80 -19.27 -6.98 11.43
CA ILE C 80 -18.57 -7.89 12.32
C ILE C 80 -17.40 -7.18 13.01
N THR C 81 -17.28 -7.41 14.31
CA THR C 81 -16.19 -6.78 15.06
C THR C 81 -15.54 -7.78 15.99
N THR C 82 -14.23 -7.70 16.13
CA THR C 82 -13.52 -8.60 17.02
C THR C 82 -12.43 -7.85 17.78
N LYS C 83 -12.09 -8.32 18.96
CA LYS C 83 -11.05 -7.67 19.75
C LYS C 83 -9.76 -8.47 19.77
N ILE C 84 -8.64 -7.75 19.86
CA ILE C 84 -7.32 -8.38 19.88
C ILE C 84 -6.51 -7.96 21.09
N PHE C 85 -5.82 -8.93 21.66
CA PHE C 85 -4.92 -8.71 22.80
C PHE C 85 -4.36 -10.02 23.35
N TRP C 86 -5.24 -10.92 23.74
CA TRP C 86 -4.86 -12.24 24.28
C TRP C 86 -5.06 -13.28 23.20
N GLY C 87 -3.98 -13.73 22.57
CA GLY C 87 -4.10 -14.71 21.52
C GLY C 87 -3.23 -15.95 21.66
N GLY C 88 -2.83 -16.27 22.87
CA GLY C 88 -1.98 -17.44 23.04
C GLY C 88 -1.09 -17.35 24.27
N LYS C 89 -0.55 -18.49 24.67
CA LYS C 89 0.30 -18.56 25.85
C LYS C 89 1.74 -18.11 25.61
N ALA C 90 2.16 -18.04 24.35
CA ALA C 90 3.52 -17.59 24.04
C ALA C 90 3.67 -16.11 24.36
N GLU C 91 4.87 -15.69 24.76
CA GLU C 91 5.12 -14.30 25.12
C GLU C 91 4.67 -13.30 24.07
N THR C 92 5.00 -13.58 22.81
CA THR C 92 4.63 -12.68 21.74
C THR C 92 3.22 -12.88 21.19
N GLU C 93 2.42 -13.67 21.90
CA GLU C 93 1.06 -13.91 21.45
C GLU C 93 0.01 -13.07 22.17
N ARG C 94 0.46 -12.00 22.81
CA ARG C 94 -0.45 -11.11 23.51
C ARG C 94 0.07 -9.66 23.39
N GLY C 95 -0.83 -8.70 23.52
CA GLY C 95 -0.42 -7.30 23.45
C GLY C 95 -0.91 -6.55 22.23
N LEU C 96 -0.37 -5.35 22.03
CA LEU C 96 -0.76 -4.52 20.89
C LEU C 96 0.42 -4.16 20.01
N SER C 97 1.41 -5.03 19.99
CA SER C 97 2.58 -4.84 19.16
C SER C 97 2.16 -5.08 17.72
N ARG C 98 2.90 -4.52 16.77
CA ARG C 98 2.55 -4.70 15.37
C ARG C 98 2.47 -6.21 15.11
N LYS C 99 3.44 -6.95 15.64
CA LYS C 99 3.47 -8.40 15.46
C LYS C 99 2.17 -9.08 15.87
N HIS C 100 1.69 -8.82 17.08
CA HIS C 100 0.47 -9.50 17.46
C HIS C 100 -0.78 -8.98 16.80
N ILE C 101 -0.84 -7.69 16.51
CA ILE C 101 -2.03 -7.16 15.86
C ILE C 101 -2.16 -7.80 14.48
N ILE C 102 -1.06 -7.91 13.74
CA ILE C 102 -1.11 -8.53 12.42
C ILE C 102 -1.47 -10.01 12.58
N GLU C 103 -0.63 -10.75 13.31
CA GLU C 103 -0.86 -12.19 13.49
C GLU C 103 -2.18 -12.53 14.17
N GLY C 104 -2.56 -11.72 15.16
CA GLY C 104 -3.82 -11.96 15.86
C GLY C 104 -5.04 -11.79 15.00
N LEU C 105 -5.13 -10.66 14.29
CA LEU C 105 -6.28 -10.40 13.44
C LEU C 105 -6.30 -11.38 12.29
N LYS C 106 -5.12 -11.74 11.79
CA LYS C 106 -5.06 -12.68 10.69
C LYS C 106 -5.64 -14.03 11.14
N ALA C 107 -5.32 -14.42 12.36
CA ALA C 107 -5.81 -15.68 12.91
C ALA C 107 -7.32 -15.61 13.11
N SER C 108 -7.82 -14.53 13.73
CA SER C 108 -9.25 -14.39 13.93
C SER C 108 -9.96 -14.47 12.59
N LEU C 109 -9.41 -13.82 11.57
CA LEU C 109 -10.03 -13.84 10.26
C LEU C 109 -10.10 -15.25 9.69
N GLU C 110 -9.05 -16.04 9.93
CA GLU C 110 -9.06 -17.41 9.44
C GLU C 110 -10.15 -18.17 10.16
N ARG C 111 -10.21 -18.06 11.48
CA ARG C 111 -11.24 -18.75 12.25
C ARG C 111 -12.64 -18.26 11.84
N LEU C 112 -12.78 -16.96 11.62
CA LEU C 112 -14.07 -16.38 11.22
C LEU C 112 -14.41 -16.70 9.78
N GLN C 113 -13.40 -17.10 9.02
CA GLN C 113 -13.56 -17.40 7.59
C GLN C 113 -14.00 -16.13 6.87
N LEU C 114 -13.33 -15.02 7.20
CA LEU C 114 -13.65 -13.74 6.59
C LEU C 114 -12.38 -13.04 6.12
N GLU C 115 -12.54 -12.23 5.08
CA GLU C 115 -11.41 -11.48 4.56
C GLU C 115 -11.09 -10.32 5.48
N TYR C 116 -12.12 -9.81 6.16
CA TYR C 116 -11.94 -8.66 7.04
C TYR C 116 -13.07 -8.49 8.02
N VAL C 117 -12.82 -7.71 9.06
CA VAL C 117 -13.86 -7.40 10.04
C VAL C 117 -14.17 -5.93 9.80
N ASP C 118 -15.32 -5.47 10.24
CA ASP C 118 -15.67 -4.08 10.05
C ASP C 118 -14.89 -3.22 11.02
N VAL C 119 -14.78 -3.69 12.25
CA VAL C 119 -14.01 -2.96 13.24
C VAL C 119 -13.17 -3.92 14.06
N VAL C 120 -11.89 -3.60 14.21
CA VAL C 120 -10.99 -4.41 15.01
C VAL C 120 -10.68 -3.56 16.24
N PHE C 121 -10.92 -4.11 17.43
CA PHE C 121 -10.65 -3.34 18.63
C PHE C 121 -9.43 -3.84 19.37
N ALA C 122 -8.85 -2.95 20.16
CA ALA C 122 -7.72 -3.31 21.01
C ALA C 122 -8.55 -3.70 22.24
N ASN C 123 -8.46 -4.95 22.66
CA ASN C 123 -9.28 -5.39 23.77
C ASN C 123 -8.98 -4.65 25.07
N ARG C 124 -7.79 -4.05 25.15
CA ARG C 124 -7.36 -3.29 26.31
C ARG C 124 -6.04 -2.58 26.05
N PRO C 125 -5.62 -1.68 26.95
CA PRO C 125 -4.37 -0.93 26.79
C PRO C 125 -3.14 -1.80 26.91
N ASP C 126 -2.07 -1.42 26.25
CA ASP C 126 -0.83 -2.16 26.31
C ASP C 126 0.27 -1.24 26.84
N PRO C 127 0.75 -1.52 28.06
CA PRO C 127 1.81 -0.71 28.68
C PRO C 127 3.15 -0.91 27.99
N ASN C 128 3.37 -2.12 27.47
CA ASN C 128 4.63 -2.44 26.82
C ASN C 128 4.76 -2.08 25.35
N THR C 129 3.76 -1.40 24.78
CA THR C 129 3.86 -1.05 23.38
C THR C 129 3.61 0.43 23.12
N PRO C 130 4.53 1.10 22.41
CA PRO C 130 4.39 2.51 22.09
C PRO C 130 3.13 2.72 21.27
N MET C 131 2.42 3.81 21.55
CA MET C 131 1.18 4.14 20.84
C MET C 131 1.41 4.21 19.33
N GLU C 132 2.56 4.73 18.92
CA GLU C 132 2.83 4.86 17.49
C GLU C 132 2.83 3.52 16.79
N GLU C 133 3.48 2.53 17.40
CA GLU C 133 3.55 1.20 16.81
C GLU C 133 2.16 0.63 16.63
N THR C 134 1.33 0.81 17.66
CA THR C 134 -0.03 0.30 17.65
C THR C 134 -0.87 1.00 16.61
N VAL C 135 -0.83 2.32 16.57
CA VAL C 135 -1.62 3.03 15.58
C VAL C 135 -1.18 2.72 14.16
N ARG C 136 0.12 2.54 13.92
CA ARG C 136 0.58 2.20 12.58
C ARG C 136 0.04 0.83 12.22
N ALA C 137 0.17 -0.10 13.15
CA ALA C 137 -0.30 -1.46 12.96
C ALA C 137 -1.79 -1.44 12.61
N MET C 138 -2.59 -0.74 13.39
CA MET C 138 -4.03 -0.66 13.11
C MET C 138 -4.24 -0.04 11.73
N THR C 139 -3.51 1.03 11.45
CA THR C 139 -3.63 1.68 10.16
C THR C 139 -3.24 0.68 9.06
N HIS C 140 -2.20 -0.10 9.33
CA HIS C 140 -1.73 -1.09 8.37
C HIS C 140 -2.77 -2.13 8.00
N VAL C 141 -3.37 -2.79 8.99
CA VAL C 141 -4.37 -3.81 8.69
C VAL C 141 -5.56 -3.23 7.95
N ILE C 142 -5.87 -1.96 8.20
CA ILE C 142 -6.98 -1.32 7.50
C ILE C 142 -6.60 -1.12 6.03
N ASN C 143 -5.38 -0.66 5.78
CA ASN C 143 -4.93 -0.46 4.41
C ASN C 143 -4.74 -1.78 3.68
N GLN C 144 -4.53 -2.85 4.43
CA GLN C 144 -4.38 -4.17 3.84
C GLN C 144 -5.76 -4.82 3.64
N GLY C 145 -6.82 -4.08 3.93
CA GLY C 145 -8.16 -4.64 3.78
C GLY C 145 -8.54 -5.74 4.75
N MET C 146 -7.84 -5.83 5.88
CA MET C 146 -8.15 -6.84 6.87
C MET C 146 -9.20 -6.30 7.83
N ALA C 147 -9.41 -4.99 7.80
CA ALA C 147 -10.41 -4.35 8.65
C ALA C 147 -10.80 -3.03 8.01
N MET C 148 -12.01 -2.57 8.33
CA MET C 148 -12.50 -1.30 7.77
C MET C 148 -12.23 -0.13 8.71
N TYR C 149 -12.26 -0.39 10.02
CA TYR C 149 -12.01 0.65 11.01
C TYR C 149 -11.43 -0.03 12.22
N TRP C 150 -10.94 0.74 13.17
CA TRP C 150 -10.45 0.15 14.40
C TRP C 150 -10.92 0.95 15.60
N GLY C 151 -11.00 0.30 16.76
CA GLY C 151 -11.45 0.95 17.96
C GLY C 151 -10.66 0.52 19.18
N THR C 152 -10.98 1.12 20.31
CA THR C 152 -10.29 0.81 21.55
C THR C 152 -11.31 0.27 22.55
N SER C 153 -10.82 -0.30 23.64
CA SER C 153 -11.70 -0.84 24.68
C SER C 153 -10.95 -0.85 26.01
N ARG C 154 -11.57 -0.29 27.04
CA ARG C 154 -10.97 -0.19 28.37
C ARG C 154 -9.77 0.75 28.36
N TRP C 155 -9.79 1.71 27.44
CA TRP C 155 -8.71 2.71 27.34
C TRP C 155 -9.19 3.95 28.07
N SER C 156 -8.28 4.74 28.61
CA SER C 156 -8.69 5.96 29.28
C SER C 156 -8.87 7.07 28.21
N SER C 157 -9.61 8.11 28.55
CA SER C 157 -9.81 9.22 27.62
C SER C 157 -8.46 9.69 27.10
N MET C 158 -7.51 9.87 28.01
CA MET C 158 -6.19 10.34 27.62
C MET C 158 -5.53 9.39 26.64
N GLU C 159 -5.64 8.08 26.89
CA GLU C 159 -5.03 7.11 26.00
C GLU C 159 -5.63 7.19 24.60
N ILE C 160 -6.96 7.31 24.53
CA ILE C 160 -7.63 7.41 23.26
C ILE C 160 -7.14 8.69 22.55
N MET C 161 -7.04 9.79 23.30
CA MET C 161 -6.56 11.04 22.74
C MET C 161 -5.14 10.87 22.23
N GLU C 162 -4.31 10.12 22.98
CA GLU C 162 -2.94 9.88 22.55
C GLU C 162 -2.91 9.14 21.21
N ALA C 163 -3.87 8.24 21.01
CA ALA C 163 -3.95 7.49 19.75
C ALA C 163 -4.25 8.49 18.65
N TYR C 164 -5.23 9.35 18.92
CA TYR C 164 -5.62 10.38 17.96
C TYR C 164 -4.42 11.28 17.65
N SER C 165 -3.69 11.68 18.70
CA SER C 165 -2.52 12.54 18.51
C SER C 165 -1.54 11.86 17.55
N VAL C 166 -1.22 10.60 17.85
CA VAL C 166 -0.30 9.87 17.00
C VAL C 166 -0.80 9.84 15.56
N ALA C 167 -2.07 9.53 15.36
CA ALA C 167 -2.62 9.45 14.02
C ALA C 167 -2.47 10.77 13.26
N ARG C 168 -2.82 11.89 13.89
CA ARG C 168 -2.71 13.16 13.21
C ARG C 168 -1.27 13.61 12.99
N GLN C 169 -0.36 13.25 13.90
CA GLN C 169 1.04 13.65 13.71
C GLN C 169 1.74 12.90 12.59
N PHE C 170 1.42 11.62 12.42
CA PHE C 170 2.05 10.83 11.38
C PHE C 170 1.11 10.51 10.23
N ASN C 171 -0.08 11.10 10.29
CA ASN C 171 -1.06 10.92 9.25
C ASN C 171 -1.49 9.45 9.14
N LEU C 172 -1.90 8.90 10.27
CA LEU C 172 -2.36 7.52 10.33
C LEU C 172 -3.87 7.63 10.57
N ILE C 173 -4.54 6.50 10.73
CA ILE C 173 -5.99 6.53 10.95
C ILE C 173 -6.38 6.50 12.41
N PRO C 174 -7.15 7.49 12.86
CA PRO C 174 -7.61 7.58 14.25
C PRO C 174 -8.62 6.47 14.58
N PRO C 175 -8.83 6.19 15.87
CA PRO C 175 -9.78 5.16 16.29
C PRO C 175 -11.18 5.77 16.13
N ILE C 176 -12.20 4.98 15.81
CA ILE C 176 -13.54 5.54 15.66
C ILE C 176 -14.44 5.20 16.82
N CYS C 177 -14.01 4.29 17.68
CA CYS C 177 -14.89 3.87 18.75
C CYS C 177 -14.23 3.25 19.97
N GLU C 178 -14.93 3.34 21.09
CA GLU C 178 -14.48 2.77 22.37
C GLU C 178 -15.57 1.86 22.92
N GLN C 179 -15.20 0.62 23.23
CA GLN C 179 -16.14 -0.37 23.77
C GLN C 179 -16.04 -0.31 25.27
N ALA C 180 -17.03 0.35 25.87
CA ALA C 180 -17.05 0.51 27.32
C ALA C 180 -18.19 -0.19 28.02
N GLU C 181 -17.94 -0.58 29.27
CA GLU C 181 -18.98 -1.22 30.06
C GLU C 181 -20.01 -0.15 30.43
N TYR C 182 -21.28 -0.52 30.38
CA TYR C 182 -22.34 0.43 30.70
C TYR C 182 -23.65 -0.20 31.15
N HIS C 183 -24.03 0.08 32.39
CA HIS C 183 -25.28 -0.40 32.97
C HIS C 183 -25.56 0.47 34.18
N MET C 184 -26.76 0.35 34.73
CA MET C 184 -27.15 1.17 35.88
C MET C 184 -26.16 1.25 37.03
N PHE C 185 -25.20 0.33 37.11
CA PHE C 185 -24.21 0.38 38.18
C PHE C 185 -22.79 0.69 37.72
N GLN C 186 -22.67 1.15 36.47
CA GLN C 186 -21.37 1.51 35.90
C GLN C 186 -21.73 2.62 34.91
N ARG C 187 -21.61 3.87 35.34
CA ARG C 187 -22.03 5.00 34.53
C ARG C 187 -21.05 6.12 34.19
N GLU C 188 -20.18 6.44 35.14
CA GLU C 188 -19.23 7.53 34.98
C GLU C 188 -18.57 7.70 33.59
N LYS C 189 -17.86 6.68 33.14
CA LYS C 189 -17.15 6.77 31.86
C LYS C 189 -18.00 7.10 30.65
N VAL C 190 -19.08 6.36 30.45
CA VAL C 190 -19.94 6.59 29.31
C VAL C 190 -20.74 7.88 29.39
N GLU C 191 -21.16 8.26 30.59
CA GLU C 191 -21.97 9.46 30.75
C GLU C 191 -21.20 10.76 30.83
N VAL C 192 -19.99 10.70 31.37
CA VAL C 192 -19.20 11.92 31.53
C VAL C 192 -17.99 12.06 30.60
N GLN C 193 -17.21 11.01 30.47
CA GLN C 193 -16.01 11.05 29.62
C GLN C 193 -16.21 10.84 28.13
N LEU C 194 -16.91 9.78 27.75
CA LEU C 194 -17.10 9.51 26.33
C LEU C 194 -17.70 10.64 25.49
N PRO C 195 -18.70 11.35 26.04
CA PRO C 195 -19.27 12.44 25.23
C PRO C 195 -18.19 13.45 24.84
N GLU C 196 -17.28 13.68 25.76
CA GLU C 196 -16.17 14.60 25.59
C GLU C 196 -15.36 14.20 24.34
N LEU C 197 -15.03 12.92 24.24
CA LEU C 197 -14.25 12.42 23.11
C LEU C 197 -15.07 12.47 21.82
N PHE C 198 -16.38 12.29 21.94
CA PHE C 198 -17.23 12.32 20.75
C PHE C 198 -17.17 13.71 20.11
N HIS C 199 -17.37 14.74 20.92
CA HIS C 199 -17.34 16.10 20.40
C HIS C 199 -15.96 16.55 19.96
N LYS C 200 -14.93 16.23 20.74
CA LYS C 200 -13.58 16.62 20.38
C LYS C 200 -13.00 15.84 19.20
N ILE C 201 -13.10 14.52 19.22
CA ILE C 201 -12.52 13.74 18.12
C ILE C 201 -13.42 12.70 17.45
N GLY C 202 -14.73 12.88 17.55
CA GLY C 202 -15.67 11.98 16.90
C GLY C 202 -15.72 10.52 17.30
N VAL C 203 -15.12 10.18 18.44
CA VAL C 203 -15.12 8.80 18.91
C VAL C 203 -16.49 8.38 19.44
N GLY C 204 -17.01 7.28 18.92
CA GLY C 204 -18.31 6.81 19.36
C GLY C 204 -18.23 5.80 20.49
N ALA C 205 -19.36 5.53 21.13
CA ALA C 205 -19.40 4.59 22.23
C ALA C 205 -20.27 3.36 21.94
N MET C 206 -19.67 2.19 22.09
CA MET C 206 -20.37 0.92 21.92
C MET C 206 -20.23 0.34 23.31
N THR C 207 -21.36 0.13 23.96
CA THR C 207 -21.36 -0.38 25.31
C THR C 207 -21.63 -1.88 25.42
N TRP C 208 -21.20 -2.46 26.55
CA TRP C 208 -21.38 -3.88 26.79
C TRP C 208 -21.91 -4.12 28.20
N SER C 209 -22.31 -5.36 28.47
CA SER C 209 -22.86 -5.80 29.77
C SER C 209 -23.98 -4.90 30.27
N PRO C 210 -25.03 -4.74 29.47
CA PRO C 210 -26.18 -3.91 29.79
C PRO C 210 -26.84 -4.37 31.08
N LEU C 211 -26.70 -5.66 31.38
CA LEU C 211 -27.31 -6.24 32.57
C LEU C 211 -26.26 -6.65 33.62
N ALA C 212 -25.06 -6.12 33.51
CA ALA C 212 -23.99 -6.45 34.46
C ALA C 212 -23.80 -7.96 34.56
N CYS C 213 -23.67 -8.61 33.39
CA CYS C 213 -23.50 -10.06 33.32
C CYS C 213 -24.73 -10.86 33.73
N GLY C 214 -25.86 -10.18 33.93
CA GLY C 214 -27.07 -10.86 34.32
C GLY C 214 -27.60 -10.37 35.65
N ILE C 215 -26.73 -9.73 36.43
CA ILE C 215 -27.10 -9.20 37.74
C ILE C 215 -28.28 -8.24 37.70
N VAL C 216 -28.39 -7.46 36.63
CA VAL C 216 -29.46 -6.49 36.53
C VAL C 216 -30.81 -7.05 36.11
N SER C 217 -30.84 -8.32 35.69
CA SER C 217 -32.11 -8.92 35.29
C SER C 217 -32.84 -9.35 36.55
N GLY C 218 -32.12 -9.30 37.67
CA GLY C 218 -32.67 -9.69 38.95
C GLY C 218 -32.72 -11.20 39.10
N LYS C 219 -32.21 -11.93 38.12
CA LYS C 219 -32.24 -13.40 38.17
C LYS C 219 -31.61 -14.00 39.41
N TYR C 220 -31.08 -13.16 40.29
CA TYR C 220 -30.48 -13.62 41.53
C TYR C 220 -31.35 -13.15 42.72
N ASP C 221 -32.66 -13.10 42.48
CA ASP C 221 -33.66 -12.68 43.47
C ASP C 221 -35.05 -12.53 42.83
N SER C 222 -35.15 -11.68 41.80
CA SER C 222 -36.41 -11.42 41.07
C SER C 222 -36.18 -11.43 39.55
N GLY C 223 -35.42 -12.42 39.07
CA GLY C 223 -35.08 -12.50 37.65
C GLY C 223 -36.01 -13.12 36.62
N ILE C 224 -35.66 -12.90 35.35
CA ILE C 224 -36.42 -13.40 34.21
C ILE C 224 -36.03 -14.83 33.86
N PRO C 225 -36.89 -15.51 33.09
CA PRO C 225 -36.69 -16.89 32.67
C PRO C 225 -35.39 -17.10 31.87
N PRO C 226 -34.47 -17.91 32.41
CA PRO C 226 -33.18 -18.18 31.76
C PRO C 226 -32.28 -19.18 32.53
N TYR C 227 -30.99 -19.18 32.23
CA TYR C 227 -29.99 -20.07 32.86
C TYR C 227 -29.09 -19.22 33.80
N SER C 228 -28.10 -19.83 34.45
CA SER C 228 -27.21 -19.09 35.37
C SER C 228 -25.71 -19.09 35.00
N ARG C 229 -25.11 -17.91 34.92
CA ARG C 229 -23.69 -17.74 34.58
C ARG C 229 -22.81 -17.66 35.81
N ALA C 230 -23.33 -17.01 36.86
CA ALA C 230 -22.60 -16.87 38.10
C ALA C 230 -22.13 -18.23 38.63
N SER C 231 -22.82 -19.28 38.18
CA SER C 231 -22.50 -20.63 38.60
C SER C 231 -21.79 -21.41 37.50
N LEU C 232 -21.17 -20.69 36.57
CA LEU C 232 -20.47 -21.34 35.46
C LEU C 232 -18.99 -21.53 35.77
N LYS C 233 -18.35 -22.42 35.02
CA LYS C 233 -16.93 -22.73 35.20
C LYS C 233 -16.06 -21.48 35.05
N GLY C 234 -15.28 -21.17 36.08
CA GLY C 234 -14.40 -20.03 36.01
C GLY C 234 -14.98 -18.66 36.32
N TYR C 235 -16.26 -18.61 36.70
CA TYR C 235 -16.87 -17.33 37.02
C TYR C 235 -17.10 -17.20 38.52
N GLN C 236 -16.17 -17.72 39.30
CA GLN C 236 -16.25 -17.65 40.75
C GLN C 236 -16.29 -16.17 41.13
N TRP C 237 -15.56 -15.35 40.37
CA TRP C 237 -15.50 -13.92 40.62
C TRP C 237 -16.89 -13.28 40.52
N LEU C 238 -17.65 -13.68 39.52
CA LEU C 238 -19.00 -13.14 39.31
C LEU C 238 -19.90 -13.51 40.48
N LYS C 239 -19.84 -14.77 40.90
CA LYS C 239 -20.63 -15.24 42.03
C LYS C 239 -20.26 -14.42 43.26
N ASP C 240 -18.95 -14.27 43.49
CA ASP C 240 -18.46 -13.50 44.63
C ASP C 240 -19.03 -12.08 44.63
N LYS C 241 -18.93 -11.40 43.48
CA LYS C 241 -19.44 -10.04 43.35
C LYS C 241 -20.91 -9.97 43.76
N ILE C 242 -21.71 -10.93 43.27
CA ILE C 242 -23.13 -11.01 43.58
C ILE C 242 -23.41 -11.27 45.05
N LEU C 243 -22.57 -12.09 45.68
CA LEU C 243 -22.72 -12.43 47.09
C LEU C 243 -22.02 -11.43 48.02
N SER C 244 -21.30 -10.49 47.42
CA SER C 244 -20.58 -9.47 48.17
C SER C 244 -21.54 -8.58 48.97
N GLU C 245 -21.00 -7.90 49.98
CA GLU C 245 -21.81 -7.00 50.80
C GLU C 245 -22.51 -6.01 49.88
N GLU C 246 -21.79 -5.52 48.88
CA GLU C 246 -22.36 -4.56 47.93
C GLU C 246 -23.23 -5.28 46.92
N GLY C 247 -22.91 -6.54 46.65
CA GLY C 247 -23.71 -7.30 45.71
C GLY C 247 -25.15 -7.30 46.18
N ARG C 248 -25.31 -7.36 47.50
CA ARG C 248 -26.63 -7.36 48.12
C ARG C 248 -27.27 -5.98 48.07
N ARG C 249 -26.45 -4.94 48.22
CA ARG C 249 -26.93 -3.55 48.19
C ARG C 249 -27.59 -3.25 46.85
N GLN C 250 -26.89 -3.57 45.75
CA GLN C 250 -27.41 -3.34 44.41
C GLN C 250 -28.59 -4.25 44.13
N GLN C 251 -28.52 -5.47 44.66
CA GLN C 251 -29.59 -6.44 44.46
C GLN C 251 -30.86 -5.93 45.16
N ALA C 252 -30.66 -5.05 46.13
CA ALA C 252 -31.76 -4.46 46.89
C ALA C 252 -32.44 -3.37 46.04
N LYS C 253 -31.62 -2.51 45.45
CA LYS C 253 -32.12 -1.43 44.61
C LYS C 253 -32.90 -1.98 43.41
N LEU C 254 -32.45 -3.11 42.88
CA LEU C 254 -33.13 -3.73 41.76
C LEU C 254 -34.60 -3.96 42.11
N LYS C 255 -34.86 -4.36 43.35
CA LYS C 255 -36.22 -4.59 43.83
C LYS C 255 -37.07 -3.35 43.60
N GLU C 256 -36.50 -2.19 43.94
CA GLU C 256 -37.20 -0.91 43.76
C GLU C 256 -37.38 -0.59 42.28
N LEU C 257 -36.37 -0.92 41.49
CA LEU C 257 -36.42 -0.69 40.05
C LEU C 257 -37.42 -1.62 39.40
N GLN C 258 -37.48 -2.86 39.91
CA GLN C 258 -38.41 -3.86 39.42
C GLN C 258 -39.82 -3.27 39.43
N ALA C 259 -40.08 -2.44 40.43
CA ALA C 259 -41.38 -1.79 40.59
C ALA C 259 -41.65 -0.90 39.38
N ILE C 260 -40.73 0.03 39.13
CA ILE C 260 -40.85 0.95 38.02
C ILE C 260 -41.12 0.19 36.72
N ALA C 261 -40.47 -0.96 36.57
CA ALA C 261 -40.64 -1.79 35.37
C ALA C 261 -42.08 -2.22 35.17
N GLU C 262 -42.64 -2.87 36.20
CA GLU C 262 -44.02 -3.33 36.15
C GLU C 262 -44.91 -2.13 35.84
N ARG C 263 -44.64 -1.04 36.54
CA ARG C 263 -45.37 0.20 36.36
C ARG C 263 -45.31 0.64 34.89
N LEU C 264 -44.17 0.40 34.23
CA LEU C 264 -44.02 0.75 32.83
C LEU C 264 -44.56 -0.34 31.93
N GLY C 265 -44.74 -1.53 32.49
CA GLY C 265 -45.27 -2.63 31.71
C GLY C 265 -44.22 -3.27 30.84
N CYS C 266 -43.10 -3.66 31.47
CA CYS C 266 -42.00 -4.29 30.77
C CYS C 266 -41.19 -5.02 31.83
N THR C 267 -40.27 -5.86 31.42
CA THR C 267 -39.46 -6.60 32.38
C THR C 267 -38.31 -5.72 32.85
N LEU C 268 -37.66 -6.14 33.94
CA LEU C 268 -36.54 -5.38 34.47
C LEU C 268 -35.43 -5.32 33.43
N PRO C 269 -35.13 -6.45 32.75
CA PRO C 269 -34.07 -6.48 31.72
C PRO C 269 -34.34 -5.44 30.63
N GLN C 270 -35.59 -5.35 30.20
CA GLN C 270 -35.98 -4.38 29.18
C GLN C 270 -35.79 -2.96 29.65
N LEU C 271 -36.13 -2.70 30.91
CA LEU C 271 -35.97 -1.37 31.47
C LEU C 271 -34.48 -1.01 31.40
N ALA C 272 -33.66 -1.87 32.00
CA ALA C 272 -32.21 -1.69 32.05
C ALA C 272 -31.55 -1.45 30.70
N ILE C 273 -31.98 -2.19 29.68
CA ILE C 273 -31.40 -2.04 28.36
C ILE C 273 -31.87 -0.76 27.71
N ALA C 274 -33.18 -0.53 27.68
CA ALA C 274 -33.70 0.70 27.09
C ALA C 274 -33.06 1.89 27.81
N TRP C 275 -32.70 1.68 29.07
CA TRP C 275 -32.07 2.72 29.85
C TRP C 275 -30.71 3.08 29.22
N CYS C 276 -30.00 2.08 28.74
CA CYS C 276 -28.71 2.30 28.12
C CYS C 276 -28.83 3.04 26.77
N LEU C 277 -29.97 2.89 26.11
CA LEU C 277 -30.17 3.54 24.82
C LEU C 277 -30.79 4.93 24.91
N ARG C 278 -31.15 5.36 26.12
CA ARG C 278 -31.71 6.71 26.28
C ARG C 278 -30.65 7.70 25.80
N ASN C 279 -29.38 7.36 26.07
CA ASN C 279 -28.23 8.18 25.68
C ASN C 279 -28.14 8.35 24.18
N GLU C 280 -27.98 9.58 23.71
CA GLU C 280 -27.80 9.77 22.29
C GLU C 280 -26.32 9.43 22.08
N GLY C 281 -25.55 9.54 23.17
CA GLY C 281 -24.13 9.26 23.14
C GLY C 281 -23.71 7.82 22.94
N VAL C 282 -24.65 6.90 23.16
CA VAL C 282 -24.37 5.48 22.98
C VAL C 282 -24.80 5.07 21.58
N SER C 283 -23.84 4.71 20.73
CA SER C 283 -24.17 4.31 19.37
C SER C 283 -24.89 2.98 19.34
N SER C 284 -24.41 2.03 20.14
CA SER C 284 -25.05 0.73 20.19
C SER C 284 -24.74 -0.04 21.47
N VAL C 285 -25.68 -0.88 21.87
CA VAL C 285 -25.55 -1.70 23.08
C VAL C 285 -25.40 -3.17 22.70
N LEU C 286 -24.33 -3.81 23.16
CA LEU C 286 -24.11 -5.21 22.84
C LEU C 286 -24.84 -6.10 23.83
N LEU C 287 -25.77 -6.90 23.32
CA LEU C 287 -26.54 -7.80 24.16
C LEU C 287 -25.82 -9.12 24.42
N GLY C 288 -26.21 -9.76 25.50
CA GLY C 288 -25.66 -11.05 25.89
C GLY C 288 -26.87 -11.94 26.07
N ALA C 289 -26.87 -13.09 25.41
CA ALA C 289 -28.00 -14.00 25.52
C ALA C 289 -27.62 -15.46 25.37
N SER C 290 -28.16 -16.30 26.26
CA SER C 290 -27.89 -17.72 26.22
C SER C 290 -29.06 -18.52 25.64
N ASN C 291 -30.20 -17.87 25.43
CA ASN C 291 -31.36 -18.54 24.83
C ASN C 291 -32.25 -17.55 24.08
N ALA C 292 -33.08 -18.07 23.18
CA ALA C 292 -33.96 -17.26 22.36
C ALA C 292 -34.95 -16.41 23.17
N GLU C 293 -35.36 -16.92 24.32
CA GLU C 293 -36.30 -16.16 25.13
C GLU C 293 -35.65 -14.90 25.66
N GLN C 294 -34.43 -15.02 26.19
CA GLN C 294 -33.75 -13.83 26.70
C GLN C 294 -33.55 -12.83 25.56
N LEU C 295 -33.09 -13.33 24.42
CA LEU C 295 -32.84 -12.46 23.29
C LEU C 295 -34.05 -11.65 22.88
N MET C 296 -35.19 -12.30 22.65
CA MET C 296 -36.37 -11.57 22.24
C MET C 296 -36.88 -10.65 23.33
N GLU C 297 -36.70 -11.04 24.59
CA GLU C 297 -37.16 -10.18 25.67
C GLU C 297 -36.32 -8.92 25.60
N ASN C 298 -35.01 -9.08 25.47
CA ASN C 298 -34.10 -7.95 25.38
C ASN C 298 -34.42 -7.06 24.18
N ILE C 299 -34.53 -7.68 23.01
CA ILE C 299 -34.82 -6.93 21.81
C ILE C 299 -36.12 -6.13 22.00
N GLY C 300 -36.87 -6.48 23.03
CA GLY C 300 -38.11 -5.78 23.31
C GLY C 300 -37.89 -4.45 23.99
N ALA C 301 -36.71 -4.27 24.58
CA ALA C 301 -36.39 -3.03 25.25
C ALA C 301 -36.65 -1.82 24.35
N ILE C 302 -36.57 -2.04 23.04
CA ILE C 302 -36.80 -0.96 22.07
C ILE C 302 -38.14 -0.29 22.30
N GLN C 303 -39.14 -1.08 22.66
CA GLN C 303 -40.49 -0.59 22.90
C GLN C 303 -40.57 0.21 24.19
N VAL C 304 -39.78 -0.19 25.18
CA VAL C 304 -39.75 0.47 26.48
C VAL C 304 -39.13 1.85 26.39
N LEU C 305 -38.47 2.13 25.27
CA LEU C 305 -37.76 3.38 25.06
C LEU C 305 -38.61 4.67 25.11
N PRO C 306 -39.69 4.74 24.32
CA PRO C 306 -40.54 5.94 24.31
C PRO C 306 -41.18 6.25 25.66
N LYS C 307 -41.53 5.20 26.40
CA LYS C 307 -42.18 5.36 27.70
C LYS C 307 -41.21 5.69 28.83
N LEU C 308 -40.01 6.14 28.46
CA LEU C 308 -38.99 6.49 29.44
C LEU C 308 -38.89 8.01 29.54
N SER C 309 -39.69 8.61 30.42
CA SER C 309 -39.69 10.05 30.58
C SER C 309 -38.55 10.52 31.46
N SER C 310 -38.34 11.83 31.45
CA SER C 310 -37.28 12.43 32.24
C SER C 310 -37.50 12.16 33.73
N SER C 311 -38.76 12.23 34.16
CA SER C 311 -39.08 11.98 35.55
C SER C 311 -38.83 10.51 35.90
N ILE C 312 -39.07 9.62 34.95
CA ILE C 312 -38.83 8.20 35.16
C ILE C 312 -37.33 7.99 35.32
N VAL C 313 -36.56 8.72 34.51
CA VAL C 313 -35.10 8.65 34.57
C VAL C 313 -34.62 9.18 35.90
N HIS C 314 -35.10 10.36 36.28
CA HIS C 314 -34.72 10.96 37.55
C HIS C 314 -35.08 10.04 38.71
N GLU C 315 -36.21 9.34 38.57
CA GLU C 315 -36.66 8.42 39.60
C GLU C 315 -35.66 7.27 39.70
N ILE C 316 -35.11 6.88 38.56
CA ILE C 316 -34.13 5.81 38.51
C ILE C 316 -32.86 6.28 39.22
N ASP C 317 -32.45 7.51 38.92
CA ASP C 317 -31.25 8.09 39.53
C ASP C 317 -31.35 8.08 41.05
N SER C 318 -32.51 8.45 41.57
CA SER C 318 -32.71 8.49 43.01
C SER C 318 -32.57 7.09 43.63
N ILE C 319 -33.12 6.07 42.97
CA ILE C 319 -33.01 4.70 43.47
C ILE C 319 -31.56 4.23 43.44
N LEU C 320 -30.87 4.54 42.34
CA LEU C 320 -29.48 4.16 42.16
C LEU C 320 -28.56 5.11 42.93
N GLY C 321 -28.95 6.38 42.97
CA GLY C 321 -28.18 7.40 43.68
C GLY C 321 -26.71 7.31 43.35
N ASN C 322 -26.40 7.27 42.06
CA ASN C 322 -25.02 7.17 41.61
C ASN C 322 -24.84 7.98 40.33
N LYS C 323 -25.81 8.83 40.02
CA LYS C 323 -25.69 9.64 38.81
C LYS C 323 -24.32 10.30 38.79
N PRO C 324 -23.61 10.20 37.65
CA PRO C 324 -22.27 10.77 37.46
C PRO C 324 -22.12 12.30 37.54
N TYR C 325 -21.07 12.75 38.25
CA TYR C 325 -20.70 14.16 38.38
C TYR C 325 -19.24 14.27 38.75
N LEU D 1 39.22 3.99 -14.11
CA LEU D 1 37.88 3.52 -14.54
C LEU D 1 37.20 2.58 -13.56
N GLN D 2 35.89 2.77 -13.43
CA GLN D 2 35.04 1.95 -12.57
C GLN D 2 34.02 1.29 -13.51
N PHE D 3 34.11 -0.03 -13.66
CA PHE D 3 33.19 -0.72 -14.55
C PHE D 3 31.74 -0.56 -14.09
N TYR D 4 31.51 -0.73 -12.79
CA TYR D 4 30.18 -0.56 -12.24
C TYR D 4 30.12 0.75 -11.49
N ARG D 5 29.03 1.48 -11.66
CA ARG D 5 28.88 2.75 -10.96
C ARG D 5 27.42 2.96 -10.61
N ASN D 6 27.17 3.92 -9.75
CA ASN D 6 25.80 4.20 -9.36
C ASN D 6 25.09 4.99 -10.44
N LEU D 7 23.80 4.66 -10.62
CA LEU D 7 22.99 5.37 -11.59
C LEU D 7 22.57 6.60 -10.84
N GLY D 8 23.19 7.73 -11.15
CA GLY D 8 22.87 8.94 -10.42
C GLY D 8 23.31 8.72 -8.99
N LYS D 9 22.59 9.26 -8.03
CA LYS D 9 22.99 9.03 -6.65
C LYS D 9 22.16 7.94 -6.01
N SER D 10 21.52 7.11 -6.81
CA SER D 10 20.70 6.03 -6.26
C SER D 10 21.59 4.87 -5.83
N GLY D 11 20.99 3.83 -5.29
CA GLY D 11 21.76 2.68 -4.86
C GLY D 11 21.89 1.62 -5.93
N LEU D 12 21.28 1.86 -7.08
CA LEU D 12 21.31 0.94 -8.21
C LEU D 12 22.64 0.97 -8.96
N ARG D 13 23.40 -0.11 -8.86
CA ARG D 13 24.68 -0.20 -9.54
C ARG D 13 24.55 -0.78 -10.97
N VAL D 14 25.02 -0.04 -11.95
CA VAL D 14 24.96 -0.47 -13.34
C VAL D 14 26.34 -0.53 -13.99
N SER D 15 26.46 -1.32 -15.05
CA SER D 15 27.70 -1.43 -15.79
C SER D 15 27.81 -0.17 -16.65
N CYS D 16 29.03 0.34 -16.83
CA CYS D 16 29.23 1.56 -17.62
C CYS D 16 28.70 1.42 -19.04
N LEU D 17 28.49 0.18 -19.46
CA LEU D 17 27.94 -0.08 -20.78
C LEU D 17 26.71 -0.94 -20.62
N GLY D 18 25.70 -0.66 -21.42
CA GLY D 18 24.48 -1.44 -21.38
C GLY D 18 24.13 -1.77 -22.83
N LEU D 19 23.25 -2.73 -23.02
CA LEU D 19 22.82 -3.11 -24.35
C LEU D 19 21.36 -2.73 -24.53
N GLY D 20 21.06 -1.94 -25.54
CA GLY D 20 19.70 -1.55 -25.79
C GLY D 20 19.02 -2.53 -26.73
N THR D 21 17.76 -2.28 -27.09
CA THR D 21 17.04 -3.20 -27.96
C THR D 21 16.23 -2.50 -29.05
N TRP D 22 16.51 -1.22 -29.27
CA TRP D 22 15.82 -0.44 -30.28
C TRP D 22 16.24 -0.84 -31.69
N VAL D 23 15.25 -0.97 -32.57
CA VAL D 23 15.51 -1.32 -33.97
C VAL D 23 16.00 -2.75 -34.16
N THR D 24 16.61 -3.30 -33.12
CA THR D 24 17.17 -4.65 -33.17
C THR D 24 16.27 -5.82 -32.79
N PHE D 25 16.07 -6.04 -31.50
CA PHE D 25 15.23 -7.13 -31.02
C PHE D 25 13.82 -7.10 -31.59
N GLY D 26 13.37 -8.25 -32.10
CA GLY D 26 12.05 -8.36 -32.69
C GLY D 26 11.89 -7.56 -33.97
N GLY D 27 13.02 -7.17 -34.56
CA GLY D 27 12.98 -6.41 -35.79
C GLY D 27 14.11 -6.73 -36.75
N GLN D 28 15.08 -5.83 -36.84
CA GLN D 28 16.24 -5.98 -37.71
C GLN D 28 16.99 -7.31 -37.59
N ILE D 29 17.32 -7.76 -36.38
CA ILE D 29 18.05 -9.01 -36.22
C ILE D 29 17.15 -10.17 -35.82
N THR D 30 17.67 -11.39 -35.91
CA THR D 30 16.87 -12.55 -35.56
C THR D 30 16.97 -12.82 -34.07
N ASP D 31 15.99 -13.56 -33.56
CA ASP D 31 15.94 -13.93 -32.16
C ASP D 31 17.21 -14.69 -31.75
N GLU D 32 17.77 -15.44 -32.70
CA GLU D 32 18.99 -16.20 -32.42
C GLU D 32 20.13 -15.22 -32.21
N MET D 33 20.18 -14.19 -33.05
CA MET D 33 21.21 -13.17 -32.95
C MET D 33 21.06 -12.46 -31.60
N ALA D 34 19.84 -12.05 -31.29
CA ALA D 34 19.55 -11.37 -30.04
C ALA D 34 20.04 -12.17 -28.83
N GLU D 35 19.69 -13.45 -28.78
CA GLU D 35 20.10 -14.28 -27.67
C GLU D 35 21.63 -14.34 -27.58
N HIS D 36 22.28 -14.26 -28.73
CA HIS D 36 23.73 -14.32 -28.78
C HIS D 36 24.32 -12.99 -28.28
N LEU D 37 23.72 -11.89 -28.71
CA LEU D 37 24.20 -10.59 -28.29
C LEU D 37 24.04 -10.35 -26.80
N MET D 38 22.91 -10.78 -26.22
CA MET D 38 22.72 -10.56 -24.79
C MET D 38 23.62 -11.46 -23.97
N THR D 39 23.80 -12.69 -24.42
CA THR D 39 24.66 -13.61 -23.69
C THR D 39 26.08 -13.06 -23.66
N LEU D 40 26.54 -12.54 -24.79
CA LEU D 40 27.87 -11.96 -24.84
C LEU D 40 27.95 -10.82 -23.84
N ALA D 41 26.98 -9.91 -23.93
CA ALA D 41 26.94 -8.76 -23.05
C ALA D 41 26.94 -9.19 -21.58
N TYR D 42 26.03 -10.10 -21.24
CA TYR D 42 25.92 -10.59 -19.88
C TYR D 42 27.23 -11.22 -19.41
N ASP D 43 27.75 -12.15 -20.19
CA ASP D 43 28.99 -12.83 -19.82
C ASP D 43 30.18 -11.88 -19.72
N ASN D 44 30.04 -10.70 -20.31
CA ASN D 44 31.12 -9.71 -20.24
C ASN D 44 30.92 -8.66 -19.15
N GLY D 45 29.96 -8.91 -18.26
CA GLY D 45 29.73 -7.98 -17.15
C GLY D 45 28.63 -6.97 -17.30
N ILE D 46 28.03 -6.86 -18.49
CA ILE D 46 26.96 -5.90 -18.68
C ILE D 46 25.68 -6.43 -18.02
N ASN D 47 25.08 -5.60 -17.17
CA ASN D 47 23.87 -5.99 -16.46
C ASN D 47 22.70 -5.08 -16.80
N LEU D 48 22.96 -4.08 -17.64
CA LEU D 48 21.94 -3.11 -18.02
C LEU D 48 21.37 -3.35 -19.41
N PHE D 49 20.07 -3.60 -19.48
CA PHE D 49 19.39 -3.83 -20.76
C PHE D 49 18.14 -2.98 -20.87
N ASP D 50 18.13 -2.09 -21.85
CA ASP D 50 17.04 -1.17 -22.08
C ASP D 50 16.11 -1.54 -23.23
N THR D 51 14.82 -1.29 -23.04
CA THR D 51 13.83 -1.57 -24.08
C THR D 51 12.70 -0.55 -23.94
N ALA D 52 11.61 -0.75 -24.70
CA ALA D 52 10.49 0.18 -24.65
C ALA D 52 9.25 -0.51 -25.18
N GLU D 53 8.07 -0.08 -24.72
CA GLU D 53 6.83 -0.68 -25.18
C GLU D 53 6.59 -0.41 -26.65
N VAL D 54 7.21 0.64 -27.16
CA VAL D 54 7.04 1.02 -28.57
C VAL D 54 7.95 0.24 -29.53
N TYR D 55 9.11 -0.20 -29.06
CA TYR D 55 10.04 -0.94 -29.91
C TYR D 55 9.42 -2.18 -30.56
N ALA D 56 9.40 -2.19 -31.89
CA ALA D 56 8.84 -3.28 -32.68
C ALA D 56 7.48 -3.71 -32.16
N ALA D 57 6.67 -2.72 -31.77
CA ALA D 57 5.33 -2.98 -31.25
C ALA D 57 5.30 -4.06 -30.17
N GLY D 58 6.19 -3.96 -29.19
CA GLY D 58 6.22 -4.91 -28.11
C GLY D 58 7.05 -6.15 -28.33
N LYS D 59 7.38 -6.44 -29.58
CA LYS D 59 8.18 -7.62 -29.90
C LYS D 59 9.55 -7.59 -29.24
N ALA D 60 10.18 -6.41 -29.22
CA ALA D 60 11.49 -6.28 -28.58
C ALA D 60 11.41 -6.79 -27.15
N GLU D 61 10.37 -6.37 -26.43
CA GLU D 61 10.19 -6.79 -25.06
C GLU D 61 9.99 -8.30 -24.96
N VAL D 62 9.19 -8.86 -25.87
CA VAL D 62 8.96 -10.31 -25.84
C VAL D 62 10.26 -11.08 -26.05
N VAL D 63 11.05 -10.67 -27.04
CA VAL D 63 12.31 -11.34 -27.30
C VAL D 63 13.20 -11.27 -26.08
N LEU D 64 13.38 -10.06 -25.58
CA LEU D 64 14.19 -9.81 -24.38
C LEU D 64 13.74 -10.73 -23.26
N GLY D 65 12.43 -10.80 -23.05
CA GLY D 65 11.88 -11.66 -22.01
C GLY D 65 12.17 -13.13 -22.24
N ASN D 66 12.07 -13.56 -23.50
CA ASN D 66 12.33 -14.95 -23.83
C ASN D 66 13.78 -15.32 -23.59
N ILE D 67 14.69 -14.43 -23.96
CA ILE D 67 16.10 -14.72 -23.75
C ILE D 67 16.35 -14.90 -22.25
N ILE D 68 15.76 -14.01 -21.45
CA ILE D 68 15.94 -14.08 -20.00
C ILE D 68 15.44 -15.38 -19.39
N LYS D 69 14.25 -15.84 -19.78
CA LYS D 69 13.76 -17.11 -19.23
C LYS D 69 14.58 -18.28 -19.76
N LYS D 70 14.91 -18.25 -21.05
CA LYS D 70 15.69 -19.32 -21.65
C LYS D 70 17.07 -19.49 -21.01
N LYS D 71 17.79 -18.39 -20.84
CA LYS D 71 19.12 -18.44 -20.24
C LYS D 71 19.08 -18.77 -18.76
N GLY D 72 18.01 -18.38 -18.08
CA GLY D 72 17.88 -18.66 -16.65
C GLY D 72 18.70 -17.79 -15.70
N TRP D 73 19.22 -16.67 -16.18
CA TRP D 73 20.01 -15.77 -15.33
C TRP D 73 19.15 -15.30 -14.16
N ARG D 74 19.75 -15.17 -12.98
CA ARG D 74 19.02 -14.69 -11.80
C ARG D 74 18.52 -13.26 -11.99
N ARG D 75 17.24 -13.01 -11.69
CA ARG D 75 16.63 -11.69 -11.82
C ARG D 75 17.43 -10.63 -11.06
N SER D 76 18.00 -11.03 -9.93
CA SER D 76 18.78 -10.14 -9.11
C SER D 76 20.16 -9.78 -9.69
N SER D 77 20.50 -10.34 -10.85
CA SER D 77 21.78 -10.03 -11.45
C SER D 77 21.58 -9.16 -12.68
N LEU D 78 20.32 -8.88 -12.98
CA LEU D 78 19.98 -8.07 -14.14
C LEU D 78 19.35 -6.74 -13.75
N VAL D 79 19.53 -5.76 -14.63
CA VAL D 79 18.97 -4.43 -14.43
C VAL D 79 18.20 -4.17 -15.73
N ILE D 80 16.90 -4.45 -15.70
CA ILE D 80 16.05 -4.26 -16.86
C ILE D 80 15.32 -2.93 -16.80
N THR D 81 15.29 -2.22 -17.92
CA THR D 81 14.62 -0.94 -17.97
C THR D 81 13.79 -0.84 -19.24
N THR D 82 12.62 -0.21 -19.13
CA THR D 82 11.77 -0.02 -20.30
C THR D 82 11.13 1.35 -20.27
N LYS D 83 10.80 1.89 -21.44
CA LYS D 83 10.18 3.20 -21.50
C LYS D 83 8.71 3.12 -21.86
N ILE D 84 7.94 4.07 -21.33
CA ILE D 84 6.51 4.12 -21.58
C ILE D 84 6.06 5.46 -22.14
N PHE D 85 5.15 5.39 -23.11
CA PHE D 85 4.55 6.57 -23.74
C PHE D 85 3.64 6.21 -24.90
N TRP D 86 4.20 5.50 -25.88
CA TRP D 86 3.44 5.06 -27.06
C TRP D 86 3.12 3.59 -26.91
N GLY D 87 1.87 3.28 -26.57
CA GLY D 87 1.50 1.89 -26.39
C GLY D 87 0.28 1.43 -27.16
N GLY D 88 -0.05 2.10 -28.25
CA GLY D 88 -1.22 1.70 -29.01
C GLY D 88 -1.85 2.85 -29.78
N LYS D 89 -2.70 2.49 -30.74
CA LYS D 89 -3.36 3.48 -31.58
C LYS D 89 -4.55 4.16 -30.92
N ALA D 90 -5.09 3.57 -29.86
CA ALA D 90 -6.24 4.17 -29.17
C ALA D 90 -5.80 5.47 -28.46
N GLU D 91 -6.71 6.43 -28.37
CA GLU D 91 -6.41 7.72 -27.75
C GLU D 91 -5.77 7.59 -26.37
N THR D 92 -6.35 6.74 -25.53
CA THR D 92 -5.83 6.56 -24.18
C THR D 92 -4.67 5.58 -24.07
N GLU D 93 -4.12 5.19 -25.21
CA GLU D 93 -3.01 4.25 -25.19
C GLU D 93 -1.64 4.91 -25.35
N ARG D 94 -1.59 6.22 -25.12
CA ARG D 94 -0.34 6.95 -25.21
C ARG D 94 -0.32 8.06 -24.16
N GLY D 95 0.88 8.50 -23.77
CA GLY D 95 0.98 9.57 -22.79
C GLY D 95 1.53 9.16 -21.44
N LEU D 96 1.43 10.06 -20.46
CA LEU D 96 1.94 9.79 -19.12
C LEU D 96 0.85 9.92 -18.07
N SER D 97 -0.39 9.64 -18.47
CA SER D 97 -1.52 9.68 -17.55
C SER D 97 -1.40 8.45 -16.66
N ARG D 98 -2.01 8.53 -15.48
CA ARG D 98 -1.95 7.40 -14.57
C ARG D 98 -2.44 6.17 -15.32
N LYS D 99 -3.53 6.33 -16.06
CA LYS D 99 -4.10 5.22 -16.81
C LYS D 99 -3.09 4.53 -17.73
N HIS D 100 -2.38 5.29 -18.56
CA HIS D 100 -1.44 4.62 -19.43
C HIS D 100 -0.19 4.12 -18.75
N ILE D 101 0.29 4.82 -17.73
CA ILE D 101 1.48 4.36 -17.05
C ILE D 101 1.19 3.01 -16.41
N ILE D 102 0.04 2.87 -15.76
CA ILE D 102 -0.31 1.60 -15.15
C ILE D 102 -0.49 0.54 -16.24
N GLU D 103 -1.43 0.77 -17.15
CA GLU D 103 -1.70 -0.20 -18.22
C GLU D 103 -0.50 -0.48 -19.12
N GLY D 104 0.27 0.56 -19.43
CA GLY D 104 1.43 0.38 -20.27
C GLY D 104 2.52 -0.48 -19.66
N LEU D 105 2.90 -0.16 -18.42
CA LEU D 105 3.95 -0.93 -17.75
C LEU D 105 3.46 -2.34 -17.47
N LYS D 106 2.18 -2.47 -17.18
CA LYS D 106 1.64 -3.78 -16.90
C LYS D 106 1.76 -4.66 -18.15
N ALA D 107 1.48 -4.05 -19.30
CA ALA D 107 1.57 -4.76 -20.57
C ALA D 107 3.03 -5.13 -20.87
N SER D 108 3.94 -4.17 -20.73
CA SER D 108 5.35 -4.45 -20.99
C SER D 108 5.79 -5.60 -20.10
N LEU D 109 5.37 -5.58 -18.84
CA LEU D 109 5.76 -6.64 -17.92
C LEU D 109 5.25 -8.00 -18.37
N GLU D 110 4.04 -8.03 -18.91
CA GLU D 110 3.49 -9.28 -19.39
C GLU D 110 4.33 -9.76 -20.56
N ARG D 111 4.60 -8.88 -21.51
CA ARG D 111 5.42 -9.25 -22.66
C ARG D 111 6.82 -9.67 -22.23
N LEU D 112 7.40 -8.95 -21.26
CA LEU D 112 8.73 -9.25 -20.76
C LEU D 112 8.74 -10.49 -19.88
N GLN D 113 7.56 -10.89 -19.43
CA GLN D 113 7.40 -12.04 -18.53
C GLN D 113 8.16 -11.76 -17.25
N LEU D 114 7.99 -10.56 -16.72
CA LEU D 114 8.65 -10.14 -15.49
C LEU D 114 7.67 -9.50 -14.52
N GLU D 115 7.96 -9.64 -13.24
CA GLU D 115 7.10 -9.04 -12.22
C GLU D 115 7.35 -7.54 -12.17
N TYR D 116 8.57 -7.13 -12.49
CA TYR D 116 8.93 -5.72 -12.43
C TYR D 116 10.18 -5.40 -13.22
N VAL D 117 10.35 -4.12 -13.52
CA VAL D 117 11.56 -3.67 -14.21
C VAL D 117 12.33 -2.90 -13.14
N ASP D 118 13.62 -2.73 -13.34
CA ASP D 118 14.41 -2.00 -12.36
C ASP D 118 14.12 -0.51 -12.48
N VAL D 119 14.02 -0.04 -13.71
CA VAL D 119 13.71 1.37 -13.92
C VAL D 119 12.70 1.51 -15.04
N VAL D 120 11.66 2.29 -14.79
CA VAL D 120 10.64 2.54 -15.81
C VAL D 120 10.82 4.01 -16.18
N PHE D 121 11.01 4.28 -17.47
CA PHE D 121 11.19 5.66 -17.88
C PHE D 121 9.99 6.21 -18.60
N ALA D 122 9.87 7.53 -18.60
CA ALA D 122 8.82 8.20 -19.34
C ALA D 122 9.61 8.40 -20.62
N ASN D 123 9.15 7.83 -21.72
CA ASN D 123 9.89 7.93 -22.96
C ASN D 123 10.05 9.37 -23.45
N ARG D 124 9.17 10.25 -22.99
CA ARG D 124 9.21 11.66 -23.37
C ARG D 124 8.20 12.45 -22.54
N PRO D 125 8.26 13.79 -22.62
CA PRO D 125 7.34 14.66 -21.86
C PRO D 125 5.91 14.57 -22.36
N ASP D 126 4.97 14.81 -21.47
CA ASP D 126 3.55 14.78 -21.82
C ASP D 126 2.95 16.14 -21.53
N PRO D 127 2.56 16.88 -22.57
CA PRO D 127 1.96 18.21 -22.41
C PRO D 127 0.56 18.11 -21.84
N ASN D 128 -0.15 17.03 -22.16
CA ASN D 128 -1.52 16.85 -21.70
C ASN D 128 -1.70 16.23 -20.33
N THR D 129 -0.62 15.99 -19.60
CA THR D 129 -0.78 15.40 -18.28
C THR D 129 -0.06 16.17 -17.19
N PRO D 130 -0.77 16.52 -16.12
CA PRO D 130 -0.18 17.27 -15.00
C PRO D 130 0.95 16.46 -14.39
N MET D 131 2.03 17.13 -14.01
CA MET D 131 3.19 16.48 -13.43
C MET D 131 2.80 15.66 -12.19
N GLU D 132 1.87 16.18 -11.40
CA GLU D 132 1.46 15.48 -10.18
C GLU D 132 0.89 14.10 -10.49
N GLU D 133 0.02 14.03 -11.49
CA GLU D 133 -0.59 12.76 -11.85
C GLU D 133 0.48 11.76 -12.26
N THR D 134 1.45 12.23 -13.04
CA THR D 134 2.52 11.38 -13.52
C THR D 134 3.40 10.91 -12.38
N VAL D 135 3.82 11.83 -11.52
CA VAL D 135 4.68 11.42 -10.42
C VAL D 135 3.96 10.47 -9.45
N ARG D 136 2.66 10.68 -9.22
CA ARG D 136 1.94 9.76 -8.34
C ARG D 136 1.90 8.39 -9.00
N ALA D 137 1.57 8.37 -10.28
CA ALA D 137 1.51 7.13 -11.04
C ALA D 137 2.84 6.39 -10.94
N MET D 138 3.95 7.10 -11.20
CA MET D 138 5.27 6.46 -11.12
C MET D 138 5.49 5.95 -9.69
N THR D 139 5.16 6.78 -8.72
CA THR D 139 5.32 6.38 -7.34
C THR D 139 4.47 5.15 -7.06
N HIS D 140 3.27 5.14 -7.63
CA HIS D 140 2.34 4.03 -7.45
C HIS D 140 2.89 2.69 -7.95
N VAL D 141 3.35 2.64 -9.19
CA VAL D 141 3.86 1.40 -9.73
C VAL D 141 5.07 0.90 -8.95
N ILE D 142 5.84 1.83 -8.37
CA ILE D 142 7.00 1.43 -7.58
C ILE D 142 6.52 0.81 -6.28
N ASN D 143 5.51 1.41 -5.64
CA ASN D 143 4.98 0.86 -4.41
C ASN D 143 4.25 -0.45 -4.64
N GLN D 144 3.78 -0.66 -5.87
CA GLN D 144 3.09 -1.89 -6.21
C GLN D 144 4.10 -2.96 -6.65
N GLY D 145 5.39 -2.64 -6.54
CA GLY D 145 6.41 -3.60 -6.93
C GLY D 145 6.49 -3.90 -8.43
N MET D 146 5.98 -3.00 -9.26
CA MET D 146 6.04 -3.21 -10.70
C MET D 146 7.33 -2.61 -11.23
N ALA D 147 7.99 -1.79 -10.41
CA ALA D 147 9.25 -1.18 -10.80
C ALA D 147 10.01 -0.80 -9.54
N MET D 148 11.32 -0.70 -9.63
CA MET D 148 12.16 -0.36 -8.48
C MET D 148 12.44 1.15 -8.44
N TYR D 149 12.56 1.77 -9.61
CA TYR D 149 12.83 3.20 -9.69
C TYR D 149 12.21 3.68 -10.98
N TRP D 150 12.16 5.00 -11.17
CA TRP D 150 11.66 5.52 -12.42
C TRP D 150 12.55 6.67 -12.90
N GLY D 151 12.54 6.90 -14.21
CA GLY D 151 13.36 7.95 -14.79
C GLY D 151 12.64 8.68 -15.89
N THR D 152 13.30 9.69 -16.43
CA THR D 152 12.73 10.50 -17.49
C THR D 152 13.62 10.39 -18.73
N SER D 153 13.11 10.84 -19.87
CA SER D 153 13.86 10.79 -21.12
C SER D 153 13.34 11.89 -22.05
N ARG D 154 14.27 12.69 -22.57
CA ARG D 154 13.93 13.80 -23.47
C ARG D 154 13.14 14.88 -22.71
N TRP D 155 13.38 14.97 -21.40
CA TRP D 155 12.72 15.98 -20.58
C TRP D 155 13.71 17.13 -20.41
N SER D 156 13.21 18.34 -20.23
CA SER D 156 14.11 19.47 -20.02
C SER D 156 14.52 19.51 -18.54
N SER D 157 15.64 20.18 -18.23
CA SER D 157 16.09 20.29 -16.85
C SER D 157 14.93 20.79 -15.98
N MET D 158 14.24 21.81 -16.46
CA MET D 158 13.13 22.37 -15.71
C MET D 158 12.05 21.33 -15.45
N GLU D 159 11.73 20.55 -16.47
CA GLU D 159 10.70 19.53 -16.32
C GLU D 159 11.08 18.50 -15.28
N ILE D 160 12.34 18.06 -15.31
CA ILE D 160 12.83 17.11 -14.35
C ILE D 160 12.73 17.73 -12.95
N MET D 161 13.13 18.99 -12.82
CA MET D 161 13.07 19.70 -11.55
C MET D 161 11.60 19.76 -11.09
N GLU D 162 10.68 20.00 -12.03
CA GLU D 162 9.28 20.07 -11.67
C GLU D 162 8.81 18.71 -11.10
N ALA D 163 9.33 17.62 -11.63
CA ALA D 163 8.98 16.29 -11.14
C ALA D 163 9.46 16.20 -9.69
N TYR D 164 10.71 16.61 -9.49
CA TYR D 164 11.30 16.58 -8.16
C TYR D 164 10.47 17.46 -7.21
N SER D 165 10.08 18.64 -7.67
CA SER D 165 9.27 19.54 -6.85
C SER D 165 8.00 18.83 -6.41
N VAL D 166 7.29 18.25 -7.38
CA VAL D 166 6.07 17.54 -7.07
C VAL D 166 6.32 16.45 -6.04
N ALA D 167 7.37 15.65 -6.25
CA ALA D 167 7.67 14.56 -5.32
C ALA D 167 7.89 15.06 -3.90
N ARG D 168 8.70 16.10 -3.74
CA ARG D 168 8.95 16.61 -2.40
C ARG D 168 7.74 17.29 -1.77
N GLN D 169 6.89 17.93 -2.57
CA GLN D 169 5.73 18.59 -2.00
C GLN D 169 4.66 17.62 -1.51
N PHE D 170 4.48 16.51 -2.22
CA PHE D 170 3.47 15.53 -1.84
C PHE D 170 4.08 14.26 -1.28
N ASN D 171 5.39 14.29 -1.10
CA ASN D 171 6.09 13.17 -0.54
C ASN D 171 5.95 11.93 -1.42
N LEU D 172 6.28 12.10 -2.69
CA LEU D 172 6.24 11.02 -3.65
C LEU D 172 7.70 10.69 -3.96
N ILE D 173 7.95 9.77 -4.88
CA ILE D 173 9.33 9.41 -5.21
C ILE D 173 9.87 10.16 -6.41
N PRO D 174 11.00 10.86 -6.23
CA PRO D 174 11.65 11.61 -7.30
C PRO D 174 12.23 10.69 -8.38
N PRO D 175 12.51 11.23 -9.57
CA PRO D 175 13.08 10.43 -10.65
C PRO D 175 14.58 10.25 -10.32
N ILE D 176 15.18 9.13 -10.71
CA ILE D 176 16.60 8.95 -10.41
C ILE D 176 17.48 9.12 -11.63
N CYS D 177 16.87 9.18 -12.80
CA CYS D 177 17.68 9.23 -14.00
C CYS D 177 17.02 9.79 -15.25
N GLU D 178 17.85 10.31 -16.14
CA GLU D 178 17.40 10.87 -17.43
C GLU D 178 18.17 10.18 -18.56
N GLN D 179 17.43 9.65 -19.53
CA GLN D 179 18.02 8.97 -20.66
C GLN D 179 18.16 9.98 -21.79
N ALA D 180 19.38 10.46 -21.97
CA ALA D 180 19.65 11.47 -22.98
C ALA D 180 20.56 11.01 -24.10
N GLU D 181 20.36 11.60 -25.28
CA GLU D 181 21.20 11.28 -26.42
C GLU D 181 22.58 11.87 -26.16
N TYR D 182 23.63 11.13 -26.51
CA TYR D 182 24.98 11.62 -26.30
C TYR D 182 26.04 10.99 -27.21
N HIS D 183 26.66 11.83 -28.03
CA HIS D 183 27.71 11.40 -28.94
C HIS D 183 28.45 12.66 -29.36
N MET D 184 29.59 12.50 -30.02
CA MET D 184 30.40 13.63 -30.43
C MET D 184 29.66 14.77 -31.14
N PHE D 185 28.46 14.52 -31.66
CA PHE D 185 27.71 15.57 -32.33
C PHE D 185 26.45 16.01 -31.60
N GLN D 186 26.32 15.61 -30.35
CA GLN D 186 25.17 15.95 -29.50
C GLN D 186 25.76 15.98 -28.10
N ARG D 187 26.16 17.18 -27.63
CA ARG D 187 26.84 17.29 -26.35
C ARG D 187 26.28 18.21 -25.27
N GLU D 188 25.71 19.34 -25.69
CA GLU D 188 25.20 20.34 -24.77
C GLU D 188 24.46 19.83 -23.51
N LYS D 189 23.37 19.09 -23.71
CA LYS D 189 22.58 18.62 -22.58
C LYS D 189 23.32 17.78 -21.54
N VAL D 190 24.03 16.76 -21.99
CA VAL D 190 24.76 15.90 -21.07
C VAL D 190 25.96 16.56 -20.43
N GLU D 191 26.66 17.41 -21.18
CA GLU D 191 27.84 18.06 -20.65
C GLU D 191 27.60 19.29 -19.80
N VAL D 192 26.53 20.02 -20.10
CA VAL D 192 26.25 21.25 -19.36
C VAL D 192 25.07 21.20 -18.40
N GLN D 193 23.94 20.67 -18.86
CA GLN D 193 22.75 20.61 -18.04
C GLN D 193 22.64 19.46 -17.04
N LEU D 194 22.87 18.23 -17.50
CA LEU D 194 22.75 17.09 -16.60
C LEU D 194 23.59 17.14 -15.33
N PRO D 195 24.85 17.62 -15.42
CA PRO D 195 25.65 17.67 -14.20
C PRO D 195 24.97 18.51 -13.12
N GLU D 196 24.32 19.58 -13.58
CA GLU D 196 23.60 20.50 -12.72
C GLU D 196 22.54 19.74 -11.92
N LEU D 197 21.76 18.91 -12.60
CA LEU D 197 20.72 18.13 -11.93
C LEU D 197 21.31 17.06 -11.02
N PHE D 198 22.47 16.55 -11.38
CA PHE D 198 23.11 15.53 -10.56
C PHE D 198 23.46 16.11 -9.19
N HIS D 199 24.12 17.27 -9.18
CA HIS D 199 24.51 17.89 -7.93
C HIS D 199 23.32 18.43 -7.15
N LYS D 200 22.37 19.06 -7.83
CA LYS D 200 21.20 19.59 -7.13
C LYS D 200 20.23 18.52 -6.63
N ILE D 201 19.85 17.58 -7.48
CA ILE D 201 18.90 16.55 -7.05
C ILE D 201 19.27 15.09 -7.29
N GLY D 202 20.56 14.82 -7.43
CA GLY D 202 21.02 13.45 -7.61
C GLY D 202 20.61 12.66 -8.84
N VAL D 203 20.08 13.35 -9.84
CA VAL D 203 19.66 12.69 -11.08
C VAL D 203 20.86 12.23 -11.92
N GLY D 204 20.88 10.95 -12.27
CA GLY D 204 21.97 10.44 -13.08
C GLY D 204 21.69 10.46 -14.57
N ALA D 205 22.73 10.27 -15.36
CA ALA D 205 22.59 10.28 -16.81
C ALA D 205 22.92 8.94 -17.46
N MET D 206 21.96 8.44 -18.23
CA MET D 206 22.13 7.19 -18.97
C MET D 206 21.99 7.71 -20.39
N THR D 207 23.05 7.57 -21.17
CA THR D 207 23.06 8.06 -22.53
C THR D 207 22.79 6.98 -23.58
N TRP D 208 22.33 7.43 -24.75
CA TRP D 208 22.03 6.53 -25.86
C TRP D 208 22.63 7.05 -27.16
N SER D 209 22.60 6.21 -28.20
CA SER D 209 23.13 6.52 -29.54
C SER D 209 24.55 7.07 -29.50
N PRO D 210 25.46 6.29 -28.93
CA PRO D 210 26.88 6.66 -28.80
C PRO D 210 27.50 6.91 -30.16
N LEU D 211 26.95 6.25 -31.18
CA LEU D 211 27.46 6.37 -32.54
C LEU D 211 26.50 7.11 -33.48
N ALA D 212 25.56 7.84 -32.90
CA ALA D 212 24.58 8.59 -33.70
C ALA D 212 23.89 7.66 -34.70
N CYS D 213 23.38 6.53 -34.20
CA CYS D 213 22.69 5.53 -35.02
C CYS D 213 23.61 4.80 -35.99
N GLY D 214 24.92 5.00 -35.86
CA GLY D 214 25.86 4.33 -36.74
C GLY D 214 26.70 5.31 -37.53
N ILE D 215 26.22 6.55 -37.62
CA ILE D 215 26.92 7.60 -38.34
C ILE D 215 28.35 7.83 -37.86
N VAL D 216 28.59 7.66 -36.57
CA VAL D 216 29.91 7.90 -36.00
C VAL D 216 30.90 6.75 -36.20
N SER D 217 30.43 5.61 -36.68
CA SER D 217 31.33 4.48 -36.91
C SER D 217 32.04 4.71 -38.24
N GLY D 218 31.53 5.69 -38.98
CA GLY D 218 32.08 6.02 -40.28
C GLY D 218 31.61 5.05 -41.35
N LYS D 219 30.75 4.11 -40.99
CA LYS D 219 30.26 3.11 -41.94
C LYS D 219 29.64 3.69 -43.21
N TYR D 220 29.56 5.02 -43.28
CA TYR D 220 29.01 5.67 -44.46
C TYR D 220 30.14 6.44 -45.19
N ASP D 221 31.34 5.85 -45.13
CA ASP D 221 32.55 6.39 -45.76
C ASP D 221 33.82 5.60 -45.34
N SER D 222 34.06 5.52 -44.03
CA SER D 222 35.22 4.80 -43.47
C SER D 222 34.79 3.93 -42.27
N GLY D 223 33.67 3.21 -42.42
CA GLY D 223 33.14 2.39 -41.33
C GLY D 223 33.65 0.99 -41.05
N ILE D 224 33.22 0.48 -39.89
CA ILE D 224 33.59 -0.84 -39.42
C ILE D 224 32.67 -1.93 -39.99
N PRO D 225 33.14 -3.18 -39.94
CA PRO D 225 32.39 -4.33 -40.45
C PRO D 225 31.02 -4.52 -39.79
N PRO D 226 29.95 -4.41 -40.60
CA PRO D 226 28.57 -4.54 -40.11
C PRO D 226 27.50 -4.44 -41.22
N TYR D 227 26.25 -4.17 -40.82
CA TYR D 227 25.11 -4.03 -41.74
C TYR D 227 24.70 -2.54 -41.82
N SER D 228 23.65 -2.21 -42.58
CA SER D 228 23.21 -0.79 -42.70
C SER D 228 21.78 -0.50 -42.24
N ARG D 229 21.63 0.49 -41.36
CA ARG D 229 20.32 0.91 -40.82
C ARG D 229 19.71 2.05 -41.61
N ALA D 230 20.56 2.96 -42.07
CA ALA D 230 20.10 4.11 -42.84
C ALA D 230 19.27 3.65 -44.03
N SER D 231 19.47 2.40 -44.44
CA SER D 231 18.74 1.84 -45.57
C SER D 231 17.67 0.85 -45.11
N LEU D 232 17.21 0.99 -43.88
CA LEU D 232 16.18 0.12 -43.34
C LEU D 232 14.79 0.70 -43.51
N LYS D 233 13.78 -0.16 -43.40
CA LYS D 233 12.39 0.25 -43.56
C LYS D 233 12.00 1.32 -42.55
N GLY D 234 11.54 2.46 -43.05
CA GLY D 234 11.11 3.53 -42.17
C GLY D 234 12.17 4.46 -41.63
N TYR D 235 13.43 4.28 -42.05
CA TYR D 235 14.49 5.16 -41.59
C TYR D 235 14.96 6.09 -42.68
N GLN D 236 14.02 6.55 -43.49
CA GLN D 236 14.32 7.48 -44.57
C GLN D 236 14.92 8.73 -43.94
N TRP D 237 14.43 9.09 -42.76
CA TRP D 237 14.93 10.26 -42.04
C TRP D 237 16.42 10.16 -41.74
N LEU D 238 16.85 8.96 -41.32
CA LEU D 238 18.24 8.72 -40.99
C LEU D 238 19.12 8.89 -42.23
N LYS D 239 18.67 8.30 -43.34
CA LYS D 239 19.39 8.38 -44.61
C LYS D 239 19.51 9.86 -45.00
N ASP D 240 18.38 10.57 -44.91
CA ASP D 240 18.35 11.99 -45.25
C ASP D 240 19.39 12.77 -44.43
N LYS D 241 19.38 12.57 -43.11
CA LYS D 241 20.31 13.25 -42.22
C LYS D 241 21.75 13.03 -42.69
N ILE D 242 22.08 11.77 -43.01
CA ILE D 242 23.41 11.40 -43.47
C ILE D 242 23.78 12.04 -44.81
N LEU D 243 22.80 12.16 -45.70
CA LEU D 243 23.01 12.75 -47.02
C LEU D 243 22.84 14.26 -47.02
N SER D 244 22.43 14.81 -45.87
CA SER D 244 22.23 16.25 -45.73
C SER D 244 23.54 17.01 -45.91
N GLU D 245 23.42 18.32 -46.19
CA GLU D 245 24.59 19.15 -46.37
C GLU D 245 25.47 19.02 -45.12
N GLU D 246 24.84 19.01 -43.95
CA GLU D 246 25.58 18.87 -42.70
C GLU D 246 25.99 17.43 -42.47
N GLY D 247 25.21 16.50 -43.01
CA GLY D 247 25.54 15.10 -42.87
C GLY D 247 26.94 14.88 -43.41
N ARG D 248 27.26 15.60 -44.48
CA ARG D 248 28.56 15.51 -45.13
C ARG D 248 29.63 16.22 -44.30
N ARG D 249 29.26 17.33 -43.67
CA ARG D 249 30.18 18.10 -42.84
C ARG D 249 30.73 17.23 -41.69
N GLN D 250 29.82 16.58 -40.97
CA GLN D 250 30.21 15.72 -39.85
C GLN D 250 30.93 14.49 -40.36
N GLN D 251 30.51 14.00 -41.52
CA GLN D 251 31.14 12.82 -42.10
C GLN D 251 32.58 13.15 -42.48
N ALA D 252 32.84 14.45 -42.66
CA ALA D 252 34.18 14.93 -43.01
C ALA D 252 35.06 14.92 -41.77
N LYS D 253 34.52 15.44 -40.66
CA LYS D 253 35.27 15.49 -39.41
C LYS D 253 35.64 14.09 -38.94
N LEU D 254 34.73 13.13 -39.18
CA LEU D 254 35.00 11.75 -38.79
C LEU D 254 36.32 11.29 -39.37
N LYS D 255 36.59 11.70 -40.62
CA LYS D 255 37.83 11.34 -41.31
C LYS D 255 39.03 11.77 -40.46
N GLU D 256 38.96 12.98 -39.92
CA GLU D 256 40.04 13.51 -39.08
C GLU D 256 40.11 12.75 -37.76
N LEU D 257 38.95 12.39 -37.22
CA LEU D 257 38.88 11.63 -35.97
C LEU D 257 39.39 10.22 -36.19
N GLN D 258 39.07 9.66 -37.35
CA GLN D 258 39.52 8.32 -37.72
C GLN D 258 41.03 8.23 -37.54
N ALA D 259 41.71 9.34 -37.84
CA ALA D 259 43.15 9.43 -37.70
C ALA D 259 43.56 9.20 -36.25
N ILE D 260 43.00 10.02 -35.36
CA ILE D 260 43.28 9.92 -33.95
C ILE D 260 43.09 8.50 -33.45
N ALA D 261 42.06 7.83 -33.97
CA ALA D 261 41.76 6.45 -33.59
C ALA D 261 42.92 5.50 -33.89
N GLU D 262 43.35 5.50 -35.15
CA GLU D 262 44.46 4.65 -35.58
C GLU D 262 45.66 4.97 -34.70
N ARG D 263 45.89 6.26 -34.52
CA ARG D 263 46.98 6.74 -33.70
C ARG D 263 46.87 6.16 -32.29
N LEU D 264 45.65 5.99 -31.80
CA LEU D 264 45.44 5.42 -30.47
C LEU D 264 45.44 3.90 -30.53
N GLY D 265 45.26 3.36 -31.73
CA GLY D 265 45.25 1.92 -31.88
C GLY D 265 43.93 1.31 -31.47
N CYS D 266 42.85 1.82 -32.06
CA CYS D 266 41.51 1.35 -31.77
C CYS D 266 40.66 1.80 -32.95
N THR D 267 39.44 1.28 -33.04
CA THR D 267 38.57 1.65 -34.14
C THR D 267 37.86 2.97 -33.82
N LEU D 268 37.28 3.59 -34.83
CA LEU D 268 36.57 4.84 -34.63
C LEU D 268 35.42 4.64 -33.64
N PRO D 269 34.65 3.53 -33.79
CA PRO D 269 33.54 3.26 -32.88
C PRO D 269 34.00 3.20 -31.42
N GLN D 270 35.13 2.55 -31.20
CA GLN D 270 35.69 2.44 -29.85
C GLN D 270 36.08 3.80 -29.30
N LEU D 271 36.65 4.65 -30.15
CA LEU D 271 37.06 5.98 -29.74
C LEU D 271 35.81 6.71 -29.28
N ALA D 272 34.82 6.79 -30.17
CA ALA D 272 33.55 7.47 -29.92
C ALA D 272 32.84 7.02 -28.63
N ILE D 273 32.83 5.72 -28.37
CA ILE D 273 32.17 5.19 -27.18
C ILE D 273 32.97 5.52 -25.93
N ALA D 274 34.26 5.20 -25.93
CA ALA D 274 35.11 5.49 -24.77
C ALA D 274 35.03 7.00 -24.52
N TRP D 275 34.80 7.77 -25.57
CA TRP D 275 34.68 9.21 -25.43
C TRP D 275 33.47 9.54 -24.55
N CYS D 276 32.39 8.80 -24.72
CA CYS D 276 31.18 9.03 -23.94
C CYS D 276 31.38 8.67 -22.46
N LEU D 277 32.28 7.75 -22.19
CA LEU D 277 32.54 7.33 -20.81
C LEU D 277 33.60 8.13 -20.09
N ARG D 278 34.26 9.05 -20.80
CA ARG D 278 35.28 9.89 -20.16
C ARG D 278 34.58 10.65 -19.03
N ASN D 279 33.32 11.05 -19.29
CA ASN D 279 32.50 11.78 -18.33
C ASN D 279 32.27 10.99 -17.06
N GLU D 280 32.49 11.62 -15.92
CA GLU D 280 32.21 10.94 -14.66
C GLU D 280 30.68 11.10 -14.54
N GLY D 281 30.16 12.12 -15.21
CA GLY D 281 28.74 12.42 -15.18
C GLY D 281 27.82 11.44 -15.88
N VAL D 282 28.38 10.60 -16.74
CA VAL D 282 27.60 9.61 -17.45
C VAL D 282 27.66 8.29 -16.69
N SER D 283 26.53 7.85 -16.13
CA SER D 283 26.52 6.62 -15.37
C SER D 283 26.70 5.41 -16.29
N SER D 284 26.04 5.42 -17.43
CA SER D 284 26.16 4.31 -18.35
C SER D 284 25.79 4.69 -19.78
N VAL D 285 26.42 4.01 -20.75
CA VAL D 285 26.16 4.26 -22.16
C VAL D 285 25.45 3.03 -22.77
N LEU D 286 24.30 3.26 -23.40
CA LEU D 286 23.55 2.17 -24.00
C LEU D 286 24.05 1.91 -25.40
N LEU D 287 24.56 0.69 -25.62
CA LEU D 287 25.06 0.32 -26.93
C LEU D 287 23.97 -0.18 -27.86
N GLY D 288 24.24 -0.09 -29.16
CA GLY D 288 23.34 -0.55 -30.18
C GLY D 288 24.17 -1.49 -31.03
N ALA D 289 23.67 -2.70 -31.25
CA ALA D 289 24.41 -3.67 -32.03
C ALA D 289 23.52 -4.65 -32.79
N SER D 290 23.85 -4.87 -34.07
CA SER D 290 23.08 -5.78 -34.89
C SER D 290 23.80 -7.12 -35.10
N ASN D 291 25.06 -7.21 -34.66
CA ASN D 291 25.82 -8.46 -34.76
C ASN D 291 26.88 -8.56 -33.68
N ALA D 292 27.34 -9.78 -33.42
CA ALA D 292 28.34 -10.04 -32.39
C ALA D 292 29.66 -9.30 -32.61
N GLU D 293 30.03 -9.08 -33.86
CA GLU D 293 31.27 -8.39 -34.14
C GLU D 293 31.19 -6.95 -33.67
N GLN D 294 30.10 -6.26 -34.00
CA GLN D 294 29.95 -4.87 -33.58
C GLN D 294 29.97 -4.81 -32.05
N LEU D 295 29.21 -5.71 -31.42
CA LEU D 295 29.13 -5.72 -29.97
C LEU D 295 30.48 -5.84 -29.29
N MET D 296 31.26 -6.85 -29.68
CA MET D 296 32.57 -7.02 -29.05
C MET D 296 33.52 -5.87 -29.38
N GLU D 297 33.39 -5.30 -30.58
CA GLU D 297 34.25 -4.19 -30.93
C GLU D 297 33.92 -3.06 -29.97
N ASN D 298 32.63 -2.78 -29.81
CA ASN D 298 32.17 -1.73 -28.92
C ASN D 298 32.61 -1.96 -27.49
N ILE D 299 32.34 -3.17 -26.98
CA ILE D 299 32.73 -3.51 -25.62
C ILE D 299 34.23 -3.28 -25.43
N GLY D 300 34.94 -3.16 -26.55
CA GLY D 300 36.37 -2.95 -26.48
C GLY D 300 36.72 -1.52 -26.13
N ALA D 301 35.78 -0.61 -26.32
CA ALA D 301 36.02 0.80 -26.03
C ALA D 301 36.57 0.98 -24.62
N ILE D 302 36.23 0.05 -23.73
CA ILE D 302 36.70 0.10 -22.34
C ILE D 302 38.21 0.24 -22.27
N GLN D 303 38.90 -0.45 -23.17
CA GLN D 303 40.36 -0.44 -23.21
C GLN D 303 40.89 0.89 -23.72
N VAL D 304 40.15 1.51 -24.63
CA VAL D 304 40.53 2.79 -25.21
C VAL D 304 40.44 3.92 -24.21
N LEU D 305 39.78 3.65 -23.09
CA LEU D 305 39.54 4.65 -22.06
C LEU D 305 40.78 5.27 -21.40
N PRO D 306 41.69 4.44 -20.88
CA PRO D 306 42.90 4.96 -20.23
C PRO D 306 43.79 5.78 -21.16
N LYS D 307 43.84 5.40 -22.42
CA LYS D 307 44.68 6.09 -23.40
C LYS D 307 44.05 7.38 -23.95
N LEU D 308 43.05 7.87 -23.24
CA LEU D 308 42.37 9.10 -23.65
C LEU D 308 42.82 10.25 -22.75
N SER D 309 43.88 10.93 -23.16
CA SER D 309 44.43 12.03 -22.39
C SER D 309 43.65 13.32 -22.62
N SER D 310 43.92 14.31 -21.77
CA SER D 310 43.27 15.59 -21.87
C SER D 310 43.58 16.24 -23.21
N SER D 311 44.83 16.12 -23.66
CA SER D 311 45.21 16.69 -24.94
C SER D 311 44.51 15.98 -26.08
N ILE D 312 44.30 14.67 -25.94
CA ILE D 312 43.59 13.91 -26.96
C ILE D 312 42.14 14.41 -27.02
N VAL D 313 41.59 14.68 -25.85
CA VAL D 313 40.22 15.18 -25.75
C VAL D 313 40.14 16.55 -26.39
N HIS D 314 41.06 17.44 -26.00
CA HIS D 314 41.10 18.79 -26.55
C HIS D 314 41.26 18.75 -28.07
N GLU D 315 42.04 17.77 -28.55
CA GLU D 315 42.27 17.61 -29.97
C GLU D 315 40.95 17.22 -30.64
N ILE D 316 40.15 16.43 -29.93
CA ILE D 316 38.85 16.00 -30.44
C ILE D 316 37.95 17.24 -30.53
N ASP D 317 37.96 18.05 -29.48
CA ASP D 317 37.14 19.27 -29.44
C ASP D 317 37.44 20.17 -30.63
N SER D 318 38.71 20.34 -30.94
CA SER D 318 39.10 21.19 -32.06
C SER D 318 38.56 20.65 -33.38
N ILE D 319 38.62 19.33 -33.58
CA ILE D 319 38.11 18.73 -34.81
C ILE D 319 36.59 18.90 -34.90
N LEU D 320 35.91 18.68 -33.78
CA LEU D 320 34.46 18.81 -33.70
C LEU D 320 34.06 20.28 -33.58
N GLY D 321 34.87 21.04 -32.87
CA GLY D 321 34.62 22.46 -32.68
C GLY D 321 33.18 22.72 -32.29
N ASN D 322 32.71 22.00 -31.28
CA ASN D 322 31.33 22.15 -30.83
C ASN D 322 31.27 21.98 -29.32
N LYS D 323 32.43 22.02 -28.67
CA LYS D 323 32.44 21.88 -27.22
C LYS D 323 31.41 22.82 -26.61
N PRO D 324 30.56 22.30 -25.70
CA PRO D 324 29.51 23.06 -25.04
C PRO D 324 29.91 24.22 -24.13
N TYR D 325 29.18 25.34 -24.26
CA TYR D 325 29.37 26.54 -23.43
C TYR D 325 28.10 27.38 -23.47
PA NDP E . 29.85 -16.93 20.50
O1A NDP E . 28.60 -17.03 21.28
O2A NDP E . 30.74 -15.81 20.88
O5B NDP E . 30.71 -18.29 20.61
C5B NDP E . 29.98 -19.52 20.27
C4B NDP E . 31.10 -20.51 19.87
O4B NDP E . 31.87 -20.72 21.07
C3B NDP E . 30.55 -21.90 19.43
O3B NDP E . 30.37 -21.94 18.04
C2B NDP E . 31.65 -22.85 20.09
O2B NDP E . 32.85 -23.05 19.37
C1B NDP E . 31.97 -22.09 21.34
N9A NDP E . 31.14 -22.35 22.50
C8A NDP E . 29.84 -21.94 22.76
N7A NDP E . 29.40 -22.29 23.93
C5A NDP E . 30.46 -22.95 24.47
C6A NDP E . 30.61 -23.57 25.74
N6A NDP E . 29.59 -23.55 26.60
N1A NDP E . 31.82 -24.18 26.02
C2A NDP E . 32.82 -24.16 25.04
N3A NDP E . 32.76 -23.60 23.84
C4A NDP E . 31.54 -23.00 23.63
O3 NDP E . 29.66 -17.01 19.02
PN NDP E . 29.22 -16.57 17.58
O1N NDP E . 29.03 -17.72 16.63
O2N NDP E . 29.46 -15.22 17.10
O5D NDP E . 27.72 -15.98 17.99
C5D NDP E . 27.13 -15.62 16.71
C4D NDP E . 25.64 -15.40 16.67
O4D NDP E . 25.36 -13.99 16.88
C3D NDP E . 25.15 -15.79 15.28
O3D NDP E . 24.32 -16.92 15.37
C2D NDP E . 24.45 -14.53 14.74
O2D NDP E . 23.02 -14.66 14.75
C1D NDP E . 24.96 -13.37 15.60
N1N NDP E . 26.08 -12.63 14.85
C2N NDP E . 25.69 -11.39 14.25
C3N NDP E . 26.68 -10.71 13.50
C7N NDP E . 26.26 -9.34 12.82
O7N NDP E . 27.15 -8.67 12.32
N7N NDP E . 24.93 -9.01 12.84
C4N NDP E . 28.04 -11.17 13.31
C5N NDP E . 28.30 -12.43 13.98
C6N NDP E . 27.40 -13.14 14.70
P2B NDP E . 32.99 -24.34 18.27
O1X NDP E . 34.43 -24.08 18.01
O2X NDP E . 32.68 -25.53 19.11
O3X NDP E . 32.06 -24.08 17.21
PA NDP F . -31.04 11.90 -22.25
O1A NDP F . -29.82 11.90 -23.09
O2A NDP F . -31.42 13.23 -21.70
O5B NDP F . -32.31 11.35 -23.08
C5B NDP F . -32.11 10.03 -23.70
C4B NDP F . -33.56 9.48 -23.87
O4B NDP F . -34.19 10.38 -24.79
C3B NDP F . -33.60 8.05 -24.48
O3B NDP F . -33.62 7.08 -23.48
C2B NDP F . -34.86 8.22 -25.43
O2B NDP F . -36.14 8.03 -24.85
C1B NDP F . -34.75 9.63 -25.85
N9A NDP F . -33.93 9.91 -27.03
C8A NDP F . -32.55 9.90 -27.14
N7A NDP F . -32.12 10.26 -28.32
C5A NDP F . -33.27 10.53 -29.00
C6A NDP F . -33.48 10.96 -30.34
N6A NDP F . -32.42 11.17 -31.12
N1A NDP F . -34.79 11.14 -30.76
C2A NDP F . -35.83 10.89 -29.86
N3A NDP F . -35.72 10.49 -28.60
C4A NDP F . -34.41 10.33 -28.23
O3 NDP F . -31.08 10.83 -21.21
PN NDP F . -30.69 10.06 -19.90
O1N NDP F . -31.04 8.59 -19.93
O2N NDP F . -30.48 10.76 -18.64
O5D NDP F . -29.03 10.21 -20.05
C5D NDP F . -28.51 9.43 -18.93
C4D NDP F . -27.06 9.03 -18.98
O4D NDP F . -26.28 10.05 -18.29
C3D NDP F . -26.92 7.70 -18.25
O3D NDP F . -26.54 6.71 -19.16
C2D NDP F . -25.89 7.98 -17.13
O2D NDP F . -24.62 7.40 -17.44
C1D NDP F . -25.85 9.51 -16.99
N1N NDP F . -26.71 9.93 -15.79
C2N NDP F . -25.97 10.24 -14.59
C3N NDP F . -26.73 10.59 -13.45
C7N NDP F . -25.94 10.94 -12.13
O7N NDP F . -26.59 11.39 -11.20
N7N NDP F . -24.59 10.73 -12.13
C4N NDP F . -28.19 10.63 -13.40
C5N NDP F . -28.79 10.28 -14.66
C6N NDP F . -28.13 9.94 -15.80
P2B NDP F . -36.87 6.50 -24.81
O1X NDP F . -38.14 7.00 -24.24
O2X NDP F . -36.89 6.11 -26.24
O3X NDP F . -36.05 5.66 -23.97
PA NDP G . -25.18 -8.79 29.71
O1A NDP G . -25.94 -8.28 28.53
O2A NDP G . -24.89 -7.78 30.74
O5B NDP G . -25.95 -10.01 30.40
C5B NDP G . -26.31 -11.12 29.50
C4B NDP G . -26.45 -12.34 30.45
O4B NDP G . -27.55 -12.02 31.31
C3B NDP G . -26.80 -13.66 29.69
O3B NDP G . -25.65 -14.36 29.36
C2B NDP G . -27.83 -14.29 30.74
O2B NDP G . -27.28 -15.02 31.82
C1B NDP G . -28.50 -13.08 31.28
N9A NDP G . -29.65 -12.57 30.56
C8A NDP G . -29.70 -11.89 29.36
N7A NDP G . -30.90 -11.52 29.01
C5A NDP G . -31.66 -11.97 30.04
C6A NDP G . -33.08 -11.88 30.25
N6A NDP G . -33.83 -11.27 29.33
N1A NDP G . -33.58 -12.45 31.40
C2A NDP G . -32.70 -13.08 32.28
N3A NDP G . -31.38 -13.20 32.16
C4A NDP G . -30.94 -12.62 31.00
O3 NDP G . -23.96 -9.58 29.34
PN NDP G . -22.52 -9.87 28.79
O1N NDP G . -22.31 -11.30 28.36
O2N NDP G . -21.40 -9.00 29.13
O5D NDP G . -22.60 -8.92 27.43
C5D NDP G . -21.35 -9.17 26.75
C4D NDP G . -21.26 -8.78 25.30
O4D NDP G . -20.72 -7.42 25.22
C3D NDP G . -20.28 -9.74 24.62
O3D NDP G . -20.97 -10.51 23.68
C2D NDP G . -19.19 -8.83 24.02
O2D NDP G . -19.33 -8.71 22.59
C1D NDP G . -19.31 -7.49 24.75
N1N NDP G . -18.25 -7.42 25.86
C2N NDP G . -17.11 -6.61 25.54
C3N NDP G . -16.08 -6.57 26.52
C7N NDP G . -14.81 -5.69 26.20
O7N NDP G . -14.00 -5.52 27.10
N7N NDP G . -14.70 -5.18 24.93
C4N NDP G . -16.12 -7.26 27.80
C5N NDP G . -17.32 -8.04 27.98
C6N NDP G . -18.34 -8.13 27.09
P2B NDP G . -27.00 -16.69 31.68
O1X NDP G . -26.59 -16.84 33.11
O2X NDP G . -28.34 -17.22 31.33
O3X NDP G . -25.99 -16.87 30.69
PA NDP H . 24.21 3.56 -31.65
O1A NDP H . 24.93 2.92 -30.53
O2A NDP H . 24.44 5.03 -31.79
O5B NDP H . 24.58 2.88 -33.05
C5B NDP H . 24.41 1.41 -33.09
C4B NDP H . 24.23 1.11 -34.60
O4B NDP H . 25.48 1.47 -35.21
C3B NDP H . 23.99 -0.41 -34.89
O3B NDP H . 22.62 -0.70 -34.93
C2B NDP H . 24.86 -0.56 -36.21
O2B NDP H . 24.24 -0.21 -37.44
C1B NDP H . 25.98 0.39 -35.96
N9A NDP H . 27.12 -0.13 -35.23
C8A NDP H . 27.25 -0.43 -33.89
N7A NDP H . 28.44 -0.81 -33.54
C5A NDP H . 29.14 -0.75 -34.71
C6A NDP H . 30.50 -1.07 -34.99
N6A NDP H . 31.29 -1.48 -34.01
N1A NDP H . 30.92 -0.92 -36.30
C2A NDP H . 30.00 -0.49 -37.27
N3A NDP H . 28.73 -0.19 -37.09
C4A NDP H . 28.36 -0.34 -35.77
O3 NDP H . 22.76 3.23 -31.71
PN NDP H . 21.24 3.20 -31.29
O1N NDP H . 20.48 2.02 -31.83
O2N NDP H . 20.56 4.42 -30.87
O5D NDP H . 21.47 2.98 -29.66
C5D NDP H . 20.13 2.83 -29.13
C4D NDP H . 19.99 2.24 -27.76
O4D NDP H . 19.96 3.32 -26.78
C3D NDP H . 18.66 1.49 -27.71
O3D NDP H . 18.90 0.12 -27.56
C2D NDP H . 17.88 2.15 -26.54
O2D NDP H . 17.85 1.29 -25.39
C1D NDP H . 18.57 3.48 -26.28
N1N NDP H . 17.76 4.61 -26.96
C2N NDP H . 16.94 5.38 -26.07
C3N NDP H . 16.15 6.39 -26.66
C7N NDP H . 15.24 7.25 -25.70
O7N NDP H . 14.67 8.23 -26.19
N7N NDP H . 15.14 6.85 -24.40
C4N NDP H . 16.11 6.69 -28.09
C5N NDP H . 16.97 5.83 -28.85
C6N NDP H . 17.75 4.84 -28.37
P2B NDP H . 23.37 -1.35 -38.34
O1X NDP H . 23.14 -0.42 -39.48
O2X NDP H . 24.37 -2.42 -38.57
O3X NDP H . 22.24 -1.74 -37.56
#